data_5U68
#
_entry.id   5U68
#
_cell.length_a   155.540
_cell.length_b   155.540
_cell.length_c   275.930
_cell.angle_alpha   90.00
_cell.angle_beta   90.00
_cell.angle_gamma   120.00
#
_symmetry.space_group_name_H-M   'P 31 2 1'
#
loop_
_entity.id
_entity.type
_entity.pdbx_description
1 polymer 'Chimera protein of Fusion glycoprotein F0 and Envelope glycoprotein'
2 polymer MPE8
#
loop_
_entity_poly.entity_id
_entity_poly.type
_entity_poly.pdbx_seq_one_letter_code
_entity_poly.pdbx_strand_id
1 'polypeptide(L)'
;MELLILKANAITTILTAVTFCFASGQNITEEFYQSTCSAVSKGYLSALRTGWYTSVITIELSNIKENKCNGTDAKVKLIK
QELDKYKNAVTELQLLMQSTPATNNRARRELPRFMNYTLNNAKKTNVTLSKKRKRRFLGFLLGVGSAIASGVAVCKVLHL
EGEVNKIKSALLSTNKAVVSLSNGVSVLTFKVLDLKNYIDKQLLPILNKQSCSISNIETVIEFQQKNNRLLEITREFSVN
AGVTTPVSTYMLTNSELLSLINDMPITNDQKKLMSNNVQIVRQQSYSIMCIIKEEVLAYVVQLPLYGVIDTPCWKLHTSP
LCTTNTKEGSNICLTRTDRGWYCDNAGSVSFFPQAETCKVQSNRVFCDTMNSLTLPSEVNLCNVDIFNPKYDCKIMTSKT
DVSSSVITSLGAIVSCYGKTKCTASNKNRGIIKTFSNGCDYVSNKGVDTVSVGNTLYYVNKQEGKSLYVKGEPIINFYDP
LVFPSDEFDASISQVNEKINQSLAFIRKSDELLSAIGGYIPEAPRDGQAYVRKDGEWVLLSTFLGGLVPRGSSAHHHHHH
HH
;
A,B,C
2 'polypeptide(L)'
;MELGLRWVFLVAILEGVQCEVQLVESGGGLVKPGGSLRLSCAASGFTFSSYSMNWVRQAPGKGLEWVSSISSSSSYIYYA
DSVKGRFTISRDNAKNSLYLQMNSLRAEDTAVYYCARARATGYNSITPYFDIWGQGTLVTVSSGTGGSGGGGSGGGGSGG
GASQSVVTQTPSVSGAPGQRVTISCTGSSSNIGAGYDVHWYQQLPGTAPKLLIYDNNNRPSGVPDRFSASKSGTSASLAI
TGLQAEDEADYYCQSYDRSLSGVFGTGTKVTVLGSGENLYFQSGGSGGHHHHHH
;
E,F,G
#
# COMPACT_ATOMS: atom_id res chain seq x y z
N GLY A 25 35.64 4.84 -3.97
CA GLY A 25 35.55 6.19 -4.54
C GLY A 25 35.13 7.34 -3.62
N GLN A 26 35.48 8.57 -4.07
CA GLN A 26 35.23 9.88 -3.39
C GLN A 26 33.76 10.35 -3.02
N ASN A 27 32.78 9.46 -3.19
CA ASN A 27 31.37 9.68 -2.87
C ASN A 27 30.74 8.42 -3.45
N ILE A 28 29.98 8.54 -4.53
CA ILE A 28 29.11 7.45 -4.99
C ILE A 28 29.57 6.89 -6.34
N THR A 29 29.45 5.57 -6.50
CA THR A 29 30.09 4.88 -7.63
C THR A 29 29.34 3.61 -8.01
N GLU A 30 29.52 3.10 -9.21
CA GLU A 30 28.83 1.89 -9.65
C GLU A 30 29.66 1.04 -10.57
N GLU A 31 29.50 -0.27 -10.59
CA GLU A 31 30.17 -1.05 -11.62
C GLU A 31 29.23 -2.08 -12.17
N PHE A 32 29.26 -2.25 -13.49
CA PHE A 32 28.34 -3.14 -14.15
C PHE A 32 29.08 -4.37 -14.52
N TYR A 33 28.50 -5.51 -14.26
CA TYR A 33 29.17 -6.76 -14.55
C TYR A 33 28.57 -7.42 -15.75
N GLN A 34 29.24 -7.39 -16.87
CA GLN A 34 28.65 -7.87 -18.11
C GLN A 34 28.36 -9.32 -18.09
N SER A 35 29.05 -10.02 -17.22
CA SER A 35 28.96 -11.46 -17.14
C SER A 35 27.77 -11.98 -16.38
N THR A 36 27.21 -11.20 -15.47
CA THR A 36 26.08 -11.67 -14.68
C THR A 36 24.94 -10.71 -14.86
N CYS A 37 25.07 -9.84 -15.84
CA CYS A 37 24.08 -8.84 -16.14
C CYS A 37 23.55 -8.21 -14.87
N SER A 38 24.43 -7.65 -14.05
CA SER A 38 24.04 -6.97 -12.84
C SER A 38 25.00 -5.84 -12.52
N ALA A 39 24.60 -4.98 -11.60
CA ALA A 39 25.43 -3.88 -11.18
C ALA A 39 25.30 -3.63 -9.73
N VAL A 40 26.37 -3.20 -9.10
CA VAL A 40 26.31 -2.79 -7.71
C VAL A 40 26.69 -1.35 -7.64
N SER A 41 26.04 -0.64 -6.73
CA SER A 41 26.26 0.78 -6.57
C SER A 41 26.76 0.96 -5.18
N LYS A 42 27.96 1.46 -4.99
CA LYS A 42 28.47 1.60 -3.67
C LYS A 42 28.86 3.03 -3.30
N GLY A 43 29.01 3.27 -2.00
CA GLY A 43 29.40 4.57 -1.48
C GLY A 43 28.33 5.19 -0.61
N TYR A 44 27.29 4.38 -0.41
CA TYR A 44 26.15 4.78 0.38
C TYR A 44 26.58 4.50 1.81
N LEU A 45 25.85 5.06 2.77
CA LEU A 45 26.15 4.96 4.17
C LEU A 45 24.95 4.61 4.98
N SER A 46 25.06 3.54 5.73
CA SER A 46 23.93 2.97 6.42
C SER A 46 23.25 3.89 7.41
N ALA A 47 22.03 3.52 7.76
CA ALA A 47 21.33 4.03 8.91
C ALA A 47 20.26 3.03 9.20
N LEU A 48 20.57 1.98 9.92
CA LEU A 48 19.59 0.95 10.13
C LEU A 48 18.68 1.16 11.33
N ARG A 49 17.43 0.73 11.24
CA ARG A 49 16.60 0.77 12.43
C ARG A 49 16.86 -0.54 13.07
N THR A 50 17.44 -0.57 14.27
CA THR A 50 17.71 -1.86 14.88
C THR A 50 16.70 -2.16 15.99
N GLY A 51 16.31 -1.13 16.73
CA GLY A 51 15.45 -1.26 17.89
C GLY A 51 14.43 -0.15 18.01
N TRP A 52 13.53 -0.26 18.97
CA TRP A 52 12.45 0.68 19.16
C TRP A 52 12.52 1.37 20.52
N TYR A 53 12.44 2.67 20.54
CA TYR A 53 12.31 3.41 21.80
C TYR A 53 10.90 3.97 21.92
N THR A 54 10.26 3.68 23.06
CA THR A 54 8.90 4.13 23.34
C THR A 54 8.82 5.33 24.20
N SER A 55 7.94 6.24 23.84
CA SER A 55 7.80 7.50 24.55
C SER A 55 6.33 7.85 24.65
N VAL A 56 5.95 8.53 25.71
CA VAL A 56 4.54 8.78 26.00
C VAL A 56 4.17 10.25 25.73
N ILE A 57 3.20 10.46 24.86
CA ILE A 57 2.66 11.78 24.61
C ILE A 57 1.30 11.94 25.27
N THR A 58 1.13 13.01 26.04
CA THR A 58 -0.13 13.30 26.67
C THR A 58 -0.75 14.62 26.26
N ILE A 59 -2.07 14.67 26.33
CA ILE A 59 -2.81 15.90 26.19
C ILE A 59 -3.72 15.97 27.39
N GLU A 60 -3.80 17.12 28.07
CA GLU A 60 -4.62 17.20 29.28
C GLU A 60 -6.02 17.60 28.95
N LEU A 61 -6.97 16.95 29.61
CA LEU A 61 -8.38 17.13 29.32
C LEU A 61 -9.15 17.72 30.51
N SER A 62 -10.10 18.63 30.21
CA SER A 62 -11.13 18.98 31.17
C SER A 62 -12.31 18.08 30.90
N ASN A 63 -12.92 17.52 31.94
CA ASN A 63 -13.96 16.51 31.75
C ASN A 63 -15.37 17.01 32.05
N ILE A 64 -15.73 18.15 31.45
CA ILE A 64 -16.98 18.89 31.72
C ILE A 64 -18.40 18.22 31.49
N LYS A 65 -19.37 18.81 32.20
CA LYS A 65 -20.81 18.51 32.12
C LYS A 65 -21.55 19.57 31.29
N GLU A 66 -22.28 19.13 30.28
CA GLU A 66 -22.72 20.02 29.21
C GLU A 66 -23.82 21.03 29.61
N ASN A 67 -23.33 22.05 30.32
CA ASN A 67 -23.99 23.33 30.53
C ASN A 67 -22.95 24.44 30.59
N LYS A 68 -22.38 24.77 29.44
CA LYS A 68 -21.98 26.17 29.20
C LYS A 68 -23.33 26.91 29.14
N CYS A 69 -23.44 28.07 29.80
CA CYS A 69 -24.70 28.82 29.95
C CYS A 69 -25.57 28.61 28.71
N ASN A 70 -26.35 27.53 28.77
CA ASN A 70 -26.93 26.91 27.58
C ASN A 70 -28.13 27.66 27.01
N GLY A 71 -27.86 28.94 26.74
CA GLY A 71 -28.79 29.90 26.18
C GLY A 71 -28.49 30.16 24.71
N THR A 72 -29.35 30.95 24.05
CA THR A 72 -29.25 31.28 22.62
C THR A 72 -28.73 32.70 22.23
N ASP A 73 -27.42 32.92 22.41
CA ASP A 73 -26.76 34.17 22.00
C ASP A 73 -25.88 33.93 20.75
N ALA A 74 -25.45 35.02 20.11
CA ALA A 74 -24.69 34.94 18.84
C ALA A 74 -23.46 34.03 18.86
N LYS A 75 -22.53 34.33 19.78
CA LYS A 75 -21.19 33.72 19.80
C LYS A 75 -21.18 32.58 20.82
N VAL A 76 -22.17 32.56 21.70
CA VAL A 76 -22.42 31.41 22.56
C VAL A 76 -22.85 30.19 21.74
N LYS A 77 -23.46 30.43 20.58
CA LYS A 77 -23.90 29.34 19.72
C LYS A 77 -22.71 28.66 19.08
N LEU A 78 -21.64 29.44 18.90
CA LEU A 78 -20.42 28.93 18.29
C LEU A 78 -19.52 28.18 19.26
N ILE A 79 -19.39 28.71 20.47
CA ILE A 79 -18.59 28.06 21.46
C ILE A 79 -19.26 26.72 21.75
N LYS A 80 -20.57 26.70 21.96
CA LYS A 80 -21.19 25.45 22.32
C LYS A 80 -20.95 24.40 21.24
N GLN A 81 -20.68 24.84 20.01
CA GLN A 81 -20.45 23.89 18.92
C GLN A 81 -19.09 23.27 19.11
N GLU A 82 -18.12 24.12 19.43
CA GLU A 82 -16.73 23.68 19.62
C GLU A 82 -16.56 22.87 20.89
N LEU A 83 -17.31 23.19 21.95
CA LEU A 83 -17.31 22.33 23.14
C LEU A 83 -17.91 21.03 22.73
N ASP A 84 -18.98 21.08 21.97
CA ASP A 84 -19.59 19.85 21.51
C ASP A 84 -18.58 19.09 20.70
N LYS A 85 -17.96 19.77 19.75
CA LYS A 85 -17.00 19.16 18.83
C LYS A 85 -15.91 18.40 19.61
N TYR A 86 -15.48 19.04 20.70
CA TYR A 86 -14.48 18.52 21.65
C TYR A 86 -14.99 17.37 22.47
N LYS A 87 -16.13 17.53 23.12
CA LYS A 87 -16.63 16.52 24.02
C LYS A 87 -16.80 15.20 23.25
N ASN A 88 -17.10 15.29 21.96
CA ASN A 88 -17.25 14.12 21.12
C ASN A 88 -15.95 13.44 20.82
N ALA A 89 -14.94 14.26 20.54
CA ALA A 89 -13.65 13.73 20.16
C ALA A 89 -13.07 12.94 21.32
N VAL A 90 -13.38 13.37 22.54
CA VAL A 90 -12.93 12.63 23.70
C VAL A 90 -13.71 11.34 23.85
N THR A 91 -15.02 11.38 23.64
CA THR A 91 -15.81 10.17 23.78
C THR A 91 -15.45 9.19 22.66
N GLU A 92 -15.24 9.75 21.47
CA GLU A 92 -14.85 8.98 20.29
C GLU A 92 -13.58 8.15 20.54
N LEU A 93 -12.64 8.77 21.23
CA LEU A 93 -11.40 8.10 21.58
C LEU A 93 -11.67 7.06 22.64
N GLN A 94 -12.51 7.41 23.59
CA GLN A 94 -12.84 6.50 24.64
C GLN A 94 -13.43 5.23 24.05
N LEU A 95 -14.42 5.39 23.16
CA LEU A 95 -15.09 4.23 22.54
C LEU A 95 -14.06 3.39 21.73
N LEU A 96 -12.99 4.03 21.28
CA LEU A 96 -11.95 3.31 20.59
C LEU A 96 -11.34 2.19 21.49
N MET A 97 -11.27 2.40 22.80
CA MET A 97 -10.77 1.37 23.77
C MET A 97 -11.89 0.54 24.49
N GLN A 98 -12.10 -0.73 24.12
CA GLN A 98 -13.35 -1.40 24.55
C GLN A 98 -13.47 -2.91 24.90
N SER A 99 -14.73 -3.24 25.26
CA SER A 99 -15.21 -4.57 25.62
C SER A 99 -16.64 -4.77 25.08
N PHE A 137 12.48 -9.89 -5.81
CA PHE A 137 12.46 -11.32 -5.46
C PHE A 137 12.93 -11.43 -4.00
N LEU A 138 13.06 -12.67 -3.51
CA LEU A 138 13.74 -13.05 -2.23
C LEU A 138 13.23 -12.48 -0.90
N GLY A 139 12.15 -11.70 -0.92
CA GLY A 139 11.55 -11.23 0.30
C GLY A 139 10.75 -12.31 1.02
N PHE A 140 10.75 -13.53 0.47
CA PHE A 140 9.91 -14.58 1.00
C PHE A 140 10.69 -15.39 2.00
N LEU A 141 12.03 -15.23 1.96
CA LEU A 141 12.94 -15.86 2.95
C LEU A 141 12.95 -15.15 4.31
N LEU A 142 12.25 -14.04 4.40
CA LEU A 142 12.56 -13.03 5.40
C LEU A 142 12.18 -13.27 6.86
N GLY A 143 11.10 -13.96 7.13
CA GLY A 143 10.73 -14.08 8.54
C GLY A 143 10.10 -12.79 9.08
N VAL A 144 9.20 -12.96 10.06
CA VAL A 144 8.19 -11.93 10.36
C VAL A 144 7.96 -11.67 11.82
N GLY A 145 7.73 -10.42 12.20
CA GLY A 145 7.68 -10.06 13.62
C GLY A 145 6.52 -9.14 13.95
N SER A 146 6.32 -8.82 15.22
CA SER A 146 5.38 -7.79 15.59
C SER A 146 6.06 -6.48 15.58
N ALA A 147 5.38 -5.47 15.06
CA ALA A 147 5.98 -4.17 14.88
C ALA A 147 5.92 -3.36 16.11
N ILE A 148 4.77 -3.32 16.73
CA ILE A 148 4.58 -2.37 17.82
C ILE A 148 4.51 -3.10 19.16
N ALA A 149 5.21 -4.23 19.28
CA ALA A 149 5.06 -4.97 20.49
C ALA A 149 5.60 -4.13 21.58
N SER A 150 6.70 -3.43 21.37
CA SER A 150 7.23 -2.64 22.48
C SER A 150 6.27 -1.55 22.86
N GLY A 151 5.88 -0.74 21.88
CA GLY A 151 4.99 0.38 22.13
C GLY A 151 3.70 -0.10 22.78
N VAL A 152 3.11 -1.17 22.26
CA VAL A 152 1.89 -1.72 22.84
C VAL A 152 2.15 -2.27 24.25
N ALA A 153 3.24 -2.97 24.43
CA ALA A 153 3.55 -3.46 25.73
C ALA A 153 3.66 -2.27 26.72
N VAL A 154 4.23 -1.14 26.30
CA VAL A 154 4.31 0.03 27.19
C VAL A 154 2.93 0.52 27.44
N CYS A 155 2.15 0.51 26.40
CA CYS A 155 0.85 1.05 26.48
C CYS A 155 0.06 0.26 27.51
N LYS A 156 0.30 -1.03 27.57
CA LYS A 156 -0.42 -1.90 28.48
C LYS A 156 -0.03 -1.61 29.93
N VAL A 157 1.18 -1.09 30.12
CA VAL A 157 1.71 -0.88 31.46
C VAL A 157 1.16 0.38 32.06
N LEU A 158 0.73 1.32 31.22
CA LEU A 158 0.11 2.56 31.69
C LEU A 158 -1.27 2.32 32.25
N HIS A 159 -1.90 1.20 31.88
CA HIS A 159 -3.19 0.83 32.46
C HIS A 159 -3.13 0.25 33.88
N LEU A 160 -1.93 -0.05 34.38
CA LEU A 160 -1.80 -0.49 35.76
C LEU A 160 -2.05 0.75 36.60
N GLU A 161 -2.09 0.59 37.91
CA GLU A 161 -2.90 1.47 38.75
C GLU A 161 -2.52 2.93 38.79
N GLY A 162 -1.36 3.21 39.33
CA GLY A 162 -1.02 4.59 39.57
C GLY A 162 -0.08 5.13 38.53
N GLU A 163 0.19 4.32 37.52
CA GLU A 163 1.17 4.68 36.53
C GLU A 163 0.74 5.98 35.87
N VAL A 164 -0.57 6.16 35.66
CA VAL A 164 -1.03 7.37 34.98
C VAL A 164 -0.82 8.57 35.89
N ASN A 165 -1.31 8.49 37.12
CA ASN A 165 -1.17 9.59 38.05
C ASN A 165 0.29 9.86 38.26
N LYS A 166 1.12 8.82 38.12
CA LYS A 166 2.56 9.01 38.30
C LYS A 166 3.07 9.92 37.20
N ILE A 167 2.53 9.78 35.98
CA ILE A 167 2.91 10.67 34.89
C ILE A 167 2.30 12.04 35.10
N LYS A 168 1.00 12.06 35.41
CA LYS A 168 0.29 13.30 35.69
C LYS A 168 1.07 14.11 36.70
N SER A 169 1.47 13.46 37.78
CA SER A 169 2.13 14.17 38.84
C SER A 169 3.46 14.64 38.32
N ALA A 170 4.12 13.82 37.50
CA ALA A 170 5.45 14.18 36.98
C ALA A 170 5.45 15.40 36.02
N LEU A 171 4.25 15.80 35.59
CA LEU A 171 4.10 16.73 34.48
C LEU A 171 3.31 18.02 34.78
N LEU A 172 3.06 18.36 36.05
CA LEU A 172 2.29 19.60 36.33
C LEU A 172 3.23 20.78 36.55
N SER A 173 4.43 20.46 36.98
CA SER A 173 5.53 21.42 37.05
C SER A 173 6.12 21.80 35.66
N THR A 174 6.23 20.81 34.76
CA THR A 174 6.83 21.05 33.44
C THR A 174 6.30 20.09 32.33
N ASN A 175 6.64 20.33 31.06
CA ASN A 175 6.05 19.61 29.91
C ASN A 175 6.79 18.31 29.52
N LYS A 176 8.10 18.23 29.82
CA LYS A 176 8.88 17.00 29.62
C LYS A 176 9.37 16.46 30.96
N ALA A 177 9.45 15.14 31.06
CA ALA A 177 10.20 14.50 32.12
C ALA A 177 10.38 13.03 31.74
N VAL A 178 11.39 12.36 32.28
CA VAL A 178 11.49 10.90 32.13
C VAL A 178 10.73 10.35 33.30
N VAL A 179 10.22 9.12 33.22
CA VAL A 179 9.62 8.50 34.39
C VAL A 179 9.87 7.00 34.37
N SER A 180 10.07 6.37 35.52
CA SER A 180 10.30 4.93 35.51
C SER A 180 9.02 4.26 35.76
N LEU A 181 8.60 3.41 34.83
CA LEU A 181 7.33 2.75 34.98
C LEU A 181 7.55 1.61 35.98
N SER A 182 6.48 0.91 36.39
CA SER A 182 6.61 -0.10 37.46
C SER A 182 7.61 -1.23 37.13
N ASN A 183 7.84 -1.46 35.84
CA ASN A 183 8.73 -2.52 35.38
C ASN A 183 10.10 -2.04 34.96
N GLY A 184 10.45 -0.82 35.41
CA GLY A 184 11.84 -0.32 35.34
C GLY A 184 12.18 0.44 34.06
N VAL A 185 11.36 0.20 33.04
CA VAL A 185 11.55 0.87 31.75
C VAL A 185 11.35 2.34 32.00
N SER A 186 12.37 3.06 31.58
CA SER A 186 12.44 4.47 31.71
C SER A 186 11.93 5.07 30.43
N VAL A 187 10.88 5.88 30.57
CA VAL A 187 10.10 6.40 29.46
C VAL A 187 10.07 7.92 29.38
N LEU A 188 10.31 8.46 28.21
CA LEU A 188 10.23 9.89 28.01
C LEU A 188 8.77 10.33 27.86
N THR A 189 8.34 11.34 28.62
CA THR A 189 6.94 11.83 28.51
C THR A 189 6.85 13.28 28.06
N PHE A 190 5.67 13.66 27.55
CA PHE A 190 5.46 14.94 26.88
C PHE A 190 4.03 15.41 26.96
N LYS A 191 3.82 16.60 27.48
CA LYS A 191 2.49 17.18 27.50
C LYS A 191 2.46 18.21 26.38
N VAL A 192 1.77 17.94 25.29
CA VAL A 192 1.89 18.79 24.12
C VAL A 192 0.71 19.72 23.93
N LEU A 193 -0.38 19.45 24.62
CA LEU A 193 -1.52 20.32 24.56
C LEU A 193 -2.13 20.31 25.92
N ASP A 194 -2.43 21.51 26.42
CA ASP A 194 -3.08 21.63 27.71
C ASP A 194 -4.45 22.22 27.56
N LEU A 195 -5.39 21.34 27.23
CA LEU A 195 -6.76 21.76 27.05
C LEU A 195 -7.44 21.83 28.40
N LYS A 196 -6.99 21.07 29.41
CA LYS A 196 -7.65 21.15 30.71
C LYS A 196 -7.53 22.58 31.19
N ASN A 197 -6.33 23.10 31.08
CA ASN A 197 -6.05 24.41 31.59
C ASN A 197 -6.78 25.50 30.79
N TYR A 198 -6.94 25.33 29.47
CA TYR A 198 -7.60 26.36 28.67
C TYR A 198 -9.08 26.46 29.03
N ILE A 199 -9.73 25.32 29.08
CA ILE A 199 -11.14 25.24 29.42
C ILE A 199 -11.46 25.62 30.86
N ASP A 200 -10.64 25.23 31.82
CA ASP A 200 -10.97 25.50 33.23
C ASP A 200 -10.65 26.93 33.67
N LYS A 201 -9.58 27.49 33.11
CA LYS A 201 -9.20 28.89 33.33
C LYS A 201 -9.12 29.63 31.97
N GLN A 202 -10.18 30.38 31.60
CA GLN A 202 -10.25 31.27 30.40
C GLN A 202 -11.37 30.86 29.44
N LEU A 203 -12.11 29.80 29.73
CA LEU A 203 -13.26 29.48 28.87
C LEU A 203 -14.45 29.28 29.76
N LEU A 204 -14.21 28.96 31.02
CA LEU A 204 -15.20 29.09 32.06
C LEU A 204 -14.62 30.10 33.03
N PRO A 205 -14.72 31.39 32.70
CA PRO A 205 -14.15 32.36 33.62
C PRO A 205 -14.89 32.31 34.98
N ILE A 206 -14.10 32.34 36.07
CA ILE A 206 -14.55 31.90 37.43
C ILE A 206 -14.82 33.02 38.46
N LEU A 207 -14.87 34.28 38.02
CA LEU A 207 -15.32 35.39 38.89
C LEU A 207 -16.73 35.76 38.37
N ASN A 208 -16.86 36.04 37.05
CA ASN A 208 -18.15 36.40 36.42
C ASN A 208 -18.31 35.82 34.97
N LYS A 209 -19.22 34.89 34.72
CA LYS A 209 -19.79 33.96 35.72
C LYS A 209 -19.80 32.59 35.07
N GLN A 210 -18.62 31.97 34.89
CA GLN A 210 -18.52 30.68 34.17
C GLN A 210 -18.67 30.94 32.64
N SER A 211 -18.70 32.23 32.26
CA SER A 211 -19.12 32.67 30.93
C SER A 211 -20.59 32.27 30.66
N CYS A 212 -21.50 33.26 30.77
CA CYS A 212 -22.91 33.08 30.41
C CYS A 212 -23.30 33.44 28.96
N SER A 213 -22.89 34.64 28.54
CA SER A 213 -23.14 35.19 27.20
C SER A 213 -21.88 35.99 26.78
N ILE A 214 -21.13 35.38 25.86
CA ILE A 214 -19.78 35.81 25.48
C ILE A 214 -19.66 37.26 24.99
N SER A 215 -18.45 37.79 25.16
CA SER A 215 -18.12 39.19 24.88
C SER A 215 -17.57 39.20 23.45
N ASN A 216 -16.30 38.81 23.35
CA ASN A 216 -15.53 38.81 22.10
C ASN A 216 -15.65 37.56 21.24
N ILE A 217 -15.30 37.71 19.95
CA ILE A 217 -15.26 36.60 19.01
C ILE A 217 -13.91 35.95 19.08
N GLU A 218 -12.90 36.73 19.41
CA GLU A 218 -11.56 36.19 19.37
C GLU A 218 -11.39 35.03 20.33
N THR A 219 -12.34 34.84 21.24
CA THR A 219 -12.24 33.71 22.15
C THR A 219 -12.75 32.46 21.47
N VAL A 220 -13.67 32.61 20.51
CA VAL A 220 -14.11 31.47 19.71
C VAL A 220 -12.98 30.95 18.84
N ILE A 221 -12.25 31.88 18.23
CA ILE A 221 -11.19 31.46 17.33
C ILE A 221 -10.04 30.88 18.16
N GLU A 222 -9.66 31.62 19.20
CA GLU A 222 -8.58 31.21 20.09
C GLU A 222 -8.86 29.80 20.55
N PHE A 223 -10.14 29.48 20.68
CA PHE A 223 -10.56 28.16 21.14
C PHE A 223 -10.46 27.13 20.03
N GLN A 224 -11.16 27.33 18.90
CA GLN A 224 -11.15 26.31 17.83
C GLN A 224 -9.77 26.13 17.20
N GLN A 225 -8.85 27.03 17.55
CA GLN A 225 -7.43 26.86 17.24
C GLN A 225 -6.84 25.84 18.21
N LYS A 226 -7.01 26.13 19.51
CA LYS A 226 -6.49 25.21 20.54
C LYS A 226 -7.09 23.83 20.33
N ASN A 227 -8.37 23.80 20.03
CA ASN A 227 -9.10 22.57 19.89
C ASN A 227 -8.82 21.77 18.62
N ASN A 228 -8.33 22.40 17.54
CA ASN A 228 -8.14 21.67 16.29
C ASN A 228 -7.29 20.43 16.50
N ARG A 229 -6.17 20.62 17.20
CA ARG A 229 -5.18 19.55 17.40
C ARG A 229 -5.82 18.24 17.91
N LEU A 230 -6.74 18.36 18.85
CA LEU A 230 -7.36 17.16 19.41
C LEU A 230 -8.27 16.51 18.37
N LEU A 231 -8.98 17.33 17.61
CA LEU A 231 -9.83 16.80 16.58
C LEU A 231 -9.07 16.08 15.48
N GLU A 232 -8.02 16.73 14.99
CA GLU A 232 -7.21 16.15 13.92
C GLU A 232 -6.43 14.99 14.42
N ILE A 233 -6.24 14.87 15.74
CA ILE A 233 -5.61 13.67 16.21
C ILE A 233 -6.65 12.55 16.24
N THR A 234 -7.84 12.78 16.80
CA THR A 234 -8.74 11.63 16.93
C THR A 234 -9.28 11.23 15.55
N ARG A 235 -9.18 12.16 14.60
CA ARG A 235 -9.59 11.84 13.25
C ARG A 235 -8.68 10.72 12.76
N GLU A 236 -7.37 10.94 12.88
CA GLU A 236 -6.33 9.99 12.40
C GLU A 236 -6.43 8.62 13.02
N PHE A 237 -6.72 8.62 14.32
CA PHE A 237 -6.80 7.38 15.05
C PHE A 237 -8.04 6.63 14.63
N SER A 238 -9.17 7.36 14.44
CA SER A 238 -10.45 6.70 14.19
C SER A 238 -10.40 6.00 12.85
N VAL A 239 -9.68 6.63 11.94
CA VAL A 239 -9.44 6.03 10.65
C VAL A 239 -8.49 4.84 10.71
N ASN A 240 -7.30 5.04 11.25
CA ASN A 240 -6.30 3.94 11.27
C ASN A 240 -6.32 3.02 12.51
N ALA A 241 -7.51 2.90 13.09
CA ALA A 241 -7.73 2.00 14.20
C ALA A 241 -6.64 2.08 15.26
N GLY A 242 -6.35 3.29 15.71
CA GLY A 242 -5.54 3.45 16.90
C GLY A 242 -4.06 3.26 16.73
N VAL A 243 -3.63 2.98 15.48
CA VAL A 243 -2.21 2.93 15.15
C VAL A 243 -1.90 3.60 13.84
N THR A 244 -1.17 4.71 13.88
CA THR A 244 -0.80 5.43 12.67
C THR A 244 0.68 5.41 12.47
N THR A 245 1.08 5.22 11.22
CA THR A 245 2.42 5.57 10.71
C THR A 245 2.27 6.04 9.28
N PRO A 246 3.06 7.05 8.88
CA PRO A 246 4.06 7.83 9.57
C PRO A 246 3.47 8.72 10.60
N VAL A 247 4.29 9.21 11.51
CA VAL A 247 3.84 10.04 12.61
C VAL A 247 3.74 11.46 12.15
N SER A 248 2.52 11.92 12.06
CA SER A 248 2.23 13.23 11.45
C SER A 248 2.53 14.41 12.33
N THR A 249 2.44 15.57 11.67
CA THR A 249 2.67 16.87 12.30
C THR A 249 1.68 17.22 13.40
N TYR A 250 0.67 16.36 13.57
CA TYR A 250 -0.36 16.58 14.59
C TYR A 250 -0.02 15.81 15.83
N MET A 251 0.34 14.55 15.61
CA MET A 251 0.76 13.67 16.69
C MET A 251 1.97 14.31 17.36
N LEU A 252 3.02 14.58 16.58
CA LEU A 252 4.22 15.27 17.04
C LEU A 252 4.66 16.38 16.07
N THR A 253 4.66 17.63 16.53
CA THR A 253 5.17 18.72 15.71
C THR A 253 6.63 18.55 15.60
N ASN A 254 7.25 19.19 14.62
CA ASN A 254 8.69 19.14 14.52
C ASN A 254 9.40 19.65 15.77
N SER A 255 8.98 20.82 16.24
CA SER A 255 9.55 21.39 17.47
C SER A 255 9.61 20.34 18.59
N GLU A 256 8.61 19.46 18.61
CA GLU A 256 8.52 18.45 19.63
C GLU A 256 9.43 17.26 19.30
N LEU A 257 9.41 16.84 18.04
CA LEU A 257 10.10 15.61 17.64
C LEU A 257 11.56 15.84 17.67
N LEU A 258 11.96 17.11 17.58
CA LEU A 258 13.37 17.47 17.65
C LEU A 258 13.79 17.48 19.09
N SER A 259 12.89 17.95 19.95
CA SER A 259 13.13 17.89 21.39
C SER A 259 13.33 16.46 21.82
N LEU A 260 12.46 15.62 21.32
CA LEU A 260 12.36 14.26 21.81
C LEU A 260 13.53 13.46 21.37
N ILE A 261 14.05 13.77 20.21
CA ILE A 261 15.28 13.17 19.76
C ILE A 261 16.41 13.52 20.70
N ASN A 262 16.48 14.81 21.02
CA ASN A 262 17.55 15.37 21.80
C ASN A 262 17.58 14.88 23.25
N ASP A 263 16.46 14.38 23.76
CA ASP A 263 16.35 13.91 25.15
C ASP A 263 16.27 12.39 25.20
N MET A 264 16.42 11.76 24.06
CA MET A 264 16.36 10.32 24.01
C MET A 264 17.65 9.76 24.58
N PRO A 265 17.59 8.53 25.05
CA PRO A 265 18.77 7.82 25.51
C PRO A 265 19.54 7.26 24.35
N ILE A 266 20.00 8.15 23.48
CA ILE A 266 20.75 7.77 22.29
C ILE A 266 22.01 8.56 22.25
N THR A 267 22.83 8.30 21.25
CA THR A 267 24.16 8.87 21.18
C THR A 267 24.17 10.12 20.34
N ASN A 268 25.22 10.93 20.36
CA ASN A 268 25.18 12.07 19.42
C ASN A 268 25.22 11.63 17.97
N ASP A 269 26.01 10.62 17.61
CA ASP A 269 26.00 10.08 16.24
C ASP A 269 24.54 10.02 15.74
N GLN A 270 23.64 9.48 16.56
CA GLN A 270 22.24 9.44 16.19
C GLN A 270 21.49 10.76 16.33
N LYS A 271 21.70 11.48 17.42
CA LYS A 271 20.86 12.64 17.61
C LYS A 271 21.08 13.50 16.37
N LYS A 272 22.25 13.42 15.75
CA LYS A 272 22.50 14.23 14.55
C LYS A 272 21.77 13.69 13.34
N LEU A 273 21.94 12.39 13.09
CA LEU A 273 21.24 11.70 11.98
C LEU A 273 19.76 12.01 12.03
N MET A 274 19.14 11.72 13.19
CA MET A 274 17.70 11.88 13.37
C MET A 274 17.32 13.33 13.19
N SER A 275 18.13 14.25 13.69
CA SER A 275 17.75 15.66 13.66
C SER A 275 17.74 16.27 12.27
N ASN A 276 18.58 15.72 11.39
CA ASN A 276 18.70 16.19 10.02
C ASN A 276 17.74 15.58 9.04
N ASN A 277 17.41 14.33 9.31
CA ASN A 277 16.49 13.53 8.50
C ASN A 277 15.17 13.29 9.24
N VAL A 278 14.69 14.35 9.89
CA VAL A 278 13.48 14.28 10.69
C VAL A 278 12.32 13.75 9.84
N GLN A 279 12.30 13.95 8.52
CA GLN A 279 11.14 13.45 7.78
C GLN A 279 11.20 11.92 7.53
N ILE A 280 12.41 11.35 7.59
CA ILE A 280 12.58 9.89 7.53
C ILE A 280 12.34 9.27 8.91
N VAL A 281 12.75 9.92 10.00
CA VAL A 281 12.36 9.41 11.30
C VAL A 281 10.84 9.33 11.40
N ARG A 282 10.11 10.24 10.74
CA ARG A 282 8.66 10.18 10.81
C ARG A 282 8.17 8.94 10.17
N GLN A 283 8.79 8.52 9.09
CA GLN A 283 8.24 7.36 8.41
C GLN A 283 8.59 6.07 9.12
N GLN A 284 9.59 6.09 9.99
CA GLN A 284 9.97 4.88 10.69
C GLN A 284 9.50 4.92 12.15
N SER A 285 8.43 5.66 12.42
CA SER A 285 7.84 5.62 13.75
C SER A 285 6.38 5.25 13.69
N TYR A 286 5.85 4.61 14.73
CA TYR A 286 4.44 4.37 14.80
C TYR A 286 3.92 5.22 15.91
N SER A 287 2.61 5.47 15.88
CA SER A 287 1.93 6.23 16.91
C SER A 287 0.72 5.46 17.39
N ILE A 288 0.80 5.00 18.63
CA ILE A 288 -0.22 4.18 19.26
C ILE A 288 -1.12 4.88 20.24
N MET A 289 -2.41 5.01 19.91
CA MET A 289 -3.33 5.61 20.85
C MET A 289 -3.48 4.57 21.93
N CYS A 290 -3.30 5.01 23.16
CA CYS A 290 -3.13 4.11 24.27
C CYS A 290 -4.23 4.10 25.36
N ILE A 291 -4.31 5.18 26.12
CA ILE A 291 -5.23 5.27 27.27
C ILE A 291 -5.85 6.67 27.47
N ILE A 292 -6.99 6.70 28.15
CA ILE A 292 -7.64 7.96 28.46
C ILE A 292 -8.40 7.82 29.77
N LYS A 293 -7.69 8.10 30.87
CA LYS A 293 -8.24 7.95 32.22
C LYS A 293 -7.74 9.10 33.11
N GLU A 294 -8.40 9.25 34.25
CA GLU A 294 -8.31 10.47 35.04
C GLU A 294 -8.65 11.61 34.06
N GLU A 295 -7.78 12.61 33.93
CA GLU A 295 -8.07 13.67 32.97
C GLU A 295 -6.99 13.79 31.93
N VAL A 296 -6.41 12.63 31.63
CA VAL A 296 -5.25 12.51 30.74
C VAL A 296 -5.54 11.66 29.49
N LEU A 297 -5.10 12.18 28.35
CA LEU A 297 -5.02 11.44 27.10
C LEU A 297 -3.59 11.02 26.92
N ALA A 298 -3.33 9.79 26.50
CA ALA A 298 -1.95 9.34 26.36
C ALA A 298 -1.81 8.49 25.16
N TYR A 299 -0.91 8.85 24.26
CA TYR A 299 -0.52 7.93 23.20
C TYR A 299 1.00 7.73 23.21
N VAL A 300 1.41 6.52 22.84
CA VAL A 300 2.80 6.14 22.82
C VAL A 300 3.33 6.44 21.44
N VAL A 301 4.46 7.11 21.32
CA VAL A 301 5.04 7.32 20.02
C VAL A 301 6.27 6.49 20.10
N GLN A 302 6.33 5.47 19.25
CA GLN A 302 7.40 4.47 19.22
C GLN A 302 8.41 4.88 18.19
N LEU A 303 9.41 5.68 18.57
CA LEU A 303 10.46 6.13 17.64
C LEU A 303 11.55 5.07 17.36
N PRO A 304 12.28 5.20 16.26
CA PRO A 304 13.20 4.12 15.98
C PRO A 304 14.55 4.32 16.64
N LEU A 305 15.27 3.24 16.88
CA LEU A 305 16.64 3.32 17.34
C LEU A 305 17.63 2.93 16.22
N TYR A 306 18.39 3.93 15.75
CA TYR A 306 19.37 3.71 14.71
C TYR A 306 20.73 3.21 15.24
N GLY A 307 20.75 1.91 15.53
CA GLY A 307 21.85 1.20 16.14
C GLY A 307 23.08 0.79 15.34
N VAL A 308 22.97 0.70 14.01
CA VAL A 308 24.16 0.68 13.17
C VAL A 308 23.89 1.83 12.26
N ILE A 309 24.91 2.66 12.05
CA ILE A 309 24.88 3.92 11.39
C ILE A 309 26.18 4.00 10.60
N ASP A 310 26.21 4.55 9.39
CA ASP A 310 27.51 4.93 8.80
C ASP A 310 28.44 3.78 8.39
N THR A 311 27.92 2.58 8.27
CA THR A 311 28.65 1.51 7.67
C THR A 311 28.37 1.56 6.18
N PRO A 312 29.25 1.00 5.35
CA PRO A 312 28.98 1.02 3.91
C PRO A 312 27.83 0.15 3.37
N CYS A 313 27.16 0.68 2.36
CA CYS A 313 26.03 0.01 1.71
C CYS A 313 26.22 -0.05 0.25
N TRP A 314 25.76 -1.14 -0.36
CA TRP A 314 25.71 -1.19 -1.80
C TRP A 314 24.38 -1.65 -2.27
N LYS A 315 24.06 -1.47 -3.53
CA LYS A 315 22.76 -1.88 -3.99
C LYS A 315 22.85 -2.76 -5.19
N LEU A 316 22.45 -4.02 -5.10
CA LEU A 316 22.68 -4.91 -6.22
C LEU A 316 21.51 -4.84 -7.11
N HIS A 317 21.73 -4.44 -8.37
CA HIS A 317 20.71 -4.45 -9.43
C HIS A 317 20.85 -5.70 -10.31
N THR A 318 19.79 -6.34 -10.74
CA THR A 318 19.97 -7.50 -11.60
C THR A 318 19.02 -7.46 -12.73
N SER A 319 19.38 -8.07 -13.86
CA SER A 319 18.45 -8.22 -14.97
C SER A 319 18.63 -9.57 -15.69
N PRO A 320 17.62 -9.98 -16.50
CA PRO A 320 17.72 -11.35 -16.96
C PRO A 320 18.71 -11.40 -18.09
N LEU A 321 19.43 -12.49 -18.19
CA LEU A 321 20.60 -12.62 -19.05
C LEU A 321 20.40 -13.77 -19.97
N CYS A 322 20.20 -13.51 -21.25
CA CYS A 322 19.85 -14.58 -22.18
C CYS A 322 20.75 -14.81 -23.35
N THR A 323 20.66 -16.04 -23.83
CA THR A 323 21.17 -16.44 -25.10
C THR A 323 20.50 -15.60 -26.19
N THR A 324 21.17 -15.26 -27.29
CA THR A 324 20.52 -14.43 -28.33
C THR A 324 20.20 -15.17 -29.64
N ASN A 325 20.05 -16.50 -29.60
CA ASN A 325 19.74 -17.28 -30.80
C ASN A 325 18.52 -16.73 -31.51
N THR A 326 18.46 -16.95 -32.81
CA THR A 326 17.48 -16.29 -33.66
C THR A 326 16.14 -17.01 -33.71
N LYS A 327 16.14 -18.31 -33.41
CA LYS A 327 14.92 -19.12 -33.39
C LYS A 327 13.86 -18.49 -32.41
N GLU A 328 12.55 -18.67 -32.62
CA GLU A 328 11.58 -17.93 -31.77
C GLU A 328 11.54 -18.40 -30.30
N GLY A 329 11.61 -19.71 -30.08
CA GLY A 329 11.88 -20.28 -28.77
C GLY A 329 13.36 -20.57 -28.77
N SER A 330 13.78 -21.54 -27.95
CA SER A 330 15.20 -21.98 -27.93
C SER A 330 16.22 -20.95 -27.46
N ASN A 331 15.88 -20.27 -26.36
CA ASN A 331 16.83 -19.45 -25.64
C ASN A 331 16.75 -19.76 -24.15
N ILE A 332 17.89 -19.71 -23.47
CA ILE A 332 17.90 -19.90 -22.04
C ILE A 332 18.25 -18.60 -21.32
N CYS A 333 17.65 -18.40 -20.16
CA CYS A 333 17.86 -17.21 -19.40
C CYS A 333 18.29 -17.60 -18.02
N LEU A 334 18.76 -16.62 -17.28
CA LEU A 334 19.40 -16.83 -16.00
C LEU A 334 19.37 -15.46 -15.36
N THR A 335 18.95 -15.32 -14.12
CA THR A 335 18.85 -14.03 -13.48
C THR A 335 19.27 -13.97 -12.05
N ARG A 336 20.15 -13.04 -11.71
CA ARG A 336 20.55 -12.99 -10.33
C ARG A 336 19.40 -12.50 -9.45
N THR A 337 19.05 -13.33 -8.45
CA THR A 337 17.94 -13.10 -7.54
C THR A 337 18.36 -12.35 -6.29
N ASP A 338 19.68 -12.24 -6.11
CA ASP A 338 20.21 -11.71 -4.86
C ASP A 338 20.17 -10.20 -4.90
N ARG A 339 19.15 -9.67 -5.56
CA ARG A 339 19.01 -8.26 -5.75
C ARG A 339 18.52 -7.60 -4.51
N GLY A 340 18.91 -6.35 -4.30
CA GLY A 340 18.44 -5.56 -3.15
C GLY A 340 19.58 -4.83 -2.42
N TRP A 341 19.31 -4.16 -1.31
CA TRP A 341 20.37 -3.44 -0.59
C TRP A 341 21.23 -4.31 0.28
N TYR A 342 22.42 -3.84 0.59
CA TYR A 342 23.33 -4.53 1.51
C TYR A 342 24.07 -3.50 2.35
N CYS A 343 23.85 -3.42 3.64
CA CYS A 343 24.79 -2.69 4.52
C CYS A 343 25.54 -3.70 5.29
N ASP A 344 26.83 -3.50 5.56
CA ASP A 344 27.45 -4.48 6.41
C ASP A 344 27.35 -3.87 7.76
N ASN A 345 27.17 -4.70 8.79
CA ASN A 345 26.93 -4.17 10.11
C ASN A 345 27.71 -4.84 11.29
N ALA A 346 28.07 -6.10 11.21
CA ALA A 346 29.06 -6.62 12.19
C ALA A 346 29.70 -7.86 11.69
N GLY A 347 30.56 -7.74 10.68
CA GLY A 347 31.19 -8.93 10.12
C GLY A 347 30.15 -9.83 9.47
N SER A 348 29.08 -9.21 9.07
CA SER A 348 28.02 -9.91 8.43
C SER A 348 27.34 -8.83 7.66
N VAL A 349 26.56 -9.21 6.66
CA VAL A 349 26.02 -8.24 5.77
C VAL A 349 24.55 -8.28 5.94
N SER A 350 23.94 -7.18 6.29
CA SER A 350 22.54 -7.22 6.49
C SER A 350 22.02 -7.01 5.09
N PHE A 351 21.14 -7.90 4.62
CA PHE A 351 20.72 -7.90 3.23
C PHE A 351 19.27 -7.57 3.14
N PHE A 352 18.88 -6.61 2.33
CA PHE A 352 17.47 -6.17 2.30
C PHE A 352 16.77 -6.41 0.96
N PRO A 353 16.05 -7.51 0.89
CA PRO A 353 15.68 -8.08 -0.38
C PRO A 353 14.64 -7.21 -1.11
N GLN A 354 13.68 -6.60 -0.42
CA GLN A 354 12.73 -5.68 -1.08
C GLN A 354 13.36 -4.30 -0.89
N ALA A 355 13.83 -3.64 -1.95
CA ALA A 355 14.64 -2.41 -1.82
C ALA A 355 13.82 -1.11 -1.57
N GLU A 356 12.60 -1.28 -1.04
CA GLU A 356 11.64 -0.20 -0.75
C GLU A 356 11.25 -0.18 0.75
N THR A 357 11.50 -1.28 1.47
CA THR A 357 11.52 -1.15 2.92
C THR A 357 12.46 0.06 3.24
N CYS A 358 13.46 0.27 2.36
CA CYS A 358 14.48 1.32 2.48
C CYS A 358 14.17 2.64 1.84
N LYS A 359 14.52 3.71 2.53
CA LYS A 359 14.40 5.06 2.01
C LYS A 359 15.80 5.64 1.92
N VAL A 360 16.15 6.33 0.84
CA VAL A 360 17.46 7.01 0.76
C VAL A 360 17.42 8.53 0.86
N GLN A 361 18.53 9.08 1.34
CA GLN A 361 18.73 10.51 1.46
C GLN A 361 20.18 10.81 1.26
N SER A 362 20.55 11.36 0.12
CA SER A 362 21.96 11.52 -0.21
C SER A 362 22.65 10.13 -0.31
N ASN A 363 23.68 9.88 0.47
CA ASN A 363 24.21 8.54 0.53
C ASN A 363 23.56 7.76 1.65
N ARG A 364 22.79 8.38 2.53
CA ARG A 364 22.33 7.63 3.69
C ARG A 364 21.23 6.67 3.27
N VAL A 365 21.39 5.41 3.60
CA VAL A 365 20.39 4.42 3.28
C VAL A 365 19.63 3.98 4.50
N PHE A 366 18.46 4.56 4.78
CA PHE A 366 17.67 4.12 5.94
C PHE A 366 16.97 2.76 5.71
N CYS A 367 17.43 1.68 6.34
CA CYS A 367 16.74 0.41 6.20
C CYS A 367 16.17 -0.04 7.52
N ASP A 368 15.28 -1.03 7.49
CA ASP A 368 14.72 -1.58 8.72
C ASP A 368 15.22 -3.01 8.88
N THR A 369 15.99 -3.30 9.94
CA THR A 369 16.69 -4.59 10.02
C THR A 369 15.74 -5.74 10.06
N MET A 370 14.48 -5.51 10.37
CA MET A 370 13.56 -6.62 10.34
C MET A 370 12.92 -6.95 8.99
N ASN A 371 13.42 -6.31 7.95
CA ASN A 371 13.14 -6.75 6.60
C ASN A 371 14.42 -7.27 6.02
N SER A 372 15.26 -7.81 6.90
CA SER A 372 16.59 -8.27 6.52
C SER A 372 16.91 -9.74 6.78
N LEU A 373 17.76 -10.27 5.92
CA LEU A 373 18.53 -11.43 6.25
C LEU A 373 19.85 -10.93 6.73
N THR A 374 20.58 -11.80 7.42
CA THR A 374 21.96 -11.52 7.74
C THR A 374 22.79 -12.66 7.18
N LEU A 375 23.71 -12.28 6.29
CA LEU A 375 24.46 -13.18 5.47
C LEU A 375 25.91 -12.94 5.73
N PRO A 376 26.74 -13.99 5.57
CA PRO A 376 28.18 -13.97 5.80
C PRO A 376 28.85 -12.99 4.86
N SER A 377 29.93 -12.31 5.24
CA SER A 377 30.50 -11.25 4.38
C SER A 377 30.79 -11.74 3.00
N GLU A 378 31.02 -13.04 2.89
CA GLU A 378 31.41 -13.66 1.65
C GLU A 378 30.35 -13.63 0.58
N VAL A 379 29.20 -13.00 0.88
CA VAL A 379 28.11 -12.79 -0.09
C VAL A 379 28.57 -11.89 -1.22
N ASN A 380 29.45 -10.92 -0.95
CA ASN A 380 29.84 -9.99 -1.99
C ASN A 380 30.56 -10.71 -3.13
N LEU A 381 30.87 -11.97 -2.97
CA LEU A 381 31.57 -12.65 -4.05
C LEU A 381 30.68 -12.95 -5.24
N CYS A 382 29.38 -13.05 -5.04
CA CYS A 382 28.49 -13.18 -6.18
C CYS A 382 28.63 -12.03 -7.19
N ASN A 383 29.26 -10.94 -6.77
CA ASN A 383 29.35 -9.76 -7.61
C ASN A 383 30.67 -9.82 -8.37
N VAL A 384 31.70 -10.25 -7.69
CA VAL A 384 33.02 -10.43 -8.26
C VAL A 384 33.21 -11.65 -9.15
N ASP A 385 32.92 -12.81 -8.56
CA ASP A 385 33.11 -14.13 -9.13
C ASP A 385 32.00 -15.05 -8.72
N ILE A 386 30.96 -15.11 -9.54
CA ILE A 386 29.70 -15.80 -9.20
C ILE A 386 29.87 -17.30 -9.07
N PHE A 387 31.03 -17.82 -9.46
CA PHE A 387 31.24 -19.27 -9.41
C PHE A 387 32.12 -19.74 -8.25
N ASN A 388 32.68 -18.82 -7.47
CA ASN A 388 33.57 -19.21 -6.37
C ASN A 388 32.97 -20.27 -5.45
N PRO A 389 33.83 -20.95 -4.68
CA PRO A 389 33.40 -22.10 -3.86
C PRO A 389 32.74 -21.71 -2.56
N LYS A 390 33.32 -20.69 -1.91
CA LYS A 390 32.94 -20.22 -0.58
C LYS A 390 31.44 -19.97 -0.40
N TYR A 391 30.89 -19.03 -1.18
CA TYR A 391 29.45 -18.74 -1.15
C TYR A 391 28.72 -19.20 -2.38
N ASP A 392 27.43 -19.46 -2.24
CA ASP A 392 26.67 -20.14 -3.29
C ASP A 392 25.57 -19.28 -3.94
N CYS A 393 25.95 -18.45 -4.91
CA CYS A 393 25.15 -17.32 -5.32
C CYS A 393 23.85 -17.76 -5.91
N LYS A 394 22.82 -16.94 -5.73
CA LYS A 394 21.47 -17.37 -6.03
C LYS A 394 21.05 -16.81 -7.37
N ILE A 395 20.33 -17.63 -8.12
CA ILE A 395 19.85 -17.28 -9.46
C ILE A 395 18.46 -17.83 -9.70
N MET A 396 17.95 -17.62 -10.90
CA MET A 396 16.63 -18.08 -11.27
C MET A 396 16.62 -18.29 -12.73
N THR A 397 16.31 -19.49 -13.19
CA THR A 397 16.44 -19.78 -14.61
C THR A 397 15.11 -19.62 -15.34
N SER A 398 15.15 -19.68 -16.66
CA SER A 398 13.98 -19.44 -17.48
C SER A 398 14.19 -19.72 -18.95
N LYS A 399 13.12 -19.76 -19.72
CA LYS A 399 13.26 -19.87 -21.15
C LYS A 399 12.63 -18.64 -21.77
N THR A 400 12.31 -17.67 -20.90
CA THR A 400 11.44 -16.54 -21.23
C THR A 400 12.24 -15.31 -21.55
N ASP A 401 12.81 -15.23 -22.76
CA ASP A 401 13.71 -14.13 -23.08
C ASP A 401 12.90 -12.92 -23.42
N VAL A 402 12.63 -12.07 -22.43
CA VAL A 402 11.76 -10.91 -22.64
C VAL A 402 12.40 -9.58 -22.22
N SER A 403 12.27 -8.58 -23.09
CA SER A 403 13.11 -7.39 -23.01
C SER A 403 12.64 -6.42 -21.99
N SER A 404 13.61 -5.83 -21.34
CA SER A 404 13.37 -4.90 -20.27
C SER A 404 14.62 -4.16 -19.89
N SER A 405 14.43 -3.16 -19.04
CA SER A 405 15.50 -2.45 -18.38
C SER A 405 15.40 -2.52 -16.91
N VAL A 406 16.53 -2.24 -16.28
CA VAL A 406 16.60 -2.12 -14.83
C VAL A 406 17.41 -0.91 -14.61
N ILE A 407 16.81 0.17 -14.14
CA ILE A 407 17.57 1.39 -13.95
C ILE A 407 18.35 1.45 -12.64
N THR A 408 19.63 1.78 -12.77
CA THR A 408 20.48 1.84 -11.61
C THR A 408 20.74 3.26 -11.09
N SER A 409 21.55 3.29 -10.05
CA SER A 409 21.83 4.50 -9.32
C SER A 409 22.67 5.44 -10.16
N LEU A 410 23.54 4.90 -11.01
CA LEU A 410 24.37 5.73 -11.89
C LEU A 410 24.28 5.40 -13.38
N GLY A 411 23.31 4.59 -13.79
CA GLY A 411 23.28 4.09 -15.15
C GLY A 411 21.96 3.43 -15.51
N ALA A 412 21.98 2.55 -16.51
CA ALA A 412 20.83 1.77 -16.90
C ALA A 412 21.34 0.44 -17.38
N ILE A 413 20.69 -0.65 -16.99
CA ILE A 413 20.97 -1.98 -17.53
C ILE A 413 19.95 -2.16 -18.65
N VAL A 414 20.32 -2.77 -19.75
CA VAL A 414 19.32 -2.99 -20.78
C VAL A 414 19.38 -4.41 -21.21
N SER A 415 18.28 -5.12 -21.00
CA SER A 415 18.19 -6.49 -21.41
C SER A 415 17.35 -6.48 -22.66
N CYS A 416 18.00 -6.48 -23.81
CA CYS A 416 17.33 -6.40 -25.10
C CYS A 416 17.41 -7.69 -25.87
N TYR A 417 16.27 -8.34 -26.12
CA TYR A 417 16.28 -9.60 -26.86
C TYR A 417 15.22 -9.71 -27.98
N GLY A 418 15.53 -10.57 -28.94
CA GLY A 418 14.63 -10.84 -30.04
C GLY A 418 14.49 -9.70 -31.01
N LYS A 419 13.24 -9.46 -31.39
CA LYS A 419 12.93 -8.43 -32.36
C LYS A 419 12.69 -7.12 -31.65
N THR A 420 13.03 -7.03 -30.36
CA THR A 420 12.70 -5.83 -29.59
C THR A 420 13.65 -4.66 -29.96
N LYS A 421 13.13 -3.43 -29.90
CA LYS A 421 13.90 -2.25 -30.31
C LYS A 421 14.37 -1.47 -29.09
N CYS A 422 15.69 -1.39 -28.94
CA CYS A 422 16.35 -0.81 -27.76
C CYS A 422 17.35 0.28 -28.10
N THR A 423 17.00 1.51 -27.72
CA THR A 423 17.85 2.65 -27.96
C THR A 423 18.24 3.32 -26.65
N ALA A 424 19.10 4.32 -26.73
CA ALA A 424 19.39 5.19 -25.62
C ALA A 424 19.53 6.58 -26.16
N SER A 425 18.63 7.47 -25.78
CA SER A 425 18.69 8.83 -26.28
C SER A 425 19.34 9.75 -25.27
N ASN A 426 19.55 10.99 -25.71
CA ASN A 426 19.98 12.04 -24.83
C ASN A 426 19.03 13.22 -25.05
N LYS A 427 19.00 14.17 -24.15
CA LYS A 427 18.01 15.23 -24.22
C LYS A 427 18.14 16.11 -25.45
N ASN A 428 19.36 16.24 -25.97
CA ASN A 428 19.68 17.23 -27.03
C ASN A 428 20.21 16.61 -28.32
N ARG A 429 21.12 15.64 -28.22
CA ARG A 429 21.64 14.98 -29.42
C ARG A 429 20.69 13.88 -29.98
N GLY A 430 19.56 13.62 -29.31
CA GLY A 430 18.68 12.52 -29.70
C GLY A 430 19.22 11.12 -29.38
N ILE A 431 18.92 10.15 -30.24
CA ILE A 431 19.43 8.77 -30.07
C ILE A 431 20.93 8.66 -30.19
N ILE A 432 21.59 8.02 -29.24
CA ILE A 432 23.03 7.91 -29.31
C ILE A 432 23.57 6.50 -29.11
N LYS A 433 22.68 5.51 -28.98
CA LYS A 433 23.09 4.10 -29.02
C LYS A 433 21.92 3.24 -29.41
N THR A 434 22.19 2.24 -30.24
CA THR A 434 21.18 1.24 -30.57
C THR A 434 21.75 -0.09 -30.16
N PHE A 435 21.13 -0.71 -29.14
CA PHE A 435 21.65 -1.90 -28.49
C PHE A 435 21.48 -3.15 -29.32
N SER A 436 22.44 -4.04 -29.23
CA SER A 436 22.38 -5.31 -29.89
C SER A 436 21.88 -6.31 -28.88
N ASN A 437 21.29 -7.40 -29.34
CA ASN A 437 20.58 -8.28 -28.40
C ASN A 437 21.51 -8.85 -27.34
N GLY A 438 21.09 -8.85 -26.10
CA GLY A 438 21.93 -9.26 -24.98
C GLY A 438 21.93 -8.26 -23.85
N CYS A 439 22.72 -8.50 -22.82
CA CYS A 439 22.65 -7.62 -21.66
C CYS A 439 23.77 -6.68 -21.63
N ASP A 440 23.46 -5.39 -21.75
CA ASP A 440 24.44 -4.30 -21.90
C ASP A 440 24.16 -3.28 -20.80
N TYR A 441 24.94 -2.19 -20.73
CA TYR A 441 24.84 -1.18 -19.68
C TYR A 441 25.15 0.18 -20.25
N VAL A 442 24.71 1.25 -19.63
CA VAL A 442 24.88 2.55 -20.25
C VAL A 442 25.10 3.49 -19.13
N SER A 443 26.15 4.28 -19.17
CA SER A 443 26.43 5.15 -18.04
C SER A 443 25.43 6.23 -18.04
N ASN A 444 25.18 6.85 -16.91
CA ASN A 444 24.28 7.99 -16.94
C ASN A 444 24.92 9.29 -17.33
N LYS A 445 26.18 9.24 -17.79
CA LYS A 445 26.98 10.44 -18.15
C LYS A 445 26.36 11.20 -19.29
N GLY A 446 26.24 10.55 -20.43
CA GLY A 446 25.78 11.26 -21.60
C GLY A 446 24.38 10.89 -21.99
N VAL A 447 23.69 10.23 -21.08
CA VAL A 447 22.40 9.63 -21.40
C VAL A 447 21.32 10.12 -20.43
N ASP A 448 20.12 10.41 -20.96
CA ASP A 448 19.01 10.94 -20.18
C ASP A 448 17.80 10.01 -20.11
N THR A 449 17.52 9.37 -21.23
CA THR A 449 16.39 8.48 -21.34
C THR A 449 16.93 7.22 -21.96
N VAL A 450 16.23 6.09 -21.80
CA VAL A 450 16.55 4.80 -22.45
C VAL A 450 15.26 4.15 -22.76
N SER A 451 15.06 3.66 -23.98
CA SER A 451 13.77 3.03 -24.29
C SER A 451 13.87 1.56 -24.71
N VAL A 452 13.04 0.71 -24.13
CA VAL A 452 13.09 -0.70 -24.43
C VAL A 452 11.69 -1.07 -24.88
N GLY A 453 11.53 -1.47 -26.13
CA GLY A 453 10.19 -1.68 -26.64
C GLY A 453 9.48 -0.35 -26.57
N ASN A 454 8.32 -0.35 -25.93
CA ASN A 454 7.46 0.83 -25.89
C ASN A 454 7.63 1.62 -24.62
N THR A 455 8.51 1.16 -23.75
CA THR A 455 8.56 1.76 -22.43
C THR A 455 9.72 2.76 -22.38
N LEU A 456 9.41 3.98 -22.03
CA LEU A 456 10.43 4.98 -21.83
C LEU A 456 10.91 5.00 -20.39
N TYR A 457 12.24 4.99 -20.24
CA TYR A 457 12.89 5.13 -18.94
C TYR A 457 13.63 6.46 -18.82
N TYR A 458 13.35 7.23 -17.76
CA TYR A 458 14.19 8.40 -17.46
C TYR A 458 15.27 7.86 -16.52
N VAL A 459 16.54 8.19 -16.76
CA VAL A 459 17.62 7.61 -15.97
C VAL A 459 18.01 8.57 -14.86
N ASN A 460 18.54 8.03 -13.76
CA ASN A 460 18.80 8.85 -12.58
C ASN A 460 19.95 9.80 -12.85
N LYS A 461 19.88 11.03 -12.37
CA LYS A 461 20.93 11.99 -12.68
C LYS A 461 21.85 12.32 -11.49
N GLN A 462 22.37 11.28 -10.83
CA GLN A 462 23.32 11.43 -9.69
C GLN A 462 24.67 11.54 -10.29
N GLU A 463 25.63 12.12 -9.59
CA GLU A 463 26.98 12.23 -10.15
C GLU A 463 27.82 11.14 -9.52
N GLY A 464 28.68 10.52 -10.31
CA GLY A 464 29.43 9.36 -9.86
C GLY A 464 30.09 8.63 -10.99
N LYS A 465 31.07 7.79 -10.67
CA LYS A 465 31.82 7.11 -11.71
C LYS A 465 31.31 5.66 -11.90
N SER A 466 31.03 5.27 -13.15
CA SER A 466 30.53 3.93 -13.50
C SER A 466 31.62 3.21 -14.20
N LEU A 467 31.71 1.93 -13.96
CA LEU A 467 32.76 1.14 -14.53
C LEU A 467 32.18 -0.08 -15.17
N TYR A 468 32.43 -0.28 -16.44
CA TYR A 468 31.88 -1.39 -17.16
C TYR A 468 32.86 -2.53 -17.11
N VAL A 469 32.53 -3.58 -16.39
CA VAL A 469 33.39 -4.74 -16.23
C VAL A 469 33.09 -5.87 -17.18
N LYS A 470 33.88 -5.91 -18.22
CA LYS A 470 33.73 -6.81 -19.33
C LYS A 470 33.88 -8.26 -18.92
N GLY A 471 33.13 -9.13 -19.58
CA GLY A 471 33.15 -10.55 -19.27
C GLY A 471 32.25 -11.32 -20.21
N GLU A 472 32.47 -12.63 -20.35
CA GLU A 472 31.58 -13.42 -21.16
C GLU A 472 30.40 -13.67 -20.27
N PRO A 473 29.17 -13.40 -20.73
CA PRO A 473 27.95 -13.62 -19.95
C PRO A 473 27.86 -15.08 -19.64
N ILE A 474 27.49 -15.52 -18.44
CA ILE A 474 27.75 -16.92 -18.07
C ILE A 474 26.84 -17.84 -18.75
N ILE A 475 25.69 -17.33 -19.15
CA ILE A 475 24.71 -18.15 -19.85
C ILE A 475 25.20 -18.73 -21.17
N ASN A 476 26.30 -18.20 -21.67
CA ASN A 476 26.95 -18.74 -22.86
C ASN A 476 27.64 -20.06 -22.51
N PHE A 477 27.89 -20.32 -21.23
CA PHE A 477 28.62 -21.53 -20.91
C PHE A 477 27.74 -22.76 -20.78
N TYR A 478 26.42 -22.56 -20.76
CA TYR A 478 25.52 -23.66 -20.41
C TYR A 478 25.02 -24.43 -21.63
N ASP A 479 25.06 -25.77 -21.55
CA ASP A 479 24.55 -26.64 -22.63
C ASP A 479 23.06 -26.76 -22.55
N PRO A 480 22.35 -26.10 -23.46
CA PRO A 480 20.94 -25.83 -23.27
C PRO A 480 20.01 -27.02 -23.42
N LEU A 481 20.49 -28.08 -24.05
CA LEU A 481 19.74 -29.34 -24.22
C LEU A 481 19.58 -30.08 -22.90
N VAL A 482 20.32 -29.62 -21.87
CA VAL A 482 20.30 -30.18 -20.51
C VAL A 482 20.35 -29.10 -19.43
N PHE A 483 19.93 -27.88 -19.78
CA PHE A 483 19.86 -26.77 -18.83
C PHE A 483 18.46 -26.62 -18.23
N PRO A 484 18.35 -26.60 -16.90
CA PRO A 484 17.04 -26.48 -16.26
C PRO A 484 16.30 -25.21 -16.52
N SER A 485 15.35 -25.22 -17.45
CA SER A 485 14.66 -23.98 -17.81
C SER A 485 13.80 -23.49 -16.68
N ASP A 486 13.27 -24.39 -15.86
CA ASP A 486 12.42 -23.93 -14.79
C ASP A 486 13.02 -24.21 -13.42
N GLU A 487 13.44 -23.13 -12.75
CA GLU A 487 13.93 -23.14 -11.36
C GLU A 487 13.64 -21.76 -10.76
N PHE A 488 12.67 -21.64 -9.85
CA PHE A 488 12.14 -20.32 -9.49
C PHE A 488 12.96 -19.64 -8.37
N ASP A 489 13.86 -20.33 -7.68
CA ASP A 489 14.82 -19.59 -6.85
C ASP A 489 16.15 -20.25 -6.58
N ALA A 490 16.43 -21.34 -7.27
CA ALA A 490 17.60 -22.20 -6.97
C ALA A 490 18.98 -21.54 -7.11
N SER A 491 20.01 -22.25 -6.71
CA SER A 491 21.36 -21.67 -6.65
C SER A 491 22.23 -21.91 -7.88
N ILE A 492 23.46 -21.41 -7.85
CA ILE A 492 24.43 -21.82 -8.87
C ILE A 492 24.77 -23.27 -8.76
N SER A 493 25.30 -23.65 -7.61
CA SER A 493 25.71 -25.04 -7.42
C SER A 493 24.54 -25.98 -7.61
N GLN A 494 23.38 -25.60 -7.13
CA GLN A 494 22.18 -26.41 -7.28
C GLN A 494 21.79 -26.72 -8.74
N VAL A 495 22.05 -25.81 -9.66
CA VAL A 495 21.72 -26.06 -11.07
C VAL A 495 22.81 -26.89 -11.65
N ASN A 496 24.04 -26.56 -11.29
CA ASN A 496 25.17 -27.32 -11.76
C ASN A 496 25.01 -28.75 -11.24
N GLU A 497 24.20 -28.98 -10.21
CA GLU A 497 23.96 -30.36 -9.80
C GLU A 497 23.13 -31.03 -10.85
N LYS A 498 21.96 -30.46 -11.10
CA LYS A 498 20.98 -31.06 -12.02
C LYS A 498 21.60 -31.29 -13.41
N ILE A 499 22.68 -30.59 -13.70
CA ILE A 499 23.26 -30.72 -14.99
C ILE A 499 24.29 -31.82 -14.94
N ASN A 500 25.21 -31.73 -13.98
CA ASN A 500 26.23 -32.75 -13.77
C ASN A 500 25.58 -34.14 -13.77
N GLN A 501 24.32 -34.21 -13.35
CA GLN A 501 23.58 -35.47 -13.31
C GLN A 501 23.04 -35.91 -14.67
N SER A 502 22.24 -35.02 -15.27
CA SER A 502 21.59 -35.34 -16.54
C SER A 502 22.59 -35.63 -17.65
N LEU A 503 23.79 -35.11 -17.43
CA LEU A 503 24.90 -35.24 -18.37
C LEU A 503 25.53 -36.64 -18.11
N ALA A 504 25.37 -37.14 -16.88
CA ALA A 504 25.80 -38.49 -16.52
C ALA A 504 24.83 -39.55 -17.04
N PHE A 505 23.54 -39.28 -16.89
CA PHE A 505 22.53 -40.19 -17.41
C PHE A 505 22.67 -40.28 -18.94
N ILE A 506 23.34 -39.32 -19.55
CA ILE A 506 23.73 -39.49 -20.95
C ILE A 506 24.99 -40.41 -20.97
N ARG A 507 24.68 -41.69 -20.68
CA ARG A 507 25.59 -42.83 -20.83
C ARG A 507 25.09 -44.02 -21.71
N LYS A 508 26.10 -44.65 -22.32
CA LYS A 508 26.04 -45.76 -23.30
C LYS A 508 25.94 -47.27 -22.82
N SER A 509 26.18 -48.18 -23.78
CA SER A 509 26.15 -49.64 -23.56
C SER A 509 26.90 -50.42 -24.67
N GLY B 25 -9.20 -22.78 31.92
CA GLY B 25 -9.87 -22.31 30.72
C GLY B 25 -9.21 -21.06 30.17
N GLN B 26 -9.78 -19.91 30.58
CA GLN B 26 -9.34 -18.53 30.22
C GLN B 26 -9.67 -18.16 28.75
N ASN B 27 -8.85 -17.35 28.08
CA ASN B 27 -9.16 -16.94 26.72
C ASN B 27 -8.16 -17.49 25.70
N ILE B 28 -6.94 -16.97 25.66
CA ILE B 28 -6.04 -17.24 24.52
C ILE B 28 -4.86 -18.17 24.84
N THR B 29 -4.53 -19.03 23.88
CA THR B 29 -3.60 -20.14 24.11
C THR B 29 -2.79 -20.43 22.86
N GLU B 30 -1.62 -21.06 22.99
CA GLU B 30 -0.80 -21.37 21.81
C GLU B 30 -0.04 -22.68 22.02
N GLU B 31 0.21 -23.46 20.98
CA GLU B 31 1.13 -24.54 21.13
C GLU B 31 2.02 -24.72 19.92
N PHE B 32 3.30 -24.97 20.21
CA PHE B 32 4.40 -24.99 19.23
C PHE B 32 4.69 -26.39 18.98
N TYR B 33 4.79 -26.75 17.72
CA TYR B 33 5.04 -28.10 17.32
C TYR B 33 6.48 -28.13 16.86
N GLN B 34 7.33 -28.77 17.64
CA GLN B 34 8.76 -28.79 17.37
C GLN B 34 9.07 -29.55 16.09
N SER B 35 8.15 -30.41 15.66
CA SER B 35 8.40 -31.24 14.53
C SER B 35 8.14 -30.57 13.22
N THR B 36 7.33 -29.54 13.18
CA THR B 36 7.02 -28.90 11.90
C THR B 36 7.39 -27.41 11.92
N CYS B 37 8.10 -27.06 12.98
CA CYS B 37 8.64 -25.74 13.19
C CYS B 37 7.52 -24.85 12.88
N SER B 38 6.39 -25.11 13.53
CA SER B 38 5.19 -24.30 13.34
C SER B 38 4.49 -24.15 14.66
N ALA B 39 3.57 -23.20 14.77
CA ALA B 39 2.84 -22.99 16.01
C ALA B 39 1.46 -22.56 15.66
N VAL B 40 0.42 -22.98 16.40
CA VAL B 40 -0.93 -22.42 16.18
C VAL B 40 -1.41 -21.64 17.41
N SER B 41 -2.17 -20.58 17.20
CA SER B 41 -2.63 -19.74 18.31
C SER B 41 -4.10 -19.97 18.30
N LYS B 42 -4.71 -20.48 19.36
CA LYS B 42 -6.14 -20.73 19.31
C LYS B 42 -6.85 -19.90 20.37
N GLY B 43 -8.15 -19.73 20.19
CA GLY B 43 -8.97 -19.06 21.18
C GLY B 43 -9.54 -17.76 20.72
N TYR B 44 -9.30 -17.43 19.46
CA TYR B 44 -9.78 -16.20 18.87
C TYR B 44 -11.20 -16.47 18.39
N LEU B 45 -11.92 -15.41 18.03
CA LEU B 45 -13.34 -15.51 17.64
C LEU B 45 -13.70 -14.80 16.34
N SER B 46 -14.30 -15.52 15.38
CA SER B 46 -14.50 -14.96 14.02
C SER B 46 -15.39 -13.70 13.93
N ALA B 47 -15.20 -13.04 12.80
CA ALA B 47 -16.09 -12.03 12.29
C ALA B 47 -15.79 -11.99 10.82
N LEU B 48 -16.37 -12.85 10.04
CA LEU B 48 -16.02 -12.84 8.64
C LEU B 48 -16.93 -11.92 7.83
N ARG B 49 -16.41 -11.21 6.84
CA ARG B 49 -17.35 -10.42 6.04
C ARG B 49 -17.85 -11.36 4.94
N THR B 50 -19.12 -11.72 4.99
CA THR B 50 -19.64 -12.65 4.02
C THR B 50 -20.35 -11.90 2.89
N GLY B 51 -20.92 -10.75 3.25
CA GLY B 51 -21.65 -9.95 2.29
C GLY B 51 -21.53 -8.46 2.49
N TRP B 52 -22.07 -7.71 1.53
CA TRP B 52 -22.08 -6.25 1.51
C TRP B 52 -23.48 -5.68 1.57
N TYR B 53 -23.72 -4.74 2.47
CA TYR B 53 -25.00 -4.01 2.52
C TYR B 53 -24.76 -2.56 2.16
N THR B 54 -25.44 -2.02 1.15
CA THR B 54 -25.20 -0.62 0.70
C THR B 54 -26.21 0.31 1.24
N SER B 55 -25.78 1.52 1.49
CA SER B 55 -26.65 2.53 2.06
C SER B 55 -26.33 3.85 1.40
N VAL B 56 -27.30 4.73 1.20
CA VAL B 56 -27.10 5.92 0.41
C VAL B 56 -27.00 7.11 1.32
N ILE B 57 -25.92 7.86 1.23
CA ILE B 57 -25.76 9.05 2.03
C ILE B 57 -26.02 10.25 1.12
N THR B 58 -26.80 11.24 1.57
CA THR B 58 -27.03 12.49 0.83
C THR B 58 -26.59 13.74 1.52
N ILE B 59 -26.23 14.72 0.71
CA ILE B 59 -25.95 16.06 1.21
C ILE B 59 -26.80 17.02 0.39
N GLU B 60 -27.41 17.99 1.04
CA GLU B 60 -28.32 18.83 0.31
C GLU B 60 -27.53 20.01 -0.17
N LEU B 61 -27.71 20.30 -1.46
CA LEU B 61 -26.96 21.35 -2.11
C LEU B 61 -27.83 22.50 -2.53
N SER B 62 -27.31 23.69 -2.31
CA SER B 62 -27.90 24.88 -2.85
C SER B 62 -27.24 25.07 -4.17
N ASN B 63 -27.99 25.38 -5.22
CA ASN B 63 -27.42 25.39 -6.57
C ASN B 63 -27.38 26.79 -7.11
N ILE B 64 -26.82 27.70 -6.34
CA ILE B 64 -26.80 29.12 -6.70
C ILE B 64 -26.11 29.59 -8.04
N LYS B 65 -26.57 30.73 -8.59
CA LYS B 65 -25.97 31.35 -9.79
C LYS B 65 -24.99 32.44 -9.41
N GLU B 66 -23.77 32.32 -9.93
CA GLU B 66 -22.59 33.03 -9.42
C GLU B 66 -22.60 34.54 -9.64
N ASN B 67 -23.39 35.25 -8.83
CA ASN B 67 -23.19 36.67 -8.67
C ASN B 67 -23.66 37.19 -7.30
N LYS B 68 -23.22 36.62 -6.17
CA LYS B 68 -23.43 37.38 -4.93
C LYS B 68 -22.65 38.68 -5.15
N CYS B 69 -23.35 39.82 -5.06
CA CYS B 69 -22.82 41.17 -5.36
C CYS B 69 -21.38 41.30 -4.91
N ASN B 70 -20.51 41.60 -5.85
CA ASN B 70 -19.10 41.64 -5.54
C ASN B 70 -18.80 42.94 -4.77
N GLY B 71 -19.49 43.13 -3.62
CA GLY B 71 -19.33 44.34 -2.83
C GLY B 71 -17.86 44.75 -2.63
N THR B 72 -17.65 45.97 -2.21
CA THR B 72 -16.31 46.48 -2.04
C THR B 72 -15.92 46.24 -0.59
N ASP B 73 -16.50 45.20 -0.01
CA ASP B 73 -16.81 45.21 1.42
C ASP B 73 -15.92 44.31 2.24
N ALA B 74 -15.93 44.58 3.54
CA ALA B 74 -15.14 43.86 4.53
C ALA B 74 -15.38 42.32 4.55
N LYS B 75 -16.63 41.93 4.80
CA LYS B 75 -16.96 40.53 5.03
C LYS B 75 -17.62 39.88 3.84
N VAL B 76 -18.15 40.67 2.90
CA VAL B 76 -18.65 40.05 1.67
C VAL B 76 -17.49 39.48 0.87
N LYS B 77 -16.31 40.07 1.04
CA LYS B 77 -15.15 39.56 0.34
C LYS B 77 -14.72 38.23 0.97
N LEU B 78 -15.07 38.05 2.24
CA LEU B 78 -14.76 36.80 2.92
C LEU B 78 -15.86 35.82 2.63
N ILE B 79 -17.11 36.25 2.61
CA ILE B 79 -18.19 35.33 2.26
C ILE B 79 -18.06 34.85 0.82
N LYS B 80 -17.80 35.76 -0.13
CA LYS B 80 -17.70 35.31 -1.53
C LYS B 80 -16.60 34.30 -1.67
N GLN B 81 -15.66 34.35 -0.74
CA GLN B 81 -14.52 33.47 -0.74
C GLN B 81 -14.93 32.05 -0.38
N GLU B 82 -15.74 31.94 0.67
CA GLU B 82 -16.25 30.64 1.14
C GLU B 82 -17.28 30.11 0.20
N LEU B 83 -17.99 31.04 -0.41
CA LEU B 83 -18.98 30.71 -1.39
C LEU B 83 -18.28 30.03 -2.52
N ASP B 84 -17.18 30.63 -2.96
CA ASP B 84 -16.45 30.13 -4.13
C ASP B 84 -15.96 28.73 -3.80
N LYS B 85 -15.32 28.60 -2.64
CA LYS B 85 -14.77 27.31 -2.24
C LYS B 85 -15.82 26.21 -2.33
N TYR B 86 -17.07 26.52 -1.94
CA TYR B 86 -18.20 25.60 -2.05
C TYR B 86 -18.55 25.40 -3.51
N LYS B 87 -18.70 26.50 -4.24
CA LYS B 87 -19.12 26.46 -5.62
C LYS B 87 -18.15 25.63 -6.47
N ASN B 88 -16.86 25.68 -6.12
CA ASN B 88 -15.83 24.90 -6.81
C ASN B 88 -15.91 23.43 -6.45
N ALA B 89 -16.14 23.18 -5.17
CA ALA B 89 -16.20 21.82 -4.70
C ALA B 89 -17.35 21.10 -5.37
N VAL B 90 -18.39 21.86 -5.72
CA VAL B 90 -19.49 21.22 -6.44
C VAL B 90 -19.10 20.94 -7.87
N THR B 91 -18.45 21.87 -8.57
CA THR B 91 -18.09 21.60 -9.96
C THR B 91 -17.03 20.52 -10.02
N GLU B 92 -16.13 20.51 -9.05
CA GLU B 92 -15.09 19.49 -9.04
C GLU B 92 -15.71 18.10 -9.05
N LEU B 93 -16.76 17.94 -8.22
CA LEU B 93 -17.53 16.68 -8.05
C LEU B 93 -18.37 16.29 -9.28
N GLN B 94 -18.89 17.29 -9.98
CA GLN B 94 -19.61 17.05 -11.21
C GLN B 94 -18.65 16.46 -12.22
N LEU B 95 -17.54 17.12 -12.43
CA LEU B 95 -16.63 16.65 -13.43
C LEU B 95 -16.08 15.24 -13.05
N LEU B 96 -16.07 14.94 -11.75
CA LEU B 96 -15.69 13.61 -11.26
C LEU B 96 -16.61 12.51 -11.81
N MET B 97 -17.90 12.79 -12.03
CA MET B 97 -18.84 11.82 -12.62
C MET B 97 -18.99 12.00 -14.15
N GLN B 98 -18.46 11.04 -14.91
CA GLN B 98 -18.42 11.18 -16.36
C GLN B 98 -18.66 9.83 -17.03
N SER B 99 -19.36 9.89 -18.17
CA SER B 99 -19.67 8.72 -18.99
C SER B 99 -19.72 9.12 -20.51
N PHE B 137 3.20 -17.15 1.97
CA PHE B 137 3.00 -17.98 0.79
C PHE B 137 1.49 -18.13 0.54
N LEU B 138 1.14 -18.86 -0.54
CA LEU B 138 -0.25 -19.33 -0.88
C LEU B 138 -1.47 -18.38 -1.22
N GLY B 139 -1.32 -17.04 -1.19
CA GLY B 139 -2.40 -16.13 -1.55
C GLY B 139 -2.67 -16.00 -3.05
N PHE B 140 -1.92 -16.75 -3.84
CA PHE B 140 -1.96 -16.67 -5.30
C PHE B 140 -2.98 -17.66 -5.78
N LEU B 141 -3.37 -18.54 -4.86
CA LEU B 141 -4.39 -19.57 -5.10
C LEU B 141 -5.83 -19.05 -5.04
N LEU B 142 -5.95 -17.79 -4.70
CA LEU B 142 -7.14 -17.25 -4.12
C LEU B 142 -8.33 -16.93 -5.03
N GLY B 143 -8.08 -16.52 -6.26
CA GLY B 143 -9.23 -16.13 -7.06
C GLY B 143 -9.72 -14.75 -6.63
N VAL B 144 -10.38 -14.07 -7.56
CA VAL B 144 -10.53 -12.64 -7.51
C VAL B 144 -11.93 -12.19 -7.83
N GLY B 145 -12.35 -11.15 -7.14
CA GLY B 145 -13.70 -10.69 -7.24
C GLY B 145 -13.64 -9.20 -7.31
N SER B 146 -14.80 -8.58 -7.56
CA SER B 146 -14.93 -7.15 -7.47
C SER B 146 -15.34 -6.83 -6.02
N ALA B 147 -14.81 -5.73 -5.47
CA ALA B 147 -15.18 -5.35 -4.12
C ALA B 147 -16.48 -4.59 -4.22
N ILE B 148 -16.56 -3.67 -5.17
CA ILE B 148 -17.65 -2.73 -5.07
C ILE B 148 -18.71 -2.85 -6.14
N ALA B 149 -18.92 -4.03 -6.70
CA ALA B 149 -19.97 -4.08 -7.71
C ALA B 149 -21.28 -3.84 -6.99
N SER B 150 -21.36 -4.37 -5.79
CA SER B 150 -22.56 -4.28 -5.03
C SER B 150 -22.84 -2.84 -4.85
N GLY B 151 -21.87 -2.11 -4.30
CA GLY B 151 -22.01 -0.68 -4.06
C GLY B 151 -22.32 0.13 -5.31
N VAL B 152 -21.60 -0.17 -6.38
CA VAL B 152 -21.78 0.51 -7.65
C VAL B 152 -23.12 0.20 -8.27
N ALA B 153 -23.57 -1.03 -8.19
CA ALA B 153 -24.83 -1.38 -8.79
C ALA B 153 -25.98 -0.57 -8.23
N VAL B 154 -25.94 -0.30 -6.93
CA VAL B 154 -26.92 0.58 -6.35
C VAL B 154 -26.66 1.95 -6.92
N CYS B 155 -25.40 2.33 -7.00
CA CYS B 155 -25.07 3.64 -7.45
C CYS B 155 -25.54 3.84 -8.88
N LYS B 156 -25.53 2.79 -9.68
CA LYS B 156 -25.94 2.92 -11.05
C LYS B 156 -27.45 3.10 -11.16
N VAL B 157 -28.15 2.54 -10.18
CA VAL B 157 -29.58 2.62 -10.18
C VAL B 157 -30.02 3.97 -9.71
N LEU B 158 -29.23 4.66 -8.92
CA LEU B 158 -29.65 5.97 -8.48
C LEU B 158 -29.72 6.88 -9.69
N HIS B 159 -29.10 6.47 -10.79
CA HIS B 159 -29.16 7.27 -12.02
C HIS B 159 -30.43 7.11 -12.87
N LEU B 160 -31.27 6.14 -12.54
CA LEU B 160 -32.52 5.90 -13.28
C LEU B 160 -33.44 7.01 -12.90
N GLU B 161 -34.63 7.13 -13.55
CA GLU B 161 -35.25 8.45 -13.62
C GLU B 161 -35.70 8.99 -12.28
N GLY B 162 -36.67 8.37 -11.67
CA GLY B 162 -37.25 9.11 -10.57
C GLY B 162 -36.60 8.77 -9.28
N GLU B 163 -35.56 7.95 -9.36
CA GLU B 163 -34.94 7.36 -8.19
C GLU B 163 -34.37 8.34 -7.20
N VAL B 164 -33.80 9.45 -7.66
CA VAL B 164 -33.25 10.40 -6.71
C VAL B 164 -34.37 11.20 -6.05
N ASN B 165 -35.32 11.72 -6.81
CA ASN B 165 -36.40 12.50 -6.21
C ASN B 165 -37.14 11.68 -5.14
N LYS B 166 -37.15 10.35 -5.30
CA LYS B 166 -37.85 9.48 -4.40
C LYS B 166 -37.22 9.56 -3.05
N ILE B 167 -35.88 9.60 -3.06
CA ILE B 167 -35.10 9.71 -1.83
C ILE B 167 -35.20 11.12 -1.29
N LYS B 168 -35.02 12.12 -2.15
CA LYS B 168 -35.10 13.53 -1.73
C LYS B 168 -36.31 13.69 -0.87
N SER B 169 -37.43 13.12 -1.36
CA SER B 169 -38.73 13.26 -0.71
C SER B 169 -38.86 12.50 0.59
N ALA B 170 -38.28 11.31 0.65
CA ALA B 170 -38.39 10.49 1.85
C ALA B 170 -37.69 11.10 3.03
N LEU B 171 -36.83 12.07 2.74
CA LEU B 171 -35.84 12.53 3.66
C LEU B 171 -35.96 14.01 3.99
N LEU B 172 -37.06 14.71 3.68
CA LEU B 172 -37.06 16.13 4.06
C LEU B 172 -37.82 16.33 5.37
N SER B 173 -38.76 15.44 5.64
CA SER B 173 -39.41 15.43 6.93
C SER B 173 -38.42 15.03 8.05
N THR B 174 -37.59 14.04 7.71
CA THR B 174 -36.76 13.32 8.66
C THR B 174 -35.36 13.00 8.14
N ASN B 175 -34.48 12.57 9.02
CA ASN B 175 -33.06 12.46 8.72
C ASN B 175 -32.59 11.18 8.09
N LYS B 176 -33.24 10.09 8.44
CA LYS B 176 -32.99 8.81 7.86
C LYS B 176 -34.30 8.34 7.35
N ALA B 177 -34.30 7.51 6.35
CA ALA B 177 -35.50 6.76 6.05
C ALA B 177 -35.08 5.64 5.18
N VAL B 178 -35.75 4.47 5.21
CA VAL B 178 -35.38 3.44 4.26
C VAL B 178 -36.26 3.76 3.11
N VAL B 179 -35.79 3.47 1.89
CA VAL B 179 -36.62 3.61 0.69
C VAL B 179 -36.27 2.46 -0.30
N SER B 180 -37.28 2.02 -1.05
CA SER B 180 -37.10 0.95 -2.01
C SER B 180 -36.90 1.53 -3.38
N LEU B 181 -35.82 1.08 -4.01
CA LEU B 181 -35.42 1.51 -5.34
C LEU B 181 -36.35 0.82 -6.37
N SER B 182 -36.24 1.17 -7.67
CA SER B 182 -37.10 0.57 -8.73
C SER B 182 -36.95 -0.96 -8.89
N ASN B 183 -35.84 -1.51 -8.43
CA ASN B 183 -35.61 -2.95 -8.50
C ASN B 183 -35.95 -3.63 -7.18
N GLY B 184 -36.54 -2.87 -6.27
CA GLY B 184 -37.08 -3.47 -5.08
C GLY B 184 -36.10 -3.59 -3.93
N VAL B 185 -34.79 -3.56 -4.17
CA VAL B 185 -33.86 -3.66 -3.02
C VAL B 185 -34.09 -2.48 -2.06
N SER B 186 -34.25 -2.81 -0.78
CA SER B 186 -34.57 -1.82 0.20
C SER B 186 -33.30 -1.28 0.80
N VAL B 187 -33.18 0.03 0.67
CA VAL B 187 -31.93 0.71 0.94
C VAL B 187 -32.02 1.79 1.99
N LEU B 188 -31.10 1.75 2.93
CA LEU B 188 -31.11 2.74 3.98
C LEU B 188 -30.60 4.13 3.51
N THR B 189 -31.31 5.21 3.74
CA THR B 189 -30.83 6.50 3.27
C THR B 189 -30.61 7.49 4.40
N PHE B 190 -29.87 8.56 4.13
CA PHE B 190 -29.35 9.40 5.19
C PHE B 190 -29.04 10.80 4.72
N LYS B 191 -29.57 11.83 5.38
CA LYS B 191 -29.24 13.20 5.03
C LYS B 191 -28.31 13.73 6.09
N VAL B 192 -27.01 13.89 5.78
CA VAL B 192 -26.00 14.17 6.84
C VAL B 192 -25.58 15.62 6.96
N LEU B 193 -25.94 16.42 5.98
CA LEU B 193 -25.61 17.81 6.10
C LEU B 193 -26.71 18.62 5.49
N ASP B 194 -27.13 19.66 6.19
CA ASP B 194 -28.11 20.55 5.61
C ASP B 194 -27.36 21.86 5.44
N LEU B 195 -26.64 21.87 4.32
CA LEU B 195 -25.84 23.00 3.88
C LEU B 195 -26.73 23.90 3.02
N LYS B 196 -27.61 23.25 2.28
CA LYS B 196 -28.52 23.94 1.36
C LYS B 196 -29.35 24.88 2.10
N ASN B 197 -29.87 24.36 3.18
CA ASN B 197 -30.82 25.08 3.95
C ASN B 197 -30.19 26.33 4.56
N TYR B 198 -28.89 26.22 4.81
CA TYR B 198 -28.15 27.33 5.39
C TYR B 198 -28.00 28.47 4.38
N ILE B 199 -27.56 28.13 3.19
CA ILE B 199 -27.33 29.09 2.11
C ILE B 199 -28.64 29.73 1.61
N ASP B 200 -29.67 28.90 1.45
CA ASP B 200 -30.95 29.33 0.86
C ASP B 200 -31.95 30.08 1.77
N LYS B 201 -31.88 29.76 3.08
CA LYS B 201 -32.77 30.36 4.08
C LYS B 201 -32.03 31.08 5.21
N GLN B 202 -30.70 31.18 5.14
CA GLN B 202 -29.96 31.95 6.14
C GLN B 202 -28.82 32.88 5.66
N LEU B 203 -28.47 32.87 4.38
CA LEU B 203 -27.47 33.80 3.88
C LEU B 203 -27.99 34.51 2.68
N LEU B 204 -28.53 33.74 1.75
CA LEU B 204 -29.12 34.30 0.54
C LEU B 204 -30.62 33.98 0.52
N PRO B 205 -31.36 34.52 1.50
CA PRO B 205 -32.79 34.23 1.56
C PRO B 205 -33.53 34.87 0.41
N ILE B 206 -34.85 34.73 0.38
CA ILE B 206 -35.60 35.13 -0.78
C ILE B 206 -36.36 36.38 -0.42
N LEU B 207 -36.07 36.91 0.78
CA LEU B 207 -36.81 38.06 1.25
C LEU B 207 -35.98 39.32 1.27
N ASN B 208 -34.94 39.37 2.09
CA ASN B 208 -34.30 40.65 2.42
C ASN B 208 -32.79 40.37 2.52
N LYS B 209 -31.88 41.16 1.90
CA LYS B 209 -32.06 42.08 0.72
C LYS B 209 -30.81 41.90 -0.24
N GLN B 210 -30.55 40.64 -0.63
CA GLN B 210 -29.44 40.13 -1.50
C GLN B 210 -28.01 40.11 -0.89
N SER B 211 -27.76 40.90 0.17
CA SER B 211 -26.43 41.04 0.79
C SER B 211 -25.29 41.55 -0.12
N CYS B 212 -25.39 42.82 -0.54
CA CYS B 212 -24.29 43.50 -1.23
C CYS B 212 -23.19 43.77 -0.17
N SER B 213 -23.62 44.11 1.06
CA SER B 213 -22.71 44.31 2.20
C SER B 213 -23.34 43.80 3.55
N ILE B 214 -22.98 42.58 3.96
CA ILE B 214 -23.60 41.87 5.14
C ILE B 214 -22.96 42.14 6.54
N SER B 215 -23.60 41.65 7.61
CA SER B 215 -23.43 42.24 8.94
C SER B 215 -22.30 41.74 9.83
N ASN B 216 -22.59 40.78 10.71
CA ASN B 216 -21.63 40.38 11.76
C ASN B 216 -20.62 39.36 11.25
N ILE B 217 -19.54 39.17 11.99
CA ILE B 217 -18.50 38.23 11.54
C ILE B 217 -18.87 36.78 11.87
N GLU B 218 -19.68 36.59 12.92
CA GLU B 218 -20.03 35.24 13.33
C GLU B 218 -20.78 34.51 12.23
N THR B 219 -21.23 35.20 11.19
CA THR B 219 -21.88 34.48 10.10
C THR B 219 -20.82 34.01 9.12
N VAL B 220 -19.70 34.71 9.04
CA VAL B 220 -18.59 34.23 8.24
C VAL B 220 -17.98 32.99 8.87
N ILE B 221 -17.88 32.97 10.19
CA ILE B 221 -17.31 31.83 10.87
C ILE B 221 -18.32 30.72 10.81
N GLU B 222 -19.53 31.03 11.20
CA GLU B 222 -20.58 30.02 11.24
C GLU B 222 -20.74 29.30 9.90
N PHE B 223 -20.40 29.97 8.80
CA PHE B 223 -20.52 29.38 7.48
C PHE B 223 -19.39 28.45 7.16
N GLN B 224 -18.17 28.94 7.25
CA GLN B 224 -17.04 28.14 6.83
C GLN B 224 -16.96 26.91 7.71
N GLN B 225 -17.68 26.93 8.82
CA GLN B 225 -17.83 25.76 9.64
C GLN B 225 -18.74 24.72 9.02
N LYS B 226 -19.96 25.14 8.66
CA LYS B 226 -20.96 24.26 8.06
C LYS B 226 -20.38 23.71 6.81
N ASN B 227 -19.68 24.60 6.12
CA ASN B 227 -19.12 24.29 4.84
C ASN B 227 -17.87 23.39 4.90
N ASN B 228 -17.22 23.32 6.06
CA ASN B 228 -16.02 22.52 6.16
C ASN B 228 -16.17 21.11 5.68
N ARG B 229 -17.18 20.43 6.21
CA ARG B 229 -17.44 19.01 5.96
C ARG B 229 -17.51 18.73 4.49
N LEU B 230 -18.18 19.59 3.73
CA LEU B 230 -18.35 19.35 2.31
C LEU B 230 -17.04 19.44 1.58
N LEU B 231 -16.23 20.43 1.91
CA LEU B 231 -14.93 20.55 1.26
C LEU B 231 -14.08 19.33 1.59
N GLU B 232 -14.10 18.90 2.83
CA GLU B 232 -13.27 17.77 3.17
C GLU B 232 -13.77 16.49 2.58
N ILE B 233 -15.02 16.44 2.14
CA ILE B 233 -15.48 15.22 1.50
C ILE B 233 -14.98 15.27 0.07
N THR B 234 -15.18 16.41 -0.59
CA THR B 234 -14.92 16.44 -2.00
C THR B 234 -13.42 16.31 -2.23
N ARG B 235 -12.65 16.66 -1.21
CA ARG B 235 -11.22 16.50 -1.26
C ARG B 235 -10.92 15.01 -1.19
N GLU B 236 -11.51 14.32 -0.23
CA GLU B 236 -11.25 12.88 -0.07
C GLU B 236 -11.56 12.11 -1.33
N PHE B 237 -12.57 12.52 -2.08
CA PHE B 237 -12.87 11.81 -3.30
C PHE B 237 -11.88 12.17 -4.36
N SER B 238 -11.52 13.44 -4.48
CA SER B 238 -10.75 13.89 -5.63
C SER B 238 -9.36 13.25 -5.71
N VAL B 239 -8.80 13.03 -4.54
CA VAL B 239 -7.54 12.33 -4.47
C VAL B 239 -7.76 10.88 -4.93
N ASN B 240 -8.74 10.22 -4.31
CA ASN B 240 -8.98 8.79 -4.47
C ASN B 240 -9.94 8.40 -5.60
N ALA B 241 -9.99 9.20 -6.66
CA ALA B 241 -10.80 8.87 -7.83
C ALA B 241 -12.18 8.38 -7.49
N GLY B 242 -12.86 9.08 -6.57
CA GLY B 242 -14.25 8.82 -6.27
C GLY B 242 -14.63 7.61 -5.41
N VAL B 243 -13.67 6.87 -4.87
CA VAL B 243 -13.96 5.73 -3.99
C VAL B 243 -13.09 5.76 -2.78
N THR B 244 -13.58 5.90 -1.55
CA THR B 244 -12.61 5.97 -0.46
C THR B 244 -12.78 4.82 0.44
N THR B 245 -11.68 4.24 0.90
CA THR B 245 -11.68 3.45 2.11
C THR B 245 -10.36 3.58 2.73
N PRO B 246 -10.31 3.60 4.06
CA PRO B 246 -11.46 3.51 4.93
C PRO B 246 -12.42 4.73 4.95
N VAL B 247 -13.62 4.45 5.45
CA VAL B 247 -14.69 5.40 5.38
C VAL B 247 -14.49 6.30 6.53
N SER B 248 -13.95 7.47 6.26
CA SER B 248 -13.48 8.34 7.30
C SER B 248 -14.52 9.07 8.09
N THR B 249 -14.09 9.73 9.15
CA THR B 249 -14.97 10.51 10.01
C THR B 249 -15.58 11.68 9.29
N TYR B 250 -15.21 11.87 8.04
CA TYR B 250 -15.78 12.92 7.22
C TYR B 250 -16.95 12.41 6.40
N MET B 251 -16.78 11.25 5.78
CA MET B 251 -17.88 10.59 5.10
C MET B 251 -19.00 10.26 6.11
N LEU B 252 -18.68 9.49 7.14
CA LEU B 252 -19.62 9.15 8.19
C LEU B 252 -19.05 9.37 9.59
N THR B 253 -19.62 10.29 10.35
CA THR B 253 -19.19 10.52 11.73
C THR B 253 -19.55 9.36 12.62
N ASN B 254 -18.93 9.16 13.78
CA ASN B 254 -19.33 8.01 14.57
C ASN B 254 -20.79 7.96 14.90
N SER B 255 -21.36 9.04 15.44
CA SER B 255 -22.79 9.04 15.73
C SER B 255 -23.70 8.55 14.57
N GLU B 256 -23.30 8.83 13.33
CA GLU B 256 -24.05 8.46 12.14
C GLU B 256 -23.87 7.00 11.81
N LEU B 257 -22.64 6.52 11.95
CA LEU B 257 -22.30 5.16 11.58
C LEU B 257 -22.84 4.22 12.62
N LEU B 258 -23.16 4.75 13.80
CA LEU B 258 -23.76 3.92 14.80
C LEU B 258 -25.23 3.81 14.46
N SER B 259 -25.82 4.98 14.15
CA SER B 259 -27.22 5.09 13.76
C SER B 259 -27.52 4.21 12.63
N LEU B 260 -26.59 4.19 11.70
CA LEU B 260 -26.73 3.45 10.46
C LEU B 260 -26.62 1.96 10.72
N ILE B 261 -25.72 1.62 11.62
CA ILE B 261 -25.58 0.23 11.98
C ILE B 261 -26.88 -0.27 12.43
N ASN B 262 -27.48 0.50 13.31
CA ASN B 262 -28.66 0.06 14.02
C ASN B 262 -29.91 -0.21 13.20
N ASP B 263 -30.00 0.39 12.01
CA ASP B 263 -31.20 0.29 11.20
C ASP B 263 -30.95 -0.62 10.03
N MET B 264 -29.79 -1.23 10.08
CA MET B 264 -29.39 -2.15 9.05
C MET B 264 -30.16 -3.44 9.23
N PRO B 265 -30.39 -4.14 8.14
CA PRO B 265 -31.07 -5.43 8.20
C PRO B 265 -30.16 -6.49 8.68
N ILE B 266 -29.70 -6.29 9.91
CA ILE B 266 -28.84 -7.25 10.56
C ILE B 266 -29.40 -7.57 11.95
N THR B 267 -28.73 -8.48 12.65
CA THR B 267 -29.21 -9.04 13.89
C THR B 267 -28.59 -8.31 15.04
N ASN B 268 -29.03 -8.51 16.28
CA ASN B 268 -28.33 -7.87 17.40
C ASN B 268 -26.91 -8.39 17.58
N ASP B 269 -26.70 -9.70 17.44
CA ASP B 269 -25.34 -10.21 17.51
C ASP B 269 -24.41 -9.27 16.71
N GLN B 270 -24.80 -8.86 15.49
CA GLN B 270 -23.95 -7.97 14.72
C GLN B 270 -23.97 -6.55 15.17
N LYS B 271 -25.14 -6.08 15.50
CA LYS B 271 -25.26 -4.70 15.82
C LYS B 271 -24.29 -4.47 16.97
N LYS B 272 -24.02 -5.49 17.77
CA LYS B 272 -23.15 -5.27 18.90
C LYS B 272 -21.69 -5.24 18.52
N LEU B 273 -21.31 -6.28 17.81
CA LEU B 273 -19.98 -6.47 17.30
C LEU B 273 -19.53 -5.20 16.59
N MET B 274 -20.36 -4.73 15.65
CA MET B 274 -20.08 -3.56 14.82
C MET B 274 -19.97 -2.33 15.66
N SER B 275 -20.85 -2.23 16.64
CA SER B 275 -20.93 -1.01 17.41
C SER B 275 -19.79 -0.85 18.32
N ASN B 276 -19.27 -1.97 18.81
CA ASN B 276 -18.15 -1.90 19.72
C ASN B 276 -16.84 -1.83 18.98
N ASN B 277 -16.79 -2.50 17.83
CA ASN B 277 -15.60 -2.47 16.95
C ASN B 277 -15.81 -1.62 15.66
N VAL B 278 -16.34 -0.43 15.90
CA VAL B 278 -16.64 0.50 14.83
C VAL B 278 -15.44 0.93 14.02
N GLN B 279 -14.25 1.00 14.63
CA GLN B 279 -13.08 1.54 13.93
C GLN B 279 -12.53 0.54 12.91
N ILE B 280 -12.87 -0.71 13.15
CA ILE B 280 -12.66 -1.80 12.24
C ILE B 280 -13.76 -1.79 11.16
N VAL B 281 -15.01 -1.52 11.53
CA VAL B 281 -16.02 -1.44 10.49
C VAL B 281 -15.64 -0.39 9.48
N ARG B 282 -15.01 0.69 9.95
CA ARG B 282 -14.61 1.79 9.06
C ARG B 282 -13.62 1.28 8.08
N GLN B 283 -12.82 0.30 8.47
CA GLN B 283 -11.80 -0.17 7.59
C GLN B 283 -12.29 -1.14 6.59
N GLN B 284 -13.42 -1.76 6.85
CA GLN B 284 -13.94 -2.79 5.95
C GLN B 284 -15.13 -2.28 5.16
N SER B 285 -15.18 -0.97 5.05
CA SER B 285 -16.24 -0.31 4.35
C SER B 285 -15.70 0.57 3.23
N TYR B 286 -16.47 0.75 2.19
CA TYR B 286 -16.12 1.66 1.15
C TYR B 286 -17.07 2.86 1.13
N SER B 287 -16.62 3.94 0.52
CA SER B 287 -17.42 5.12 0.34
C SER B 287 -17.33 5.48 -1.10
N ILE B 288 -18.36 5.20 -1.87
CA ILE B 288 -18.33 5.47 -3.27
C ILE B 288 -19.06 6.73 -3.64
N MET B 289 -18.37 7.75 -4.13
CA MET B 289 -19.09 8.93 -4.60
C MET B 289 -19.86 8.51 -5.84
N CYS B 290 -21.15 8.79 -5.80
CA CYS B 290 -22.13 8.21 -6.71
C CYS B 290 -22.82 9.13 -7.72
N ILE B 291 -23.58 10.09 -7.24
CA ILE B 291 -24.26 11.03 -8.11
C ILE B 291 -24.44 12.42 -7.49
N ILE B 292 -24.60 13.41 -8.37
CA ILE B 292 -24.87 14.79 -7.96
C ILE B 292 -25.72 15.47 -9.03
N LYS B 293 -27.03 15.41 -8.84
CA LYS B 293 -28.04 15.91 -9.78
C LYS B 293 -29.14 16.57 -8.97
N GLU B 294 -30.12 17.17 -9.65
CA GLU B 294 -31.17 17.93 -8.99
C GLU B 294 -30.50 18.80 -7.95
N GLU B 295 -30.88 18.72 -6.68
CA GLU B 295 -30.17 19.51 -5.70
C GLU B 295 -29.55 18.70 -4.56
N VAL B 296 -29.14 17.47 -4.86
CA VAL B 296 -28.55 16.54 -3.88
C VAL B 296 -27.17 16.13 -4.28
N LEU B 297 -26.36 15.87 -3.27
CA LEU B 297 -25.13 15.12 -3.43
C LEU B 297 -25.43 13.80 -2.84
N ALA B 298 -25.00 12.74 -3.49
CA ALA B 298 -25.30 11.40 -3.00
C ALA B 298 -24.13 10.47 -3.15
N TYR B 299 -23.64 9.89 -2.05
CA TYR B 299 -22.64 8.85 -2.15
C TYR B 299 -23.09 7.63 -1.44
N VAL B 300 -22.68 6.47 -1.94
CA VAL B 300 -22.96 5.19 -1.32
C VAL B 300 -21.86 4.72 -0.35
N VAL B 301 -22.25 4.35 0.86
CA VAL B 301 -21.34 3.77 1.81
C VAL B 301 -21.70 2.34 1.89
N GLN B 302 -20.76 1.50 1.47
CA GLN B 302 -20.94 0.07 1.34
C GLN B 302 -20.43 -0.62 2.58
N LEU B 303 -21.27 -0.84 3.61
CA LEU B 303 -20.88 -1.51 4.84
C LEU B 303 -20.88 -3.02 4.77
N PRO B 304 -20.16 -3.67 5.71
CA PRO B 304 -20.03 -5.13 5.71
C PRO B 304 -21.08 -5.86 6.50
N LEU B 305 -21.35 -7.07 6.03
CA LEU B 305 -22.22 -7.94 6.75
C LEU B 305 -21.42 -9.06 7.39
N TYR B 306 -21.35 -9.00 8.71
CA TYR B 306 -20.66 -10.08 9.42
C TYR B 306 -21.56 -11.33 9.61
N GLY B 307 -21.56 -12.15 8.56
CA GLY B 307 -22.49 -13.25 8.40
C GLY B 307 -22.19 -14.48 9.17
N VAL B 308 -20.93 -14.68 9.49
CA VAL B 308 -20.58 -15.64 10.50
C VAL B 308 -19.82 -14.87 11.59
N ILE B 309 -20.21 -15.14 12.84
CA ILE B 309 -19.68 -14.50 13.99
C ILE B 309 -19.44 -15.53 15.06
N ASP B 310 -18.34 -15.36 15.77
CA ASP B 310 -18.12 -15.99 17.04
C ASP B 310 -17.83 -17.45 16.91
N THR B 311 -17.47 -17.88 15.73
CA THR B 311 -16.96 -19.21 15.58
C THR B 311 -15.50 -19.12 15.98
N PRO B 312 -14.86 -20.26 16.35
CA PRO B 312 -13.45 -20.25 16.71
C PRO B 312 -12.48 -20.08 15.55
N CYS B 313 -11.38 -19.40 15.84
CA CYS B 313 -10.32 -19.15 14.88
C CYS B 313 -8.99 -19.53 15.45
N TRP B 314 -8.11 -20.05 14.62
CA TRP B 314 -6.76 -20.24 15.08
C TRP B 314 -5.79 -19.68 14.08
N LYS B 315 -4.54 -19.47 14.47
CA LYS B 315 -3.60 -18.86 13.58
C LYS B 315 -2.37 -19.71 13.39
N LEU B 316 -2.07 -20.17 12.19
CA LEU B 316 -0.96 -21.10 11.99
C LEU B 316 0.28 -20.35 11.67
N HIS B 317 1.32 -20.44 12.50
CA HIS B 317 2.62 -19.78 12.25
C HIS B 317 3.67 -20.73 11.71
N THR B 318 4.53 -20.33 10.79
CA THR B 318 5.54 -21.28 10.31
C THR B 318 6.89 -20.63 10.10
N SER B 319 7.93 -21.43 10.29
CA SER B 319 9.30 -21.02 9.96
C SER B 319 10.00 -22.22 9.38
N PRO B 320 11.10 -21.98 8.69
CA PRO B 320 11.68 -23.03 7.90
C PRO B 320 12.51 -23.88 8.81
N LEU B 321 12.54 -25.16 8.49
CA LEU B 321 13.05 -26.23 9.31
C LEU B 321 14.14 -26.92 8.56
N CYS B 322 15.38 -26.79 8.98
CA CYS B 322 16.47 -27.33 8.21
C CYS B 322 17.28 -28.28 9.05
N THR B 323 18.00 -29.17 8.39
CA THR B 323 19.04 -29.93 9.01
C THR B 323 20.12 -29.02 9.58
N THR B 324 20.82 -29.49 10.60
CA THR B 324 21.85 -28.68 11.26
C THR B 324 23.30 -29.05 10.99
N ASN B 325 23.53 -29.65 9.81
CA ASN B 325 24.87 -30.00 9.30
C ASN B 325 25.84 -28.83 9.35
N THR B 326 27.11 -29.15 9.32
CA THR B 326 28.13 -28.15 9.53
C THR B 326 28.69 -27.49 8.27
N LYS B 327 28.68 -28.20 7.13
CA LYS B 327 29.10 -27.63 5.84
C LYS B 327 28.29 -26.36 5.48
N GLU B 328 28.88 -25.40 4.76
CA GLU B 328 28.14 -24.18 4.42
C GLU B 328 27.02 -24.54 3.40
N GLY B 329 27.30 -25.43 2.45
CA GLY B 329 26.22 -26.02 1.65
C GLY B 329 25.76 -27.29 2.32
N SER B 330 25.12 -28.19 1.59
CA SER B 330 24.71 -29.49 2.17
C SER B 330 23.71 -29.44 3.32
N ASN B 331 22.63 -28.70 3.16
CA ASN B 331 21.52 -28.77 4.09
C ASN B 331 20.19 -28.84 3.37
N ILE B 332 19.27 -29.58 3.94
CA ILE B 332 17.98 -29.73 3.39
C ILE B 332 17.01 -28.90 4.28
N CYS B 333 16.09 -28.15 3.70
CA CYS B 333 15.11 -27.40 4.48
C CYS B 333 13.73 -27.70 3.98
N LEU B 334 12.76 -27.40 4.82
CA LEU B 334 11.36 -27.75 4.59
C LEU B 334 10.59 -26.77 5.44
N THR B 335 9.62 -26.07 4.84
CA THR B 335 8.89 -25.02 5.53
C THR B 335 7.39 -25.13 5.35
N ARG B 336 6.56 -25.11 6.40
CA ARG B 336 5.13 -25.21 6.11
C ARG B 336 4.48 -23.98 5.44
N THR B 337 3.79 -24.22 4.32
CA THR B 337 3.20 -23.15 3.52
C THR B 337 1.77 -22.79 3.95
N ASP B 338 1.13 -23.61 4.78
CA ASP B 338 -0.27 -23.33 5.08
C ASP B 338 -0.41 -22.24 6.15
N ARG B 339 0.48 -21.25 6.14
CA ARG B 339 0.47 -20.22 7.18
C ARG B 339 -0.65 -19.29 6.94
N GLY B 340 -1.16 -18.70 8.01
CA GLY B 340 -2.30 -17.78 7.93
C GLY B 340 -3.42 -18.04 8.97
N TRP B 341 -4.54 -17.30 8.89
CA TRP B 341 -5.66 -17.51 9.81
C TRP B 341 -6.62 -18.60 9.40
N TYR B 342 -7.31 -19.16 10.37
CA TYR B 342 -8.29 -20.22 10.12
C TYR B 342 -9.49 -20.01 11.01
N CYS B 343 -10.66 -19.67 10.48
CA CYS B 343 -11.89 -19.73 11.27
C CYS B 343 -12.69 -20.87 10.72
N ASP B 344 -13.43 -21.64 11.54
CA ASP B 344 -14.35 -22.60 10.91
C ASP B 344 -15.70 -21.93 10.84
N ASN B 345 -16.48 -22.23 9.81
CA ASN B 345 -17.72 -21.53 9.62
C ASN B 345 -18.97 -22.36 9.15
N ALA B 346 -18.85 -23.47 8.42
CA ALA B 346 -20.06 -24.33 8.36
C ALA B 346 -19.73 -25.80 8.21
N GLY B 347 -19.09 -26.42 9.20
CA GLY B 347 -18.65 -27.80 9.00
C GLY B 347 -17.56 -27.88 7.93
N SER B 348 -16.84 -26.77 7.79
CA SER B 348 -15.72 -26.61 6.87
C SER B 348 -14.94 -25.42 7.44
N VAL B 349 -13.69 -25.23 7.02
CA VAL B 349 -12.81 -24.21 7.60
C VAL B 349 -12.43 -23.19 6.61
N SER B 350 -12.65 -21.94 6.93
CA SER B 350 -12.28 -20.90 5.98
C SER B 350 -10.82 -20.59 6.25
N PHE B 351 -10.03 -20.55 5.19
CA PHE B 351 -8.61 -20.36 5.35
C PHE B 351 -8.24 -19.05 4.70
N PHE B 352 -7.52 -18.20 5.43
CA PHE B 352 -7.21 -16.85 4.99
C PHE B 352 -5.69 -16.75 4.83
N PRO B 353 -5.16 -16.88 3.61
CA PRO B 353 -3.70 -17.01 3.65
C PRO B 353 -2.92 -15.69 3.92
N GLN B 354 -3.20 -14.52 3.34
CA GLN B 354 -2.33 -13.37 3.67
C GLN B 354 -2.90 -12.54 4.78
N ALA B 355 -2.27 -12.46 5.95
CA ALA B 355 -2.92 -11.76 7.08
C ALA B 355 -2.75 -10.23 6.91
N GLU B 356 -2.68 -9.79 5.66
CA GLU B 356 -3.33 -8.53 5.28
C GLU B 356 -4.83 -8.56 5.51
N THR B 357 -5.53 -9.39 4.74
CA THR B 357 -7.00 -9.59 4.85
C THR B 357 -7.64 -10.00 6.27
N CYS B 358 -6.88 -9.95 7.37
CA CYS B 358 -7.47 -10.15 8.71
C CYS B 358 -6.97 -9.09 9.70
N LYS B 359 -7.86 -8.44 10.44
CA LYS B 359 -7.46 -7.49 11.48
C LYS B 359 -7.98 -7.99 12.78
N VAL B 360 -7.24 -7.87 13.87
CA VAL B 360 -7.74 -8.30 15.16
C VAL B 360 -8.04 -7.18 16.22
N GLN B 361 -8.96 -7.44 17.14
CA GLN B 361 -9.22 -6.59 18.31
C GLN B 361 -9.52 -7.57 19.37
N SER B 362 -8.68 -7.71 20.37
CA SER B 362 -8.90 -8.72 21.39
C SER B 362 -8.85 -10.09 20.77
N ASN B 363 -9.90 -10.86 20.94
CA ASN B 363 -9.97 -12.14 20.29
C ASN B 363 -10.63 -12.05 18.96
N ARG B 364 -11.22 -10.92 18.66
CA ARG B 364 -12.03 -10.85 17.47
C ARG B 364 -11.16 -10.80 16.26
N VAL B 365 -11.39 -11.71 15.33
CA VAL B 365 -10.63 -11.73 14.11
C VAL B 365 -11.47 -11.28 12.98
N PHE B 366 -11.44 -10.01 12.61
CA PHE B 366 -12.23 -9.55 11.46
C PHE B 366 -11.57 -9.95 10.13
N CYS B 367 -12.13 -10.90 9.40
CA CYS B 367 -11.58 -11.25 8.09
C CYS B 367 -12.53 -11.00 6.94
N ASP B 368 -12.03 -11.08 5.72
CA ASP B 368 -12.90 -10.98 4.55
C ASP B 368 -12.92 -12.29 3.72
N THR B 369 -14.10 -12.91 3.59
CA THR B 369 -14.26 -14.24 2.98
C THR B 369 -13.76 -14.28 1.54
N MET B 370 -13.68 -13.14 0.88
CA MET B 370 -13.25 -13.13 -0.52
C MET B 370 -11.78 -13.25 -0.72
N ASN B 371 -11.07 -13.30 0.39
CA ASN B 371 -9.65 -13.59 0.38
C ASN B 371 -9.38 -14.88 1.10
N SER B 372 -10.33 -15.79 0.97
CA SER B 372 -10.29 -17.07 1.64
C SER B 372 -10.35 -18.26 0.67
N LEU B 373 -9.76 -19.39 1.05
CA LEU B 373 -10.14 -20.65 0.46
C LEU B 373 -11.17 -21.28 1.39
N THR B 374 -11.91 -22.30 0.97
CA THR B 374 -12.71 -23.04 1.95
C THR B 374 -12.32 -24.49 1.87
N LEU B 375 -11.88 -24.96 3.03
CA LEU B 375 -11.18 -26.22 3.21
C LEU B 375 -11.83 -27.17 4.20
N PRO B 376 -11.65 -28.46 3.98
CA PRO B 376 -12.16 -29.50 4.84
C PRO B 376 -11.72 -29.32 6.22
N SER B 377 -12.52 -29.83 7.11
CA SER B 377 -12.27 -29.74 8.49
C SER B 377 -10.92 -30.35 8.84
N GLU B 378 -10.58 -31.39 8.09
CA GLU B 378 -9.38 -32.20 8.33
C GLU B 378 -8.09 -31.54 8.03
N VAL B 379 -8.14 -30.27 7.64
CA VAL B 379 -6.90 -29.57 7.39
C VAL B 379 -6.21 -29.49 8.75
N ASN B 380 -6.98 -29.49 9.84
CA ASN B 380 -6.30 -29.32 11.10
C ASN B 380 -5.28 -30.45 11.45
N LEU B 381 -5.29 -31.54 10.68
CA LEU B 381 -4.41 -32.69 10.87
C LEU B 381 -2.98 -32.43 10.46
N CYS B 382 -2.79 -31.45 9.59
CA CYS B 382 -1.46 -30.94 9.35
C CYS B 382 -0.80 -30.35 10.64
N ASN B 383 -1.59 -30.09 11.69
CA ASN B 383 -1.03 -29.55 12.93
C ASN B 383 -0.76 -30.71 13.87
N VAL B 384 -1.67 -31.68 13.87
CA VAL B 384 -1.54 -32.87 14.70
C VAL B 384 -0.50 -33.82 14.16
N ASP B 385 -0.68 -34.28 12.92
CA ASP B 385 0.18 -35.30 12.29
C ASP B 385 0.30 -35.00 10.81
N ILE B 386 1.37 -34.29 10.45
CA ILE B 386 1.53 -33.72 9.09
C ILE B 386 1.65 -34.78 8.04
N PHE B 387 1.86 -36.00 8.52
CA PHE B 387 2.01 -37.13 7.65
C PHE B 387 0.72 -37.89 7.59
N ASN B 388 -0.31 -37.44 8.32
CA ASN B 388 -1.57 -38.15 8.32
C ASN B 388 -2.02 -38.46 6.92
N PRO B 389 -2.91 -39.44 6.80
CA PRO B 389 -3.31 -39.93 5.49
C PRO B 389 -4.42 -39.07 4.85
N LYS B 390 -5.43 -38.71 5.65
CA LYS B 390 -6.69 -38.03 5.23
C LYS B 390 -6.48 -36.74 4.38
N TYR B 391 -5.76 -35.75 4.94
CA TYR B 391 -5.41 -34.48 4.28
C TYR B 391 -3.96 -34.39 3.83
N ASP B 392 -3.65 -33.52 2.88
CA ASP B 392 -2.30 -33.54 2.28
C ASP B 392 -1.51 -32.26 2.51
N CYS B 393 -0.89 -32.13 3.67
CA CYS B 393 -0.43 -30.84 4.12
C CYS B 393 0.63 -30.21 3.20
N LYS B 394 0.67 -28.89 3.07
CA LYS B 394 1.52 -28.27 2.05
C LYS B 394 2.81 -27.78 2.70
N ILE B 395 3.92 -27.89 1.96
CA ILE B 395 5.25 -27.50 2.42
C ILE B 395 6.03 -26.89 1.26
N MET B 396 7.27 -26.55 1.47
CA MET B 396 8.08 -26.09 0.35
C MET B 396 9.50 -26.36 0.72
N THR B 397 10.21 -26.98 -0.19
CA THR B 397 11.50 -27.55 0.13
C THR B 397 12.61 -26.61 -0.30
N SER B 398 13.82 -26.87 0.15
CA SER B 398 14.89 -25.91 -0.08
C SER B 398 16.24 -26.40 0.35
N LYS B 399 17.26 -25.68 -0.07
CA LYS B 399 18.60 -25.96 0.39
C LYS B 399 19.15 -24.71 1.06
N THR B 400 18.24 -23.74 1.27
CA THR B 400 18.57 -22.36 1.70
C THR B 400 18.38 -22.23 3.21
N ASP B 401 19.35 -22.71 3.96
CA ASP B 401 19.23 -22.77 5.41
C ASP B 401 19.60 -21.41 5.94
N VAL B 402 18.59 -20.56 6.10
CA VAL B 402 18.87 -19.19 6.44
C VAL B 402 18.11 -18.71 7.70
N SER B 403 18.86 -18.08 8.61
CA SER B 403 18.41 -17.89 9.99
C SER B 403 17.36 -16.80 10.02
N SER B 404 16.32 -17.00 10.81
CA SER B 404 15.29 -16.00 10.94
C SER B 404 14.39 -16.35 12.12
N SER B 405 13.57 -15.41 12.55
CA SER B 405 12.52 -15.72 13.51
C SER B 405 11.14 -15.25 13.00
N VAL B 406 10.11 -15.86 13.58
CA VAL B 406 8.71 -15.63 13.30
C VAL B 406 7.98 -15.42 14.61
N ILE B 407 7.56 -14.21 14.90
CA ILE B 407 6.95 -13.97 16.17
C ILE B 407 5.50 -14.42 16.17
N THR B 408 5.05 -15.16 17.19
CA THR B 408 3.67 -15.64 17.27
C THR B 408 2.83 -14.79 18.20
N SER B 409 1.63 -15.31 18.52
CA SER B 409 0.69 -14.58 19.37
C SER B 409 1.15 -14.53 20.79
N LEU B 410 1.70 -15.62 21.30
CA LEU B 410 2.14 -15.66 22.69
C LEU B 410 3.64 -16.02 22.90
N GLY B 411 4.46 -15.98 21.86
CA GLY B 411 5.84 -16.44 21.99
C GLY B 411 6.61 -16.09 20.74
N ALA B 412 7.70 -16.81 20.46
CA ALA B 412 8.46 -16.65 19.21
C ALA B 412 9.05 -17.97 18.70
N ILE B 413 9.01 -18.20 17.39
CA ILE B 413 9.68 -19.34 16.80
C ILE B 413 11.04 -18.86 16.37
N VAL B 414 12.11 -19.64 16.58
CA VAL B 414 13.42 -19.19 16.13
C VAL B 414 14.01 -20.27 15.28
N SER B 415 14.33 -19.95 14.02
CA SER B 415 14.95 -20.90 13.12
C SER B 415 16.38 -20.47 13.03
N CYS B 416 17.28 -21.15 13.73
CA CYS B 416 18.69 -20.71 13.77
C CYS B 416 19.58 -21.66 13.03
N TYR B 417 20.27 -21.18 12.00
CA TYR B 417 21.19 -22.02 11.23
C TYR B 417 22.53 -21.36 10.86
N GLY B 418 23.50 -22.23 10.57
CA GLY B 418 24.83 -21.80 10.20
C GLY B 418 25.55 -21.22 11.38
N LYS B 419 26.34 -20.22 11.14
CA LYS B 419 27.14 -19.68 12.19
C LYS B 419 26.40 -18.57 12.88
N THR B 420 25.08 -18.49 12.69
CA THR B 420 24.25 -17.33 13.15
C THR B 420 24.11 -17.35 14.66
N LYS B 421 23.98 -16.16 15.27
CA LYS B 421 23.86 -16.04 16.72
C LYS B 421 22.43 -15.81 17.12
N CYS B 422 21.86 -16.69 17.93
CA CYS B 422 20.45 -16.56 18.28
C CYS B 422 20.28 -16.62 19.76
N THR B 423 19.88 -15.51 20.32
CA THR B 423 19.72 -15.42 21.75
C THR B 423 18.27 -15.15 22.03
N ALA B 424 17.91 -15.12 23.30
CA ALA B 424 16.63 -14.61 23.72
C ALA B 424 16.88 -13.84 24.98
N SER B 425 16.64 -12.54 24.94
CA SER B 425 16.89 -11.73 26.11
C SER B 425 15.62 -11.45 26.81
N ASN B 426 15.79 -10.83 27.97
CA ASN B 426 14.70 -10.37 28.81
C ASN B 426 15.04 -8.96 29.19
N LYS B 427 14.07 -8.23 29.66
CA LYS B 427 14.23 -6.81 29.92
C LYS B 427 15.22 -6.51 31.06
N ASN B 428 15.38 -7.45 31.99
CA ASN B 428 16.13 -7.22 33.23
C ASN B 428 17.28 -8.16 33.41
N ARG B 429 17.09 -9.47 33.18
CA ARG B 429 18.20 -10.43 33.33
C ARG B 429 19.12 -10.47 32.08
N GLY B 430 18.80 -9.68 31.09
CA GLY B 430 19.60 -9.72 29.90
C GLY B 430 19.31 -11.03 29.22
N ILE B 431 20.32 -11.58 28.57
CA ILE B 431 20.18 -12.86 27.86
C ILE B 431 19.90 -14.05 28.71
N ILE B 432 18.86 -14.78 28.33
CA ILE B 432 18.45 -15.98 29.08
C ILE B 432 18.19 -17.23 28.25
N LYS B 433 18.59 -17.24 27.00
CA LYS B 433 18.68 -18.49 26.26
C LYS B 433 19.55 -18.17 25.10
N THR B 434 20.33 -19.15 24.67
CA THR B 434 21.06 -19.03 23.41
C THR B 434 20.76 -20.26 22.56
N PHE B 435 20.06 -20.08 21.45
CA PHE B 435 19.50 -21.21 20.69
C PHE B 435 20.59 -21.97 19.93
N SER B 436 20.43 -23.28 19.87
CA SER B 436 21.38 -24.10 19.12
C SER B 436 20.68 -24.25 17.81
N ASN B 437 21.45 -24.65 16.81
CA ASN B 437 20.97 -24.71 15.44
C ASN B 437 19.77 -25.68 15.31
N GLY B 438 18.74 -25.24 14.59
CA GLY B 438 17.49 -25.94 14.50
C GLY B 438 16.34 -25.00 14.83
N CYS B 439 15.11 -25.51 14.80
CA CYS B 439 13.92 -24.71 15.06
C CYS B 439 13.45 -24.92 16.48
N ASP B 440 13.50 -23.86 17.27
CA ASP B 440 13.18 -23.91 18.70
C ASP B 440 12.12 -22.86 18.95
N TYR B 441 11.61 -22.79 20.16
CA TYR B 441 10.49 -21.92 20.47
C TYR B 441 10.65 -21.35 21.87
N VAL B 442 10.02 -20.21 22.12
CA VAL B 442 10.21 -19.51 23.38
C VAL B 442 8.90 -18.83 23.72
N SER B 443 8.45 -19.08 24.94
CA SER B 443 7.25 -18.47 25.46
C SER B 443 7.47 -17.02 25.68
N ASN B 444 6.40 -16.25 25.65
CA ASN B 444 6.55 -14.85 25.98
C ASN B 444 6.49 -14.50 27.46
N LYS B 445 6.55 -15.54 28.32
CA LYS B 445 6.46 -15.37 29.78
C LYS B 445 7.64 -14.61 30.28
N GLY B 446 8.80 -15.20 30.12
CA GLY B 446 10.00 -14.63 30.71
C GLY B 446 10.93 -13.93 29.72
N VAL B 447 10.32 -13.61 28.57
CA VAL B 447 11.02 -13.11 27.41
C VAL B 447 10.41 -11.80 26.90
N ASP B 448 11.28 -10.87 26.48
CA ASP B 448 10.87 -9.55 26.02
C ASP B 448 11.26 -9.34 24.56
N THR B 449 12.42 -9.89 24.22
CA THR B 449 12.98 -9.86 22.88
C THR B 449 13.56 -11.22 22.52
N VAL B 450 13.79 -11.45 21.24
CA VAL B 450 14.48 -12.64 20.74
C VAL B 450 15.34 -12.05 19.67
N SER B 451 16.63 -12.30 19.62
CA SER B 451 17.42 -11.63 18.59
C SER B 451 18.11 -12.65 17.72
N VAL B 452 18.01 -12.52 16.41
CA VAL B 452 18.60 -13.47 15.50
C VAL B 452 19.44 -12.82 14.41
N GLY B 453 20.71 -13.16 14.39
CA GLY B 453 21.63 -12.45 13.52
C GLY B 453 21.69 -11.04 14.05
N ASN B 454 21.34 -10.13 13.17
CA ASN B 454 21.48 -8.74 13.45
C ASN B 454 20.16 -8.04 13.69
N THR B 455 19.08 -8.82 13.64
CA THR B 455 17.73 -8.28 13.74
C THR B 455 17.17 -8.54 15.15
N LEU B 456 16.74 -7.48 15.81
CA LEU B 456 16.05 -7.65 17.09
C LEU B 456 14.57 -7.72 16.93
N TYR B 457 13.96 -8.76 17.49
CA TYR B 457 12.51 -8.89 17.49
C TYR B 457 11.92 -8.55 18.89
N TYR B 458 11.02 -7.55 19.01
CA TYR B 458 10.35 -7.30 20.31
C TYR B 458 9.22 -8.30 20.26
N VAL B 459 9.01 -9.09 21.31
CA VAL B 459 8.05 -10.20 21.25
C VAL B 459 6.75 -9.77 21.91
N ASN B 460 5.63 -10.42 21.56
CA ASN B 460 4.31 -9.93 21.97
C ASN B 460 4.05 -10.14 23.44
N LYS B 461 3.56 -9.13 24.14
CA LYS B 461 3.35 -9.27 25.60
C LYS B 461 1.85 -9.43 25.97
N GLN B 462 1.19 -10.33 25.26
CA GLN B 462 -0.19 -10.64 25.54
C GLN B 462 -0.11 -11.71 26.60
N GLU B 463 -1.20 -11.91 27.32
CA GLU B 463 -1.21 -12.87 28.42
C GLU B 463 -1.85 -14.10 27.88
N GLY B 464 -1.29 -15.27 28.18
CA GLY B 464 -1.81 -16.52 27.62
C GLY B 464 -0.92 -17.76 27.77
N LYS B 465 -1.51 -18.96 27.75
CA LYS B 465 -0.74 -20.13 28.08
C LYS B 465 -0.17 -20.80 26.82
N SER B 466 1.15 -21.07 26.83
CA SER B 466 1.87 -21.67 25.70
C SER B 466 2.41 -23.05 26.03
N LEU B 467 2.36 -23.98 25.11
CA LEU B 467 2.78 -25.34 25.36
C LEU B 467 3.73 -25.85 24.32
N TYR B 468 4.90 -26.29 24.71
CA TYR B 468 5.87 -26.76 23.74
C TYR B 468 5.63 -28.21 23.47
N VAL B 469 5.18 -28.56 22.29
CA VAL B 469 4.90 -29.96 22.00
C VAL B 469 6.14 -30.59 21.41
N LYS B 470 6.84 -31.41 22.20
CA LYS B 470 8.10 -32.03 21.75
C LYS B 470 7.94 -33.03 20.59
N GLY B 471 8.92 -33.03 19.73
CA GLY B 471 8.87 -33.89 18.58
C GLY B 471 10.13 -33.83 17.75
N GLU B 472 10.39 -34.92 17.02
CA GLU B 472 11.55 -35.00 16.16
C GLU B 472 11.23 -34.18 14.93
N PRO B 473 12.09 -33.23 14.55
CA PRO B 473 11.79 -32.46 13.34
C PRO B 473 11.75 -33.37 12.11
N ILE B 474 10.77 -33.23 11.23
CA ILE B 474 10.52 -34.26 10.24
C ILE B 474 11.50 -34.22 9.13
N ILE B 475 12.25 -33.15 8.95
CA ILE B 475 13.22 -33.15 7.86
C ILE B 475 14.28 -34.20 8.12
N ASN B 476 14.30 -34.75 9.33
CA ASN B 476 15.23 -35.82 9.62
C ASN B 476 14.84 -37.06 8.90
N PHE B 477 13.59 -37.27 8.60
CA PHE B 477 13.21 -38.54 8.00
C PHE B 477 13.50 -38.60 6.51
N TYR B 478 14.04 -37.52 5.95
CA TYR B 478 14.33 -37.46 4.51
C TYR B 478 15.80 -37.75 4.36
N ASP B 479 16.16 -38.58 3.37
CA ASP B 479 17.56 -38.79 2.94
C ASP B 479 17.99 -37.77 1.91
N PRO B 480 18.91 -36.86 2.25
CA PRO B 480 19.18 -35.68 1.42
C PRO B 480 19.83 -35.91 0.06
N LEU B 481 20.31 -37.11 -0.20
CA LEU B 481 20.88 -37.42 -1.52
C LEU B 481 19.80 -37.57 -2.59
N VAL B 482 18.53 -37.59 -2.17
CA VAL B 482 17.36 -37.75 -3.07
C VAL B 482 16.13 -36.89 -2.70
N PHE B 483 16.35 -35.83 -1.95
CA PHE B 483 15.30 -34.93 -1.56
C PHE B 483 15.22 -33.74 -2.48
N PRO B 484 14.04 -33.47 -3.05
CA PRO B 484 13.92 -32.37 -4.00
C PRO B 484 14.23 -30.99 -3.42
N SER B 485 15.43 -30.47 -3.62
CA SER B 485 15.77 -29.19 -3.01
C SER B 485 14.96 -28.06 -3.63
N ASP B 486 14.48 -28.24 -4.86
CA ASP B 486 13.68 -27.21 -5.48
C ASP B 486 12.24 -27.64 -5.61
N GLU B 487 11.40 -26.97 -4.82
CA GLU B 487 9.96 -27.16 -4.86
C GLU B 487 9.25 -25.93 -4.25
N PHE B 488 8.56 -25.12 -5.06
CA PHE B 488 8.15 -23.80 -4.57
C PHE B 488 6.73 -23.73 -3.93
N ASP B 489 5.89 -24.74 -4.09
CA ASP B 489 4.65 -24.74 -3.32
C ASP B 489 4.07 -26.09 -2.97
N ALA B 490 4.78 -27.14 -3.37
CA ALA B 490 4.22 -28.48 -3.33
C ALA B 490 3.84 -29.01 -1.93
N SER B 491 3.20 -30.16 -1.94
CA SER B 491 2.61 -30.77 -0.77
C SER B 491 3.56 -31.76 -0.16
N ILE B 492 3.10 -32.50 0.85
CA ILE B 492 3.87 -33.64 1.33
C ILE B 492 3.95 -34.68 0.25
N SER B 493 2.79 -35.17 -0.17
CA SER B 493 2.71 -36.22 -1.18
C SER B 493 3.37 -35.84 -2.49
N GLN B 494 3.24 -34.59 -2.92
CA GLN B 494 3.94 -34.20 -4.13
C GLN B 494 5.46 -34.44 -3.93
N VAL B 495 5.98 -34.29 -2.71
CA VAL B 495 7.41 -34.53 -2.47
C VAL B 495 7.72 -36.01 -2.33
N ASN B 496 6.86 -36.75 -1.65
CA ASN B 496 7.03 -38.18 -1.53
C ASN B 496 6.91 -38.84 -2.91
N GLU B 497 6.30 -38.16 -3.88
CA GLU B 497 6.25 -38.74 -5.22
C GLU B 497 7.65 -38.65 -5.79
N LYS B 498 8.16 -37.44 -5.82
CA LYS B 498 9.45 -37.21 -6.43
C LYS B 498 10.52 -38.08 -5.81
N ILE B 499 10.27 -38.67 -4.66
CA ILE B 499 11.28 -39.49 -3.99
C ILE B 499 11.11 -40.93 -4.42
N ASN B 500 9.90 -41.46 -4.33
CA ASN B 500 9.57 -42.79 -4.85
C ASN B 500 10.02 -42.96 -6.32
N GLN B 501 10.09 -41.85 -7.06
CA GLN B 501 10.52 -41.84 -8.45
C GLN B 501 12.02 -42.00 -8.49
N SER B 502 12.71 -41.14 -7.74
CA SER B 502 14.18 -41.12 -7.69
C SER B 502 14.78 -42.44 -7.19
N LEU B 503 14.00 -43.24 -6.49
CA LEU B 503 14.48 -44.55 -6.01
C LEU B 503 14.21 -45.65 -7.05
N ALA B 504 13.13 -45.47 -7.81
CA ALA B 504 12.77 -46.36 -8.91
C ALA B 504 13.75 -46.19 -10.08
N PHE B 505 14.19 -44.94 -10.31
CA PHE B 505 15.25 -44.61 -11.26
C PHE B 505 16.52 -45.41 -10.89
N ILE B 506 16.56 -45.91 -9.65
CA ILE B 506 17.55 -46.91 -9.27
C ILE B 506 17.01 -48.31 -9.71
N ARG B 507 17.05 -48.51 -11.03
CA ARG B 507 16.95 -49.83 -11.65
C ARG B 507 18.26 -49.83 -12.39
N LYS B 508 19.15 -50.67 -11.93
CA LYS B 508 20.46 -50.78 -12.52
C LYS B 508 20.34 -51.78 -13.70
N SER B 509 21.47 -52.13 -14.34
CA SER B 509 21.47 -53.08 -15.47
C SER B 509 20.40 -52.70 -16.51
N GLY C 25 -24.34 1.26 -32.08
CA GLY C 25 -24.84 0.73 -30.81
C GLY C 25 -24.01 1.12 -29.59
N GLN C 26 -24.07 0.31 -28.53
CA GLN C 26 -23.34 0.62 -27.31
C GLN C 26 -21.90 0.06 -27.40
N ASN C 27 -21.27 -0.26 -26.26
CA ASN C 27 -19.80 -0.10 -26.12
C ASN C 27 -18.93 -1.35 -26.00
N ILE C 28 -18.96 -2.04 -24.83
CA ILE C 28 -17.93 -3.04 -24.51
C ILE C 28 -18.52 -4.43 -24.44
N THR C 29 -17.72 -5.41 -24.80
CA THR C 29 -18.18 -6.78 -25.00
C THR C 29 -17.21 -7.78 -24.40
N GLU C 30 -17.63 -9.02 -24.18
CA GLU C 30 -16.78 -10.05 -23.54
C GLU C 30 -17.04 -11.44 -24.11
N GLU C 31 -16.04 -12.33 -24.12
CA GLU C 31 -16.28 -13.74 -24.49
C GLU C 31 -15.48 -14.68 -23.64
N PHE C 32 -16.10 -15.82 -23.32
CA PHE C 32 -15.48 -16.82 -22.43
C PHE C 32 -15.08 -18.01 -23.25
N TYR C 33 -13.88 -18.49 -23.00
CA TYR C 33 -13.34 -19.60 -23.73
C TYR C 33 -13.37 -20.82 -22.83
N GLN C 34 -14.24 -21.76 -23.12
CA GLN C 34 -14.45 -22.90 -22.22
C GLN C 34 -13.21 -23.76 -22.18
N SER C 35 -12.42 -23.65 -23.23
CA SER C 35 -11.30 -24.55 -23.43
C SER C 35 -10.13 -24.25 -22.57
N THR C 36 -9.99 -23.00 -22.18
CA THR C 36 -8.84 -22.58 -21.40
C THR C 36 -9.26 -21.84 -20.11
N CYS C 37 -10.52 -21.95 -19.75
CA CYS C 37 -11.04 -21.37 -18.52
C CYS C 37 -10.60 -19.93 -18.43
N SER C 38 -10.93 -19.18 -19.44
CA SER C 38 -10.61 -17.76 -19.43
C SER C 38 -11.59 -16.92 -20.23
N ALA C 39 -11.53 -15.62 -20.02
CA ALA C 39 -12.34 -14.72 -20.79
C ALA C 39 -11.60 -13.42 -21.06
N VAL C 40 -11.83 -12.83 -22.24
CA VAL C 40 -11.34 -11.50 -22.53
C VAL C 40 -12.50 -10.53 -22.75
N SER C 41 -12.26 -9.30 -22.33
CA SER C 41 -13.22 -8.22 -22.42
C SER C 41 -12.59 -7.23 -23.36
N LYS C 42 -13.27 -6.95 -24.47
CA LYS C 42 -12.73 -6.07 -25.49
C LYS C 42 -13.63 -4.89 -25.61
N GLY C 43 -13.16 -3.83 -26.25
CA GLY C 43 -13.99 -2.68 -26.49
C GLY C 43 -13.60 -1.50 -25.65
N TYR C 44 -12.52 -1.68 -24.91
CA TYR C 44 -12.01 -0.63 -24.06
C TYR C 44 -11.13 0.22 -24.95
N LEU C 45 -10.72 1.37 -24.42
CA LEU C 45 -9.92 2.35 -25.12
C LEU C 45 -8.72 2.79 -24.25
N SER C 46 -7.50 2.69 -24.77
CA SER C 46 -6.30 2.98 -24.00
C SER C 46 -6.15 4.42 -23.50
N ALA C 47 -5.28 4.53 -22.51
CA ALA C 47 -4.72 5.80 -22.09
C ALA C 47 -3.39 5.50 -21.37
N LEU C 48 -2.33 5.30 -22.16
CA LEU C 48 -1.05 4.91 -21.63
C LEU C 48 -0.24 6.13 -21.26
N ARG C 49 0.48 6.06 -20.13
CA ARG C 49 1.40 7.11 -19.73
C ARG C 49 2.68 6.70 -20.35
N THR C 50 3.23 7.52 -21.22
CA THR C 50 4.47 7.16 -21.85
C THR C 50 5.59 8.05 -21.43
N GLY C 51 5.28 9.32 -21.17
CA GLY C 51 6.33 10.25 -20.82
C GLY C 51 5.96 11.20 -19.72
N TRP C 52 6.96 11.89 -19.21
CA TRP C 52 6.73 12.77 -18.10
C TRP C 52 7.01 14.19 -18.45
N TYR C 53 6.05 15.05 -18.19
CA TYR C 53 6.28 16.46 -18.38
C TYR C 53 6.49 17.09 -17.01
N THR C 54 7.58 17.79 -16.85
CA THR C 54 7.89 18.43 -15.60
C THR C 54 7.44 19.89 -15.70
N SER C 55 6.91 20.45 -14.62
CA SER C 55 6.51 21.86 -14.56
C SER C 55 6.82 22.35 -13.18
N VAL C 56 7.15 23.61 -13.06
CA VAL C 56 7.60 24.14 -11.78
C VAL C 56 6.53 25.05 -11.15
N ILE C 57 6.06 24.71 -9.97
CA ILE C 57 5.12 25.55 -9.26
C ILE C 57 5.86 26.35 -8.20
N THR C 58 5.65 27.67 -8.15
CA THR C 58 6.29 28.49 -7.13
C THR C 58 5.28 29.18 -6.24
N ILE C 59 5.68 29.44 -5.01
CA ILE C 59 4.88 30.23 -4.08
C ILE C 59 5.79 31.30 -3.59
N GLU C 60 5.33 32.54 -3.52
CA GLU C 60 6.21 33.64 -3.11
C GLU C 60 6.12 33.86 -1.62
N LEU C 61 7.28 34.03 -1.01
CA LEU C 61 7.38 34.08 0.45
C LEU C 61 7.83 35.43 0.97
N SER C 62 7.27 35.86 2.10
CA SER C 62 7.83 36.97 2.84
C SER C 62 8.88 36.36 3.78
N ASN C 63 10.04 36.99 3.88
CA ASN C 63 11.15 36.45 4.67
C ASN C 63 11.34 37.28 5.94
N ILE C 64 10.23 37.53 6.64
CA ILE C 64 10.19 38.56 7.71
C ILE C 64 11.12 38.39 8.90
N LYS C 65 11.28 39.53 9.57
CA LYS C 65 12.00 39.65 10.81
C LYS C 65 11.11 39.65 12.06
N GLU C 66 11.31 38.64 12.91
CA GLU C 66 10.47 38.47 14.09
C GLU C 66 10.93 39.48 15.12
N ASN C 67 10.55 40.74 14.88
CA ASN C 67 10.56 41.81 15.87
C ASN C 67 9.41 42.77 15.51
N LYS C 68 8.48 42.26 14.71
CA LYS C 68 7.27 43.01 14.41
C LYS C 68 6.62 43.20 15.79
N CYS C 69 6.17 44.44 16.05
CA CYS C 69 5.81 44.95 17.40
C CYS C 69 5.30 43.93 18.43
N ASN C 70 6.04 43.89 19.53
CA ASN C 70 5.90 42.88 20.59
C ASN C 70 4.69 43.19 21.50
N GLY C 71 3.53 43.42 20.88
CA GLY C 71 2.32 43.75 21.63
C GLY C 71 1.43 42.59 22.11
N THR C 72 0.57 42.90 23.08
CA THR C 72 -0.43 41.95 23.62
C THR C 72 -1.84 42.59 23.63
N ASP C 73 -2.45 42.57 22.46
CA ASP C 73 -3.83 42.99 22.25
C ASP C 73 -4.63 41.70 22.00
N ALA C 74 -5.96 41.76 22.00
CA ALA C 74 -6.78 40.56 21.82
C ALA C 74 -6.43 39.73 20.54
N LYS C 75 -6.42 40.41 19.40
CA LYS C 75 -6.30 39.79 18.08
C LYS C 75 -4.87 39.92 17.50
N VAL C 76 -4.06 40.81 18.08
CA VAL C 76 -2.63 40.88 17.75
C VAL C 76 -1.94 39.61 18.27
N LYS C 77 -2.50 39.04 19.33
CA LYS C 77 -1.96 37.82 19.88
C LYS C 77 -2.33 36.67 18.95
N LEU C 78 -3.42 36.84 18.18
CA LEU C 78 -3.90 35.83 17.21
C LEU C 78 -3.11 35.92 15.92
N ILE C 79 -2.80 37.14 15.50
CA ILE C 79 -1.95 37.27 14.34
C ILE C 79 -0.58 36.70 14.68
N LYS C 80 0.01 37.14 15.80
CA LYS C 80 1.37 36.72 16.17
C LYS C 80 1.43 35.19 16.29
N GLN C 81 0.26 34.63 16.57
CA GLN C 81 0.06 33.22 16.71
C GLN C 81 0.13 32.64 15.30
N GLU C 82 -0.46 33.37 14.35
CA GLU C 82 -0.45 32.97 12.93
C GLU C 82 0.90 33.17 12.24
N LEU C 83 1.64 34.21 12.58
CA LEU C 83 2.94 34.36 11.97
C LEU C 83 3.75 33.15 12.39
N ASP C 84 3.60 32.75 13.64
CA ASP C 84 4.36 31.61 14.11
C ASP C 84 4.06 30.43 13.22
N LYS C 85 2.78 30.21 12.95
CA LYS C 85 2.38 29.04 12.20
C LYS C 85 3.16 29.04 10.92
N TYR C 86 3.23 30.23 10.30
CA TYR C 86 3.95 30.45 9.04
C TYR C 86 5.47 30.35 9.12
N LYS C 87 6.04 31.11 10.05
CA LYS C 87 7.48 31.26 10.09
C LYS C 87 8.09 29.86 10.34
N ASN C 88 7.36 29.05 11.11
CA ASN C 88 7.78 27.68 11.42
C ASN C 88 7.68 26.77 10.19
N ALA C 89 6.60 26.97 9.44
CA ALA C 89 6.36 26.18 8.25
C ALA C 89 7.41 26.51 7.15
N VAL C 90 8.00 27.69 7.19
CA VAL C 90 9.03 27.97 6.21
C VAL C 90 10.30 27.23 6.61
N THR C 91 10.63 27.23 7.92
CA THR C 91 11.83 26.53 8.38
C THR C 91 11.62 25.01 8.35
N GLU C 92 10.43 24.57 8.72
CA GLU C 92 10.10 23.15 8.67
C GLU C 92 10.42 22.66 7.26
N LEU C 93 10.07 23.49 6.27
CA LEU C 93 10.38 23.21 4.87
C LEU C 93 11.85 23.35 4.50
N GLN C 94 12.53 24.35 5.07
CA GLN C 94 13.95 24.48 4.82
C GLN C 94 14.71 23.23 5.33
N LEU C 95 14.41 22.81 6.55
CA LEU C 95 15.06 21.63 7.12
C LEU C 95 14.79 20.39 6.25
N LEU C 96 13.69 20.43 5.51
CA LEU C 96 13.38 19.36 4.58
C LEU C 96 14.38 19.22 3.42
N MET C 97 15.02 20.31 2.99
CA MET C 97 16.05 20.20 1.94
C MET C 97 17.46 20.14 2.52
N GLN C 98 18.03 18.94 2.49
CA GLN C 98 19.32 18.64 3.11
C GLN C 98 20.06 17.59 2.25
N SER C 99 21.36 17.83 2.05
CA SER C 99 22.27 16.94 1.28
C SER C 99 23.69 16.88 1.92
N PHE C 137 -0.04 -12.98 -11.37
CA PHE C 137 1.24 -13.62 -11.64
C PHE C 137 1.97 -12.66 -12.60
N LEU C 138 3.20 -13.03 -12.99
CA LEU C 138 4.02 -12.40 -14.09
C LEU C 138 4.48 -10.94 -13.95
N GLY C 139 4.22 -10.24 -12.85
CA GLY C 139 4.74 -8.88 -12.74
C GLY C 139 6.21 -8.87 -12.42
N PHE C 140 6.82 -10.05 -12.26
CA PHE C 140 8.20 -10.19 -11.80
C PHE C 140 9.14 -10.19 -12.99
N LEU C 141 8.53 -10.36 -14.16
CA LEU C 141 9.23 -10.29 -15.45
C LEU C 141 9.54 -8.85 -15.87
N LEU C 142 9.07 -7.89 -15.08
CA LEU C 142 8.79 -6.52 -15.53
C LEU C 142 9.95 -5.53 -15.70
N GLY C 143 10.94 -5.60 -14.83
CA GLY C 143 12.00 -4.61 -14.92
C GLY C 143 11.56 -3.29 -14.33
N VAL C 144 12.53 -2.50 -13.89
CA VAL C 144 12.29 -1.45 -12.94
C VAL C 144 12.90 -0.20 -13.39
N GLY C 145 12.38 0.91 -12.92
CA GLY C 145 12.85 2.20 -13.35
C GLY C 145 12.91 3.10 -12.13
N SER C 146 13.46 4.29 -12.32
CA SER C 146 13.26 5.34 -11.36
C SER C 146 12.11 6.08 -11.93
N ALA C 147 11.21 6.43 -11.02
CA ALA C 147 9.95 7.04 -11.36
C ALA C 147 10.06 8.52 -11.53
N ILE C 148 10.69 9.19 -10.58
CA ILE C 148 10.69 10.64 -10.67
C ILE C 148 12.05 11.17 -11.09
N ALA C 149 12.81 10.41 -11.85
CA ALA C 149 14.13 10.89 -12.17
C ALA C 149 14.01 12.20 -12.95
N SER C 150 13.01 12.23 -13.82
CA SER C 150 12.76 13.35 -14.70
C SER C 150 12.51 14.60 -13.93
N GLY C 151 11.63 14.50 -12.95
CA GLY C 151 11.28 15.62 -12.09
C GLY C 151 12.44 16.12 -11.24
N VAL C 152 13.15 15.18 -10.62
CA VAL C 152 14.23 15.55 -9.74
C VAL C 152 15.32 16.19 -10.55
N ALA C 153 15.57 15.63 -11.73
CA ALA C 153 16.59 16.17 -12.58
C ALA C 153 16.31 17.65 -12.84
N VAL C 154 15.04 18.03 -13.05
CA VAL C 154 14.70 19.44 -13.21
C VAL C 154 14.87 20.14 -11.86
N CYS C 155 14.51 19.45 -10.81
CA CYS C 155 14.60 20.04 -9.50
C CYS C 155 16.08 20.32 -9.16
N LYS C 156 16.97 19.43 -9.61
CA LYS C 156 18.44 19.51 -9.44
C LYS C 156 19.03 20.67 -10.27
N VAL C 157 18.40 20.94 -11.41
CA VAL C 157 18.89 21.96 -12.31
C VAL C 157 18.47 23.27 -11.76
N LEU C 158 17.44 23.26 -10.95
CA LEU C 158 16.97 24.49 -10.37
C LEU C 158 17.96 25.05 -9.31
N HIS C 159 18.82 24.17 -8.80
CA HIS C 159 19.78 24.57 -7.78
C HIS C 159 21.03 25.29 -8.33
N LEU C 160 21.17 25.38 -9.67
CA LEU C 160 22.29 26.13 -10.26
C LEU C 160 21.97 27.60 -10.02
N GLU C 161 22.87 28.50 -10.45
CA GLU C 161 23.03 29.78 -9.77
C GLU C 161 21.78 30.62 -9.83
N GLY C 162 21.46 31.10 -11.02
CA GLY C 162 20.39 32.07 -11.12
C GLY C 162 19.12 31.46 -11.63
N GLU C 163 19.10 30.13 -11.77
CA GLU C 163 18.01 29.48 -12.47
C GLU C 163 16.78 29.84 -11.71
N VAL C 164 16.92 29.98 -10.41
CA VAL C 164 15.77 30.38 -9.59
C VAL C 164 15.36 31.81 -9.89
N ASN C 165 16.30 32.76 -9.86
CA ASN C 165 15.94 34.14 -10.14
C ASN C 165 15.34 34.29 -11.53
N LYS C 166 15.72 33.42 -12.46
CA LYS C 166 15.21 33.50 -13.82
C LYS C 166 13.73 33.32 -13.75
N ILE C 167 13.33 32.42 -12.87
CA ILE C 167 11.93 32.17 -12.68
C ILE C 167 11.33 33.32 -11.87
N LYS C 168 11.98 33.78 -10.80
CA LYS C 168 11.43 34.93 -10.06
C LYS C 168 11.04 36.04 -11.03
N SER C 169 11.98 36.36 -11.92
CA SER C 169 11.81 37.47 -12.86
C SER C 169 10.77 37.21 -13.94
N ALA C 170 10.70 35.98 -14.44
CA ALA C 170 9.74 35.69 -15.51
C ALA C 170 8.35 35.86 -14.93
N LEU C 171 8.27 35.92 -13.62
CA LEU C 171 7.02 35.75 -12.95
C LEU C 171 6.61 36.91 -12.04
N LEU C 172 7.26 38.06 -12.12
CA LEU C 172 6.79 39.13 -11.22
C LEU C 172 5.77 39.96 -11.94
N SER C 173 5.94 40.09 -13.25
CA SER C 173 4.94 40.74 -14.07
C SER C 173 3.68 39.87 -14.15
N THR C 174 3.86 38.55 -14.24
CA THR C 174 2.74 37.63 -14.46
C THR C 174 2.79 36.28 -13.69
N ASN C 175 1.69 35.55 -13.71
CA ASN C 175 1.52 34.32 -12.93
C ASN C 175 1.92 33.00 -13.59
N LYS C 176 1.83 32.94 -14.91
CA LYS C 176 2.28 31.77 -15.63
C LYS C 176 3.43 32.19 -16.51
N ALA C 177 4.33 31.27 -16.80
CA ALA C 177 5.32 31.51 -17.82
C ALA C 177 5.94 30.23 -18.28
N VAL C 178 6.44 30.24 -19.52
CA VAL C 178 7.33 29.19 -19.97
C VAL C 178 8.76 29.77 -19.77
N VAL C 179 9.72 28.91 -19.38
CA VAL C 179 11.13 29.32 -19.25
C VAL C 179 12.10 28.20 -19.65
N SER C 180 13.21 28.60 -20.27
CA SER C 180 14.27 27.68 -20.65
C SER C 180 15.32 27.62 -19.57
N LEU C 181 15.56 26.43 -19.04
CA LEU C 181 16.56 26.22 -18.00
C LEU C 181 17.97 26.18 -18.62
N SER C 182 19.00 26.09 -17.79
CA SER C 182 20.34 26.11 -18.32
C SER C 182 20.61 24.96 -19.32
N ASN C 183 19.91 23.83 -19.20
CA ASN C 183 20.13 22.69 -20.12
C ASN C 183 19.08 22.61 -21.23
N GLY C 184 18.36 23.71 -21.41
CA GLY C 184 17.52 23.94 -22.59
C GLY C 184 16.07 23.49 -22.46
N VAL C 185 15.84 22.55 -21.55
CA VAL C 185 14.51 22.01 -21.35
C VAL C 185 13.53 23.14 -21.06
N SER C 186 12.46 23.21 -21.85
CA SER C 186 11.49 24.28 -21.69
C SER C 186 10.35 23.80 -20.79
N VAL C 187 10.25 24.56 -19.69
CA VAL C 187 9.48 24.17 -18.52
C VAL C 187 8.43 25.22 -18.13
N LEU C 188 7.21 24.75 -17.90
CA LEU C 188 6.10 25.59 -17.51
C LEU C 188 6.20 26.02 -16.06
N THR C 189 6.12 27.31 -15.75
CA THR C 189 6.13 27.74 -14.33
C THR C 189 4.87 28.50 -13.94
N PHE C 190 4.61 28.57 -12.63
CA PHE C 190 3.34 28.98 -12.05
C PHE C 190 3.53 29.63 -10.69
N LYS C 191 3.01 30.84 -10.47
CA LYS C 191 3.03 31.45 -9.14
C LYS C 191 1.64 31.35 -8.55
N VAL C 192 1.44 30.46 -7.58
CA VAL C 192 0.07 30.15 -7.14
C VAL C 192 -0.35 30.81 -5.82
N LEU C 193 0.60 31.32 -5.07
CA LEU C 193 0.25 32.00 -3.86
C LEU C 193 1.26 33.14 -3.73
N ASP C 194 0.79 34.34 -3.39
CA ASP C 194 1.73 35.45 -3.16
C ASP C 194 1.67 35.90 -1.72
N LEU C 195 2.39 35.16 -0.87
CA LEU C 195 2.38 35.45 0.55
C LEU C 195 3.32 36.61 0.84
N LYS C 196 4.35 36.81 0.00
CA LYS C 196 5.31 37.93 0.14
C LYS C 196 4.53 39.25 0.04
N ASN C 197 3.66 39.36 -0.96
CA ASN C 197 2.88 40.57 -1.15
C ASN C 197 1.82 40.81 -0.08
N TYR C 198 1.15 39.74 0.34
CA TYR C 198 0.08 39.84 1.34
C TYR C 198 0.61 40.28 2.70
N ILE C 199 1.70 39.63 3.12
CA ILE C 199 2.38 39.97 4.35
C ILE C 199 3.09 41.31 4.31
N ASP C 200 3.85 41.62 3.26
CA ASP C 200 4.67 42.84 3.27
C ASP C 200 3.82 44.09 2.98
N LYS C 201 2.74 43.95 2.22
CA LYS C 201 1.85 45.07 1.92
C LYS C 201 0.40 44.89 2.33
N GLN C 202 0.19 44.50 3.59
CA GLN C 202 -1.15 44.38 4.18
C GLN C 202 -1.14 43.83 5.62
N LEU C 203 0.01 43.44 6.15
CA LEU C 203 0.10 42.97 7.54
C LEU C 203 1.24 43.64 8.31
N LEU C 204 1.97 44.51 7.66
CA LEU C 204 2.92 45.35 8.36
C LEU C 204 2.38 46.77 8.21
N PRO C 205 1.27 47.09 8.93
CA PRO C 205 0.68 48.43 8.87
C PRO C 205 1.60 49.48 9.55
N ILE C 206 2.38 50.21 8.73
CA ILE C 206 3.48 51.08 9.23
C ILE C 206 3.00 52.57 9.13
N LEU C 207 1.68 52.78 8.91
CA LEU C 207 1.02 54.09 9.10
C LEU C 207 0.20 53.89 10.40
N ASN C 208 -0.60 52.82 10.46
CA ASN C 208 -1.48 52.55 11.61
C ASN C 208 -1.60 51.11 12.10
N LYS C 209 -0.99 50.75 13.26
CA LYS C 209 0.19 51.41 13.89
C LYS C 209 1.25 50.38 14.38
N GLN C 210 2.08 49.92 13.44
CA GLN C 210 3.23 49.00 13.67
C GLN C 210 2.97 47.48 13.93
N SER C 211 1.73 47.02 13.80
CA SER C 211 1.32 45.66 14.22
C SER C 211 1.56 45.46 15.73
N CYS C 212 1.10 46.44 16.50
CA CYS C 212 1.11 46.40 17.96
C CYS C 212 -0.33 46.30 18.42
N SER C 213 -1.20 47.01 17.71
CA SER C 213 -2.63 47.08 18.04
C SER C 213 -3.51 46.96 16.78
N ILE C 214 -4.03 45.77 16.53
CA ILE C 214 -4.82 45.53 15.33
C ILE C 214 -6.29 45.88 15.56
N SER C 215 -6.94 46.28 14.47
CA SER C 215 -8.28 46.83 14.54
C SER C 215 -9.26 45.70 14.25
N ASN C 216 -9.41 45.32 12.98
CA ASN C 216 -10.48 44.40 12.57
C ASN C 216 -10.13 42.95 12.81
N ILE C 217 -11.16 42.12 12.90
CA ILE C 217 -10.93 40.69 13.04
C ILE C 217 -10.84 40.11 11.62
N GLU C 218 -11.56 40.72 10.68
CA GLU C 218 -11.66 40.19 9.32
C GLU C 218 -10.30 40.13 8.63
N THR C 219 -9.32 40.82 9.20
CA THR C 219 -7.95 40.76 8.71
C THR C 219 -7.18 39.61 9.37
N VAL C 220 -7.62 39.16 10.54
CA VAL C 220 -7.06 37.95 11.14
C VAL C 220 -7.44 36.75 10.29
N ILE C 221 -8.70 36.72 9.85
CA ILE C 221 -9.20 35.58 9.10
C ILE C 221 -8.65 35.60 7.70
N GLU C 222 -8.69 36.77 7.05
CA GLU C 222 -8.23 36.85 5.67
C GLU C 222 -6.84 36.23 5.55
N PHE C 223 -6.04 36.36 6.62
CA PHE C 223 -4.66 35.87 6.63
C PHE C 223 -4.63 34.35 6.81
N GLN C 224 -5.24 33.86 7.89
CA GLN C 224 -5.17 32.44 8.17
C GLN C 224 -5.90 31.66 7.08
N GLN C 225 -6.58 32.36 6.18
CA GLN C 225 -7.08 31.72 4.97
C GLN C 225 -5.92 31.59 3.99
N LYS C 226 -5.24 32.68 3.68
CA LYS C 226 -4.12 32.57 2.75
C LYS C 226 -3.04 31.61 3.24
N ASN C 227 -2.70 31.72 4.52
CA ASN C 227 -1.59 30.97 5.06
C ASN C 227 -1.96 29.51 5.18
N ASN C 228 -3.26 29.22 5.22
CA ASN C 228 -3.74 27.85 5.36
C ASN C 228 -3.17 26.96 4.28
N ARG C 229 -3.24 27.40 3.03
CA ARG C 229 -2.73 26.62 1.91
C ARG C 229 -1.28 26.16 2.12
N LEU C 230 -0.43 27.08 2.58
CA LEU C 230 0.98 26.80 2.80
C LEU C 230 1.18 25.83 3.95
N LEU C 231 0.39 25.97 5.01
CA LEU C 231 0.50 25.05 6.14
C LEU C 231 0.14 23.67 5.67
N GLU C 232 -0.90 23.54 4.85
CA GLU C 232 -1.30 22.21 4.37
C GLU C 232 -0.35 21.63 3.35
N ILE C 233 0.45 22.49 2.75
CA ILE C 233 1.47 21.98 1.88
C ILE C 233 2.61 21.47 2.72
N THR C 234 3.13 22.25 3.66
CA THR C 234 4.38 21.82 4.29
C THR C 234 4.05 20.61 5.13
N ARG C 235 2.78 20.45 5.49
CA ARG C 235 2.36 19.27 6.24
C ARG C 235 2.48 18.03 5.33
N GLU C 236 1.92 18.07 4.11
CA GLU C 236 2.00 16.93 3.19
C GLU C 236 3.41 16.46 2.89
N PHE C 237 4.34 17.42 2.80
CA PHE C 237 5.73 17.07 2.53
C PHE C 237 6.37 16.51 3.80
N SER C 238 6.09 17.10 4.97
CA SER C 238 6.82 16.73 6.20
C SER C 238 6.53 15.26 6.51
N VAL C 239 5.32 14.87 6.17
CA VAL C 239 4.95 13.49 6.25
C VAL C 239 5.65 12.61 5.19
N ASN C 240 5.53 12.99 3.92
CA ASN C 240 5.99 12.14 2.80
C ASN C 240 7.41 12.32 2.21
N ALA C 241 8.34 12.78 3.03
CA ALA C 241 9.73 12.98 2.62
C ALA C 241 9.84 13.72 1.31
N GLY C 242 9.13 14.85 1.19
CA GLY C 242 9.31 15.78 0.10
C GLY C 242 8.79 15.28 -1.25
N VAL C 243 8.16 14.12 -1.30
CA VAL C 243 7.53 13.58 -2.51
C VAL C 243 6.16 12.99 -2.25
N THR C 244 5.14 13.57 -2.89
CA THR C 244 3.79 13.06 -2.79
C THR C 244 3.24 12.58 -4.12
N THR C 245 2.49 11.50 -4.05
CA THR C 245 1.49 11.10 -5.07
C THR C 245 0.36 10.44 -4.31
N PRO C 246 -0.88 10.64 -4.77
CA PRO C 246 -1.35 11.42 -5.90
C PRO C 246 -1.24 12.88 -5.55
N VAL C 247 -1.35 13.76 -6.54
CA VAL C 247 -1.20 15.18 -6.33
C VAL C 247 -2.45 15.82 -5.85
N SER C 248 -2.41 16.33 -4.63
CA SER C 248 -3.59 16.87 -4.00
C SER C 248 -4.02 18.20 -4.60
N THR C 249 -5.19 18.62 -4.12
CA THR C 249 -5.82 19.87 -4.43
C THR C 249 -5.07 21.06 -3.84
N TYR C 250 -4.07 20.78 -3.01
CA TYR C 250 -3.32 21.82 -2.33
C TYR C 250 -2.13 22.15 -3.18
N MET C 251 -1.43 21.13 -3.65
CA MET C 251 -0.35 21.39 -4.56
C MET C 251 -0.93 22.13 -5.78
N LEU C 252 -1.91 21.52 -6.44
CA LEU C 252 -2.62 22.14 -7.58
C LEU C 252 -4.15 22.08 -7.49
N THR C 253 -4.78 23.23 -7.44
CA THR C 253 -6.23 23.30 -7.47
C THR C 253 -6.68 22.87 -8.85
N ASN C 254 -7.97 22.58 -9.04
CA ASN C 254 -8.40 22.26 -10.39
C ASN C 254 -8.13 23.43 -11.34
N SER C 255 -8.59 24.62 -10.97
CA SER C 255 -8.37 25.81 -11.82
C SER C 255 -6.95 25.89 -12.34
N GLU C 256 -6.01 25.45 -11.52
CA GLU C 256 -4.58 25.47 -11.85
C GLU C 256 -4.24 24.30 -12.73
N LEU C 257 -4.78 23.14 -12.40
CA LEU C 257 -4.38 21.93 -13.08
C LEU C 257 -4.97 21.87 -14.46
N LEU C 258 -6.10 22.54 -14.66
CA LEU C 258 -6.68 22.50 -15.98
C LEU C 258 -5.88 23.50 -16.78
N SER C 259 -5.56 24.64 -16.17
CA SER C 259 -4.74 25.68 -16.82
C SER C 259 -3.43 25.06 -17.26
N LEU C 260 -2.89 24.22 -16.40
CA LEU C 260 -1.59 23.63 -16.66
C LEU C 260 -1.69 22.59 -17.75
N ILE C 261 -2.80 21.87 -17.77
CA ILE C 261 -3.02 20.89 -18.80
C ILE C 261 -2.95 21.59 -20.10
N ASN C 262 -3.69 22.68 -20.17
CA ASN C 262 -3.87 23.42 -21.40
C ASN C 262 -2.65 24.17 -21.97
N ASP C 263 -1.65 24.42 -21.15
CA ASP C 263 -0.49 25.19 -21.57
C ASP C 263 0.66 24.23 -21.84
N MET C 264 0.37 22.94 -21.76
CA MET C 264 1.37 21.89 -21.96
C MET C 264 1.67 21.67 -23.44
N PRO C 265 2.88 21.15 -23.72
CA PRO C 265 3.27 20.78 -25.08
C PRO C 265 2.68 19.44 -25.49
N ILE C 266 1.35 19.39 -25.53
CA ILE C 266 0.63 18.17 -25.91
C ILE C 266 -0.43 18.53 -26.93
N THR C 267 -1.15 17.53 -27.46
CA THR C 267 -2.12 17.72 -28.57
C THR C 267 -3.49 17.89 -28.00
N ASN C 268 -4.44 18.24 -28.84
CA ASN C 268 -5.79 18.34 -28.34
C ASN C 268 -6.32 16.97 -27.93
N ASP C 269 -6.01 15.92 -28.70
CA ASP C 269 -6.37 14.55 -28.31
C ASP C 269 -6.09 14.28 -26.81
N GLN C 270 -4.94 14.70 -26.30
CA GLN C 270 -4.65 14.59 -24.88
C GLN C 270 -5.37 15.58 -24.02
N LYS C 271 -5.39 16.85 -24.42
CA LYS C 271 -5.92 17.90 -23.56
C LYS C 271 -7.38 17.62 -23.16
N LYS C 272 -8.10 16.87 -24.00
CA LYS C 272 -9.48 16.49 -23.68
C LYS C 272 -9.50 15.36 -22.65
N LEU C 273 -8.71 14.33 -22.98
CA LEU C 273 -8.57 13.15 -22.15
C LEU C 273 -8.21 13.61 -20.77
N MET C 274 -7.15 14.38 -20.68
CA MET C 274 -6.70 14.81 -19.37
C MET C 274 -7.78 15.64 -18.65
N SER C 275 -8.43 16.56 -19.35
CA SER C 275 -9.32 17.47 -18.65
C SER C 275 -10.59 16.84 -18.13
N ASN C 276 -11.05 15.80 -18.80
CA ASN C 276 -12.27 15.10 -18.38
C ASN C 276 -11.97 14.10 -17.29
N ASN C 277 -10.76 13.56 -17.35
CA ASN C 277 -10.33 12.60 -16.36
C ASN C 277 -9.27 13.21 -15.46
N VAL C 278 -9.47 14.48 -15.11
CA VAL C 278 -8.56 15.26 -14.28
C VAL C 278 -8.34 14.54 -12.94
N GLN C 279 -9.29 13.75 -12.47
CA GLN C 279 -9.12 13.08 -11.17
C GLN C 279 -8.09 11.92 -11.23
N ILE C 280 -7.88 11.41 -12.43
CA ILE C 280 -6.85 10.43 -12.71
C ILE C 280 -5.50 11.06 -12.92
N VAL C 281 -5.49 12.21 -13.57
CA VAL C 281 -4.24 12.89 -13.79
C VAL C 281 -3.56 13.15 -12.44
N ARG C 282 -4.36 13.38 -11.40
CA ARG C 282 -3.81 13.58 -10.06
C ARG C 282 -3.14 12.33 -9.56
N GLN C 283 -3.68 11.17 -9.91
CA GLN C 283 -3.13 9.92 -9.40
C GLN C 283 -1.90 9.48 -10.10
N GLN C 284 -1.66 9.98 -11.31
CA GLN C 284 -0.48 9.56 -12.06
C GLN C 284 0.59 10.66 -12.09
N SER C 285 0.52 11.56 -11.12
CA SER C 285 1.44 12.64 -11.00
C SER C 285 2.13 12.62 -9.71
N TYR C 286 3.27 13.25 -9.69
CA TYR C 286 4.01 13.41 -8.47
C TYR C 286 4.15 14.89 -8.18
N SER C 287 4.44 15.18 -6.94
CA SER C 287 4.75 16.53 -6.55
C SER C 287 6.07 16.49 -5.78
N ILE C 288 7.19 16.90 -6.38
CA ILE C 288 8.48 16.80 -5.71
C ILE C 288 8.94 18.13 -5.12
N MET C 289 8.98 18.18 -3.80
CA MET C 289 9.39 19.37 -3.09
C MET C 289 10.82 19.58 -3.43
N CYS C 290 11.10 20.77 -3.91
CA CYS C 290 12.36 21.01 -4.58
C CYS C 290 13.33 21.97 -3.90
N ILE C 291 13.03 23.25 -3.91
CA ILE C 291 13.99 24.21 -3.36
C ILE C 291 13.30 25.41 -2.72
N ILE C 292 13.97 26.03 -1.75
CA ILE C 292 13.43 27.21 -1.11
C ILE C 292 14.58 28.11 -0.65
N LYS C 293 14.88 29.04 -1.57
CA LYS C 293 15.94 30.03 -1.43
C LYS C 293 15.43 31.34 -2.03
N GLU C 294 16.15 32.44 -1.83
CA GLU C 294 15.59 33.77 -2.09
C GLU C 294 14.22 34.00 -1.37
N GLU C 295 13.16 34.33 -2.10
CA GLU C 295 11.87 34.49 -1.43
C GLU C 295 10.87 33.52 -2.07
N VAL C 296 11.40 32.42 -2.58
CA VAL C 296 10.61 31.48 -3.34
C VAL C 296 10.66 30.08 -2.73
N LEU C 297 9.47 29.51 -2.65
CA LEU C 297 9.23 28.10 -2.41
C LEU C 297 9.00 27.55 -3.77
N ALA C 298 9.55 26.41 -4.09
CA ALA C 298 9.35 25.89 -5.42
C ALA C 298 9.20 24.41 -5.32
N TYR C 299 8.11 23.85 -5.81
CA TYR C 299 8.04 22.41 -5.91
C TYR C 299 7.75 22.08 -7.34
N VAL C 300 8.25 20.95 -7.80
CA VAL C 300 8.04 20.53 -9.16
C VAL C 300 6.89 19.59 -9.21
N VAL C 301 6.02 19.78 -10.18
CA VAL C 301 4.93 18.84 -10.41
C VAL C 301 5.11 18.11 -11.71
N GLN C 302 5.31 16.80 -11.60
CA GLN C 302 5.66 15.97 -12.72
C GLN C 302 4.38 15.37 -13.26
N LEU C 303 3.74 16.00 -14.23
CA LEU C 303 2.51 15.45 -14.82
C LEU C 303 2.83 14.39 -15.84
N PRO C 304 1.87 13.54 -16.17
CA PRO C 304 2.14 12.48 -17.12
C PRO C 304 1.85 12.95 -18.54
N LEU C 305 2.51 12.35 -19.53
CA LEU C 305 2.28 12.58 -20.95
C LEU C 305 1.59 11.36 -21.52
N TYR C 306 0.31 11.49 -21.84
CA TYR C 306 -0.42 10.34 -22.36
C TYR C 306 -0.20 10.18 -23.85
N GLY C 307 0.92 9.56 -24.17
CA GLY C 307 1.39 9.56 -25.53
C GLY C 307 0.66 8.62 -26.44
N VAL C 308 0.04 7.57 -25.95
CA VAL C 308 -0.81 6.80 -26.83
C VAL C 308 -2.20 6.72 -26.22
N ILE C 309 -3.21 7.02 -27.03
CA ILE C 309 -4.57 7.15 -26.57
C ILE C 309 -5.51 6.52 -27.58
N ASP C 310 -6.58 5.89 -27.09
CA ASP C 310 -7.71 5.56 -27.96
C ASP C 310 -7.41 4.40 -28.89
N THR C 311 -6.39 3.63 -28.55
CA THR C 311 -6.16 2.37 -29.23
C THR C 311 -7.00 1.32 -28.51
N PRO C 312 -7.21 0.17 -29.14
CA PRO C 312 -8.02 -0.85 -28.49
C PRO C 312 -7.35 -1.50 -27.26
N CYS C 313 -8.11 -1.81 -26.23
CA CYS C 313 -7.55 -2.46 -25.07
C CYS C 313 -8.40 -3.63 -24.80
N TRP C 314 -7.85 -4.75 -24.36
CA TRP C 314 -8.70 -5.82 -23.84
C TRP C 314 -8.13 -6.28 -22.53
N LYS C 315 -8.97 -6.95 -21.73
CA LYS C 315 -8.57 -7.42 -20.42
C LYS C 315 -8.77 -8.92 -20.26
N LEU C 316 -7.69 -9.67 -20.09
CA LEU C 316 -7.72 -11.13 -20.06
C LEU C 316 -7.88 -11.66 -18.67
N HIS C 317 -8.94 -12.44 -18.46
CA HIS C 317 -9.23 -13.16 -17.20
C HIS C 317 -8.85 -14.67 -17.20
N THR C 318 -8.28 -15.18 -16.12
CA THR C 318 -7.96 -16.58 -16.13
C THR C 318 -8.31 -17.14 -14.80
N SER C 319 -8.73 -18.41 -14.78
CA SER C 319 -8.88 -19.21 -13.57
C SER C 319 -8.43 -20.62 -13.88
N PRO C 320 -8.15 -21.39 -12.82
CA PRO C 320 -7.51 -22.67 -13.08
C PRO C 320 -8.52 -23.70 -13.57
N LEU C 321 -8.02 -24.59 -14.41
CA LEU C 321 -8.79 -25.58 -15.14
C LEU C 321 -8.27 -26.96 -14.81
N CYS C 322 -9.08 -27.79 -14.16
CA CYS C 322 -8.64 -29.12 -13.75
C CYS C 322 -9.47 -30.27 -14.30
N THR C 323 -8.82 -31.43 -14.21
CA THR C 323 -9.51 -32.70 -14.30
C THR C 323 -10.50 -32.77 -13.16
N THR C 324 -11.62 -33.43 -13.43
CA THR C 324 -12.70 -33.55 -12.46
C THR C 324 -12.82 -34.95 -11.87
N ASN C 325 -11.75 -35.75 -11.91
CA ASN C 325 -11.76 -37.13 -11.36
C ASN C 325 -12.26 -37.19 -9.92
N THR C 326 -12.81 -38.33 -9.52
CA THR C 326 -13.51 -38.41 -8.25
C THR C 326 -12.53 -38.77 -7.12
N LYS C 327 -11.36 -39.31 -7.47
CA LYS C 327 -10.29 -39.58 -6.49
C LYS C 327 -9.93 -38.31 -5.73
N GLU C 328 -9.52 -38.42 -4.48
CA GLU C 328 -9.27 -37.22 -3.67
C GLU C 328 -8.05 -36.46 -4.21
N GLY C 329 -7.01 -37.19 -4.57
CA GLY C 329 -5.88 -36.69 -5.36
C GLY C 329 -6.08 -37.03 -6.83
N SER C 330 -5.00 -37.13 -7.59
CA SER C 330 -5.08 -37.57 -9.00
C SER C 330 -5.96 -36.67 -9.81
N ASN C 331 -5.69 -35.39 -9.69
CA ASN C 331 -6.27 -34.45 -10.59
C ASN C 331 -5.11 -33.59 -11.14
N ILE C 332 -5.21 -33.19 -12.41
CA ILE C 332 -4.21 -32.27 -12.98
C ILE C 332 -4.83 -30.87 -13.17
N CYS C 333 -4.00 -29.84 -12.96
CA CYS C 333 -4.44 -28.47 -13.16
C CYS C 333 -3.50 -27.71 -14.09
N LEU C 334 -4.04 -26.61 -14.60
CA LEU C 334 -3.44 -25.84 -15.67
C LEU C 334 -4.16 -24.51 -15.60
N THR C 335 -3.41 -23.41 -15.61
CA THR C 335 -3.98 -22.09 -15.39
C THR C 335 -3.37 -21.10 -16.32
N ARG C 336 -4.13 -20.33 -17.06
CA ARG C 336 -3.44 -19.37 -17.89
C ARG C 336 -2.87 -18.26 -17.02
N THR C 337 -1.58 -17.97 -17.20
CA THR C 337 -0.83 -17.01 -16.39
C THR C 337 -0.76 -15.61 -16.98
N ASP C 338 -1.17 -15.45 -18.23
CA ASP C 338 -1.09 -14.13 -18.83
C ASP C 338 -2.25 -13.18 -18.43
N ARG C 339 -2.65 -13.17 -17.15
CA ARG C 339 -3.81 -12.37 -16.72
C ARG C 339 -3.41 -10.97 -16.93
N GLY C 340 -4.35 -10.08 -17.26
CA GLY C 340 -4.02 -8.66 -17.38
C GLY C 340 -4.55 -7.82 -18.53
N TRP C 341 -4.10 -6.58 -18.60
CA TRP C 341 -4.53 -5.73 -19.67
C TRP C 341 -3.71 -5.88 -20.96
N TYR C 342 -4.31 -5.61 -22.12
CA TYR C 342 -3.59 -5.67 -23.41
C TYR C 342 -4.06 -4.48 -24.23
N CYS C 343 -3.20 -3.50 -24.46
CA CYS C 343 -3.48 -2.42 -25.40
C CYS C 343 -2.65 -2.54 -26.66
N ASP C 344 -3.22 -2.11 -27.79
CA ASP C 344 -2.48 -2.11 -29.03
C ASP C 344 -1.67 -0.85 -28.96
N ASN C 345 -0.40 -0.95 -29.36
CA ASN C 345 0.58 0.12 -29.20
C ASN C 345 1.61 0.10 -30.31
N ALA C 346 1.21 0.44 -31.51
CA ALA C 346 2.14 0.62 -32.63
C ALA C 346 2.72 -0.73 -33.02
N GLY C 347 1.88 -1.58 -33.60
CA GLY C 347 2.25 -2.88 -34.13
C GLY C 347 2.80 -3.87 -33.11
N SER C 348 2.47 -3.63 -31.87
CA SER C 348 2.84 -4.53 -30.79
C SER C 348 1.86 -4.24 -29.68
N VAL C 349 1.82 -5.11 -28.67
CA VAL C 349 0.84 -5.00 -27.60
C VAL C 349 1.50 -4.71 -26.28
N SER C 350 1.12 -3.65 -25.61
CA SER C 350 1.72 -3.43 -24.31
C SER C 350 0.84 -4.22 -23.39
N PHE C 351 1.48 -5.04 -22.59
CA PHE C 351 0.83 -6.01 -21.76
C PHE C 351 1.04 -5.52 -20.36
N PHE C 352 0.02 -5.49 -19.55
CA PHE C 352 0.14 -4.96 -18.23
C PHE C 352 -0.21 -6.07 -17.30
N PRO C 353 0.78 -6.78 -16.79
CA PRO C 353 0.50 -8.03 -16.09
C PRO C 353 -0.16 -7.83 -14.71
N GLN C 354 0.21 -6.85 -13.88
CA GLN C 354 -0.57 -6.72 -12.65
C GLN C 354 -1.68 -5.77 -13.00
N ALA C 355 -2.86 -6.31 -13.31
CA ALA C 355 -3.93 -5.51 -13.94
C ALA C 355 -4.73 -4.63 -12.99
N GLU C 356 -4.19 -4.41 -11.80
CA GLU C 356 -4.83 -3.64 -10.75
C GLU C 356 -4.30 -2.23 -10.75
N THR C 357 -3.01 -2.11 -11.03
CA THR C 357 -2.39 -0.80 -11.22
C THR C 357 -3.08 0.12 -12.23
N CYS C 358 -3.65 -0.47 -13.30
CA CYS C 358 -4.44 0.30 -14.26
C CYS C 358 -5.72 0.80 -13.63
N LYS C 359 -6.05 2.05 -13.82
CA LYS C 359 -7.25 2.55 -13.24
C LYS C 359 -8.05 2.76 -14.45
N VAL C 360 -9.30 2.28 -14.48
CA VAL C 360 -10.14 2.56 -15.64
C VAL C 360 -11.23 3.51 -15.20
N GLN C 361 -11.74 4.28 -16.19
CA GLN C 361 -12.82 5.26 -16.07
C GLN C 361 -13.55 5.15 -17.36
N SER C 362 -14.78 4.66 -17.29
CA SER C 362 -15.57 4.35 -18.46
C SER C 362 -14.94 3.23 -19.25
N ASN C 363 -14.63 3.44 -20.50
CA ASN C 363 -13.90 2.43 -21.23
C ASN C 363 -12.45 2.73 -21.25
N ARG C 364 -12.08 3.94 -20.79
CA ARG C 364 -10.70 4.42 -20.89
C ARG C 364 -9.87 3.72 -19.86
N VAL C 365 -8.79 3.07 -20.30
CA VAL C 365 -7.93 2.30 -19.40
C VAL C 365 -6.63 3.00 -19.18
N PHE C 366 -6.53 3.77 -18.12
CA PHE C 366 -5.31 4.50 -17.88
C PHE C 366 -4.27 3.57 -17.33
N CYS C 367 -3.26 3.21 -18.12
CA CYS C 367 -2.16 2.37 -17.62
C CYS C 367 -0.87 3.15 -17.66
N ASP C 368 0.13 2.61 -16.99
CA ASP C 368 1.46 3.20 -16.94
C ASP C 368 2.41 2.24 -17.66
N THR C 369 3.01 2.66 -18.75
CA THR C 369 3.77 1.77 -19.65
C THR C 369 4.96 1.12 -19.01
N MET C 370 5.46 1.74 -17.95
CA MET C 370 6.60 1.16 -17.27
C MET C 370 6.19 0.10 -16.33
N ASN C 371 4.93 -0.31 -16.41
CA ASN C 371 4.48 -1.51 -15.74
C ASN C 371 4.11 -2.54 -16.80
N SER C 372 4.78 -2.45 -17.97
CA SER C 372 4.47 -3.30 -19.11
C SER C 372 5.60 -4.16 -19.68
N LEU C 373 5.22 -5.25 -20.31
CA LEU C 373 6.05 -5.91 -21.28
C LEU C 373 5.56 -5.40 -22.60
N THR C 374 6.33 -5.60 -23.67
CA THR C 374 5.85 -5.26 -25.02
C THR C 374 5.98 -6.53 -25.81
N LEU C 375 4.89 -6.93 -26.44
CA LEU C 375 4.79 -8.24 -26.99
C LEU C 375 4.37 -8.22 -28.41
N PRO C 376 4.72 -9.27 -29.15
CA PRO C 376 4.30 -9.39 -30.55
C PRO C 376 2.80 -9.33 -30.67
N SER C 377 2.28 -8.78 -31.75
CA SER C 377 0.83 -8.70 -31.90
C SER C 377 0.23 -10.10 -31.68
N GLU C 378 1.02 -11.14 -32.01
CA GLU C 378 0.60 -12.56 -32.03
C GLU C 378 0.32 -13.19 -30.67
N VAL C 379 0.45 -12.40 -29.61
CA VAL C 379 0.10 -12.86 -28.29
C VAL C 379 -1.38 -13.04 -28.27
N ASN C 380 -2.09 -12.24 -29.05
CA ASN C 380 -3.55 -12.30 -29.04
C ASN C 380 -4.12 -13.69 -29.43
N LEU C 381 -3.25 -14.56 -29.94
CA LEU C 381 -3.63 -15.90 -30.39
C LEU C 381 -3.86 -16.89 -29.27
N CYS C 382 -3.22 -16.70 -28.13
CA CYS C 382 -3.53 -17.50 -26.97
C CYS C 382 -5.01 -17.49 -26.55
N ASN C 383 -5.81 -16.57 -27.06
CA ASN C 383 -7.17 -16.52 -26.62
C ASN C 383 -8.01 -17.37 -27.60
N VAL C 384 -7.73 -17.23 -28.90
CA VAL C 384 -8.41 -17.99 -29.94
C VAL C 384 -7.97 -19.46 -30.12
N ASP C 385 -6.65 -19.71 -30.16
CA ASP C 385 -6.12 -21.06 -30.33
C ASP C 385 -4.85 -21.22 -29.45
N ILE C 386 -5.02 -21.67 -28.22
CA ILE C 386 -3.88 -21.65 -27.31
C ILE C 386 -2.76 -22.56 -27.76
N PHE C 387 -3.02 -23.40 -28.76
CA PHE C 387 -1.99 -24.33 -29.18
C PHE C 387 -1.25 -23.91 -30.46
N ASN C 388 -1.68 -22.81 -31.07
CA ASN C 388 -1.14 -22.36 -32.36
C ASN C 388 0.40 -22.34 -32.45
N PRO C 389 0.92 -22.29 -33.69
CA PRO C 389 2.37 -22.45 -33.85
C PRO C 389 3.18 -21.21 -33.51
N LYS C 390 2.72 -20.05 -34.01
CA LYS C 390 3.42 -18.76 -33.88
C LYS C 390 3.85 -18.33 -32.48
N TYR C 391 2.86 -18.09 -31.61
CA TYR C 391 3.15 -17.64 -30.24
C TYR C 391 3.04 -18.83 -29.26
N ASP C 392 3.73 -18.69 -28.13
CA ASP C 392 3.89 -19.78 -27.21
C ASP C 392 3.22 -19.50 -25.88
N CYS C 393 1.92 -19.71 -25.77
CA CYS C 393 1.14 -19.11 -24.67
C CYS C 393 1.58 -19.61 -23.31
N LYS C 394 1.50 -18.78 -22.28
CA LYS C 394 2.04 -19.17 -20.98
C LYS C 394 1.02 -19.68 -19.95
N ILE C 395 1.43 -20.70 -19.20
CA ILE C 395 0.58 -21.36 -18.22
C ILE C 395 1.36 -21.77 -16.98
N MET C 396 0.71 -22.46 -16.02
CA MET C 396 1.39 -22.98 -14.84
C MET C 396 0.59 -24.16 -14.35
N THR C 397 1.28 -25.26 -14.10
CA THR C 397 0.62 -26.52 -13.79
C THR C 397 0.59 -26.80 -12.31
N SER C 398 -0.26 -27.75 -11.94
CA SER C 398 -0.46 -28.04 -10.55
C SER C 398 -1.33 -29.26 -10.33
N LYS C 399 -1.35 -29.73 -9.08
CA LYS C 399 -2.17 -30.86 -8.66
C LYS C 399 -3.20 -30.39 -7.66
N THR C 400 -3.26 -29.07 -7.52
CA THR C 400 -4.02 -28.39 -6.48
C THR C 400 -5.38 -27.96 -7.04
N ASP C 401 -6.31 -28.92 -7.09
CA ASP C 401 -7.60 -28.67 -7.66
C ASP C 401 -8.41 -27.94 -6.64
N VAL C 402 -8.37 -26.61 -6.65
CA VAL C 402 -9.09 -25.87 -5.64
C VAL C 402 -10.01 -24.78 -6.19
N SER C 403 -11.20 -24.70 -5.56
CA SER C 403 -12.34 -23.98 -6.13
C SER C 403 -12.26 -22.50 -5.88
N SER C 404 -12.63 -21.72 -6.88
CA SER C 404 -12.67 -20.28 -6.76
C SER C 404 -13.44 -19.74 -7.94
N SER C 405 -13.76 -18.47 -7.84
CA SER C 405 -14.32 -17.81 -8.95
C SER C 405 -13.43 -16.63 -9.23
N VAL C 406 -13.44 -16.17 -10.49
CA VAL C 406 -12.68 -15.00 -10.95
C VAL C 406 -13.63 -14.20 -11.73
N ILE C 407 -14.03 -13.04 -11.22
CA ILE C 407 -15.07 -12.21 -11.85
C ILE C 407 -14.63 -11.36 -13.05
N THR C 408 -15.38 -11.48 -14.14
CA THR C 408 -15.00 -10.77 -15.36
C THR C 408 -15.75 -9.41 -15.51
N SER C 409 -15.49 -8.73 -16.63
CA SER C 409 -16.00 -7.38 -16.80
C SER C 409 -17.48 -7.40 -17.00
N LEU C 410 -17.98 -8.47 -17.61
CA LEU C 410 -19.40 -8.59 -17.82
C LEU C 410 -20.03 -9.83 -17.20
N GLY C 411 -19.28 -10.56 -16.38
CA GLY C 411 -19.76 -11.85 -15.94
C GLY C 411 -18.91 -12.38 -14.83
N ALA C 412 -18.89 -13.72 -14.74
CA ALA C 412 -18.09 -14.48 -13.79
C ALA C 412 -17.67 -15.84 -14.34
N ILE C 413 -16.46 -16.23 -13.96
CA ILE C 413 -15.88 -17.53 -14.22
C ILE C 413 -15.96 -18.24 -12.93
N VAL C 414 -16.35 -19.51 -12.96
CA VAL C 414 -16.40 -20.31 -11.72
C VAL C 414 -15.63 -21.63 -11.89
N SER C 415 -14.61 -21.79 -11.03
CA SER C 415 -13.79 -22.97 -11.03
C SER C 415 -14.23 -23.79 -9.86
N CYS C 416 -15.06 -24.80 -10.15
CA CYS C 416 -15.74 -25.60 -9.13
C CYS C 416 -15.20 -27.00 -9.11
N TYR C 417 -14.54 -27.37 -8.02
CA TYR C 417 -13.99 -28.71 -7.95
C TYR C 417 -14.16 -29.36 -6.62
N GLY C 418 -14.10 -30.68 -6.67
CA GLY C 418 -14.18 -31.54 -5.52
C GLY C 418 -15.56 -31.51 -4.95
N LYS C 419 -15.62 -31.54 -3.62
CA LYS C 419 -16.88 -31.54 -2.97
C LYS C 419 -17.39 -30.13 -2.72
N THR C 420 -16.76 -29.14 -3.32
CA THR C 420 -17.16 -27.77 -3.03
C THR C 420 -18.51 -27.53 -3.74
N LYS C 421 -19.33 -26.70 -3.08
CA LYS C 421 -20.69 -26.35 -3.52
C LYS C 421 -20.66 -24.95 -4.19
N CYS C 422 -21.04 -24.96 -5.47
CA CYS C 422 -20.96 -23.77 -6.35
C CYS C 422 -22.26 -23.41 -7.06
N THR C 423 -22.85 -22.29 -6.70
CA THR C 423 -24.13 -21.86 -7.26
C THR C 423 -24.02 -20.51 -7.95
N ALA C 424 -25.13 -20.11 -8.56
CA ALA C 424 -25.24 -18.75 -9.01
C ALA C 424 -26.62 -18.21 -8.69
N SER C 425 -26.65 -17.27 -7.75
CA SER C 425 -27.91 -16.72 -7.26
C SER C 425 -28.18 -15.39 -7.92
N ASN C 426 -29.39 -14.86 -7.72
CA ASN C 426 -29.75 -13.51 -8.16
C ASN C 426 -30.68 -12.80 -7.09
N LYS C 427 -31.00 -11.52 -7.25
CA LYS C 427 -31.74 -10.77 -6.23
C LYS C 427 -33.13 -11.30 -5.90
N ASN C 428 -33.78 -11.94 -6.89
CA ASN C 428 -35.23 -12.26 -6.84
C ASN C 428 -35.60 -13.71 -6.97
N ARG C 429 -35.02 -14.34 -7.96
CA ARG C 429 -35.30 -15.73 -8.22
C ARG C 429 -34.51 -16.64 -7.25
N GLY C 430 -33.62 -16.02 -6.48
CA GLY C 430 -32.72 -16.75 -5.61
C GLY C 430 -31.65 -17.48 -6.42
N ILE C 431 -31.31 -18.68 -5.97
CA ILE C 431 -30.41 -19.53 -6.70
C ILE C 431 -30.96 -19.96 -8.03
N ILE C 432 -30.18 -19.80 -9.09
CA ILE C 432 -30.66 -20.15 -10.40
C ILE C 432 -29.68 -20.95 -11.21
N LYS C 433 -28.63 -21.43 -10.58
CA LYS C 433 -27.77 -22.45 -11.15
C LYS C 433 -26.90 -23.07 -10.07
N THR C 434 -26.73 -24.37 -10.14
CA THR C 434 -25.75 -25.02 -9.29
C THR C 434 -24.74 -25.65 -10.26
N PHE C 435 -23.50 -25.16 -10.22
CA PHE C 435 -22.47 -25.56 -11.18
C PHE C 435 -22.04 -27.01 -10.93
N SER C 436 -21.73 -27.70 -12.03
CA SER C 436 -21.22 -29.06 -11.98
C SER C 436 -19.73 -28.93 -11.99
N ASN C 437 -19.01 -29.97 -11.57
CA ASN C 437 -17.56 -29.81 -11.47
C ASN C 437 -16.84 -29.46 -12.81
N GLY C 438 -15.88 -28.55 -12.70
CA GLY C 438 -15.18 -28.01 -13.84
C GLY C 438 -15.17 -26.49 -13.95
N CYS C 439 -14.58 -25.98 -15.03
CA CYS C 439 -14.49 -24.57 -15.26
C CYS C 439 -15.66 -24.16 -16.12
N ASP C 440 -16.58 -23.35 -15.56
CA ASP C 440 -17.76 -22.85 -16.28
C ASP C 440 -17.87 -21.30 -16.13
N TYR C 441 -18.86 -20.71 -16.83
CA TYR C 441 -19.00 -19.26 -16.92
C TYR C 441 -20.45 -18.89 -16.89
N VAL C 442 -20.70 -17.67 -16.46
CA VAL C 442 -22.05 -17.15 -16.24
C VAL C 442 -22.05 -15.67 -16.57
N SER C 443 -22.97 -15.28 -17.45
CA SER C 443 -23.10 -13.89 -17.83
C SER C 443 -23.64 -13.08 -16.67
N ASN C 444 -23.38 -11.78 -16.61
CA ASN C 444 -24.03 -10.96 -15.54
C ASN C 444 -25.47 -10.51 -15.90
N LYS C 445 -26.06 -11.08 -16.95
CA LYS C 445 -27.38 -10.69 -17.41
C LYS C 445 -28.38 -10.89 -16.31
N GLY C 446 -28.58 -12.15 -15.96
CA GLY C 446 -29.57 -12.53 -14.97
C GLY C 446 -29.01 -12.98 -13.64
N VAL C 447 -27.75 -12.74 -13.36
CA VAL C 447 -27.22 -13.21 -12.08
C VAL C 447 -26.49 -12.03 -11.42
N ASP C 448 -26.60 -11.95 -10.09
CA ASP C 448 -26.11 -10.86 -9.26
C ASP C 448 -24.97 -11.38 -8.41
N THR C 449 -25.08 -12.61 -7.98
CA THR C 449 -24.03 -13.21 -7.20
C THR C 449 -23.69 -14.59 -7.72
N VAL C 450 -22.52 -15.02 -7.29
CA VAL C 450 -21.97 -16.32 -7.58
C VAL C 450 -21.34 -16.66 -6.25
N SER C 451 -21.63 -17.84 -5.74
CA SER C 451 -21.04 -18.23 -4.48
C SER C 451 -20.35 -19.55 -4.73
N VAL C 452 -19.08 -19.61 -4.31
CA VAL C 452 -18.22 -20.79 -4.41
C VAL C 452 -17.68 -21.09 -3.03
N GLY C 453 -18.09 -22.20 -2.49
CA GLY C 453 -17.81 -22.48 -1.09
C GLY C 453 -18.51 -21.46 -0.23
N ASN C 454 -17.73 -20.83 0.63
CA ASN C 454 -18.32 -19.97 1.64
C ASN C 454 -18.16 -18.52 1.28
N THR C 455 -17.60 -18.28 0.10
CA THR C 455 -17.30 -16.92 -0.29
C THR C 455 -18.37 -16.44 -1.24
N LEU C 456 -18.97 -15.31 -0.91
CA LEU C 456 -19.86 -14.69 -1.86
C LEU C 456 -19.18 -13.65 -2.71
N TYR C 457 -19.35 -13.83 -4.02
CA TYR C 457 -18.92 -12.86 -5.02
C TYR C 457 -20.13 -12.14 -5.60
N TYR C 458 -20.17 -10.81 -5.48
CA TYR C 458 -21.18 -10.01 -6.17
C TYR C 458 -20.56 -9.79 -7.55
N VAL C 459 -21.34 -9.98 -8.61
CA VAL C 459 -20.76 -9.95 -9.93
C VAL C 459 -20.92 -8.54 -10.47
N ASN C 460 -20.12 -8.14 -11.48
CA ASN C 460 -20.11 -6.75 -11.94
C ASN C 460 -21.37 -6.45 -12.73
N LYS C 461 -22.01 -5.30 -12.48
CA LYS C 461 -23.30 -5.04 -13.15
C LYS C 461 -23.22 -3.95 -14.23
N GLN C 462 -22.19 -4.07 -15.06
CA GLN C 462 -21.94 -3.18 -16.20
C GLN C 462 -22.68 -3.81 -17.36
N GLU C 463 -22.96 -3.03 -18.40
CA GLU C 463 -23.78 -3.51 -19.52
C GLU C 463 -22.95 -3.95 -20.71
N GLY C 464 -23.35 -5.03 -21.37
CA GLY C 464 -22.60 -5.55 -22.51
C GLY C 464 -22.80 -7.02 -22.89
N LYS C 465 -22.50 -7.36 -24.13
CA LYS C 465 -22.79 -8.71 -24.61
C LYS C 465 -21.65 -9.71 -24.34
N SER C 466 -22.02 -10.85 -23.77
CA SER C 466 -21.08 -11.92 -23.46
C SER C 466 -21.33 -13.10 -24.38
N LEU C 467 -20.29 -13.77 -24.84
CA LEU C 467 -20.45 -14.91 -25.73
C LEU C 467 -19.72 -16.12 -25.17
N TYR C 468 -20.45 -17.22 -25.08
CA TYR C 468 -19.90 -18.45 -24.55
C TYR C 468 -19.28 -19.21 -25.71
N VAL C 469 -17.96 -19.34 -25.68
CA VAL C 469 -17.26 -20.08 -26.71
C VAL C 469 -17.08 -21.53 -26.26
N LYS C 470 -17.99 -22.38 -26.76
CA LYS C 470 -18.03 -23.77 -26.37
C LYS C 470 -16.72 -24.36 -26.86
N GLY C 471 -16.13 -25.23 -26.04
CA GLY C 471 -14.86 -25.81 -26.38
C GLY C 471 -14.50 -26.89 -25.38
N GLU C 472 -13.64 -27.79 -25.83
CA GLU C 472 -13.11 -28.89 -25.04
C GLU C 472 -12.03 -28.37 -24.16
N PRO C 473 -12.14 -28.57 -22.84
CA PRO C 473 -11.06 -28.08 -21.95
C PRO C 473 -9.75 -28.77 -22.26
N ILE C 474 -8.66 -28.04 -22.29
CA ILE C 474 -7.42 -28.60 -22.81
C ILE C 474 -6.77 -29.55 -21.81
N ILE C 475 -7.11 -29.43 -20.53
CA ILE C 475 -6.51 -30.28 -19.51
C ILE C 475 -6.88 -31.74 -19.74
N ASN C 476 -7.86 -31.99 -20.60
CA ASN C 476 -8.19 -33.33 -20.99
C ASN C 476 -7.15 -33.95 -21.94
N PHE C 477 -6.42 -33.14 -22.68
CA PHE C 477 -5.51 -33.69 -23.70
C PHE C 477 -4.19 -34.19 -23.12
N TYR C 478 -4.01 -34.03 -21.83
CA TYR C 478 -2.76 -34.42 -21.21
C TYR C 478 -2.88 -35.78 -20.56
N ASP C 479 -1.87 -36.61 -20.77
CA ASP C 479 -1.79 -37.88 -20.07
C ASP C 479 -1.29 -37.59 -18.67
N PRO C 480 -2.15 -37.82 -17.66
CA PRO C 480 -1.82 -37.33 -16.31
C PRO C 480 -0.65 -38.05 -15.66
N LEU C 481 -0.25 -39.20 -16.22
CA LEU C 481 0.86 -39.97 -15.67
C LEU C 481 2.22 -39.34 -15.89
N VAL C 482 2.30 -38.40 -16.82
CA VAL C 482 3.57 -37.78 -17.21
C VAL C 482 3.40 -36.29 -17.49
N PHE C 483 2.37 -35.72 -16.88
CA PHE C 483 2.09 -34.29 -16.98
C PHE C 483 2.85 -33.56 -15.87
N PRO C 484 3.71 -32.58 -16.23
CA PRO C 484 4.57 -31.94 -15.20
C PRO C 484 3.79 -31.20 -14.13
N SER C 485 3.58 -31.83 -12.99
CA SER C 485 2.70 -31.28 -11.99
C SER C 485 3.25 -30.01 -11.31
N ASP C 486 4.56 -29.84 -11.18
CA ASP C 486 5.08 -28.58 -10.61
C ASP C 486 5.93 -27.83 -11.65
N GLU C 487 5.32 -26.80 -12.21
CA GLU C 487 5.95 -25.87 -13.16
C GLU C 487 5.23 -24.52 -12.97
N PHE C 488 5.91 -23.57 -12.35
CA PHE C 488 5.24 -22.41 -11.75
C PHE C 488 5.11 -21.18 -12.70
N ASP C 489 5.79 -21.19 -13.85
CA ASP C 489 5.45 -20.15 -14.85
C ASP C 489 5.72 -20.61 -16.28
N ALA C 490 6.05 -21.88 -16.43
CA ALA C 490 6.50 -22.39 -17.73
C ALA C 490 5.41 -22.28 -18.84
N SER C 491 5.76 -22.53 -20.09
CA SER C 491 4.85 -22.32 -21.24
C SER C 491 4.11 -23.56 -21.75
N ILE C 492 3.34 -23.39 -22.82
CA ILE C 492 2.73 -24.54 -23.50
C ILE C 492 3.83 -25.42 -24.05
N SER C 493 4.66 -24.86 -24.91
CA SER C 493 5.75 -25.58 -25.53
C SER C 493 6.76 -26.08 -24.46
N GLN C 494 7.09 -25.25 -23.47
CA GLN C 494 8.01 -25.65 -22.37
C GLN C 494 7.50 -26.89 -21.62
N VAL C 495 6.18 -27.07 -21.63
CA VAL C 495 5.58 -28.30 -21.10
C VAL C 495 5.58 -29.43 -22.15
N ASN C 496 5.30 -29.13 -23.41
CA ASN C 496 5.32 -30.20 -24.38
C ASN C 496 6.70 -30.81 -24.50
N GLU C 497 7.76 -30.10 -24.14
CA GLU C 497 9.09 -30.69 -24.26
C GLU C 497 9.23 -31.71 -23.11
N LYS C 498 8.95 -31.31 -21.87
CA LYS C 498 9.06 -32.21 -20.71
C LYS C 498 8.22 -33.49 -20.83
N ILE C 499 7.34 -33.53 -21.83
CA ILE C 499 6.57 -34.72 -22.16
C ILE C 499 7.32 -35.52 -23.30
N ASN C 500 7.76 -34.85 -24.37
CA ASN C 500 8.64 -35.47 -25.39
C ASN C 500 9.82 -36.18 -24.71
N GLN C 501 10.23 -35.68 -23.54
CA GLN C 501 11.35 -36.22 -22.74
C GLN C 501 11.00 -37.45 -21.95
N SER C 502 9.93 -37.35 -21.16
CA SER C 502 9.49 -38.43 -20.28
C SER C 502 9.09 -39.67 -21.07
N LEU C 503 8.82 -39.46 -22.35
CA LEU C 503 8.48 -40.56 -23.24
C LEU C 503 9.76 -41.17 -23.78
N ALA C 504 10.81 -40.36 -23.95
CA ALA C 504 12.11 -40.88 -24.33
C ALA C 504 12.74 -41.58 -23.13
N PHE C 505 12.57 -40.98 -21.95
CA PHE C 505 13.04 -41.57 -20.68
C PHE C 505 12.43 -42.95 -20.48
N ILE C 506 11.36 -43.25 -21.20
CA ILE C 506 10.87 -44.62 -21.35
C ILE C 506 11.76 -45.37 -22.34
N ARG C 507 12.89 -45.86 -21.82
CA ARG C 507 13.73 -46.80 -22.55
C ARG C 507 13.48 -48.13 -21.84
N LYS C 508 12.87 -49.06 -22.56
CA LYS C 508 12.54 -50.38 -22.04
C LYS C 508 13.73 -51.38 -22.21
N SER C 509 13.50 -52.65 -21.85
CA SER C 509 14.49 -53.76 -21.99
C SER C 509 15.39 -53.64 -23.24
N GLU D 20 41.79 -13.27 14.66
CA GLU D 20 42.18 -12.75 15.95
C GLU D 20 41.97 -11.24 16.03
N VAL D 21 41.06 -10.81 16.89
CA VAL D 21 40.79 -9.39 17.09
C VAL D 21 41.82 -8.63 17.88
N GLN D 22 42.47 -7.68 17.21
CA GLN D 22 43.60 -6.99 17.79
C GLN D 22 43.65 -5.48 17.53
N LEU D 23 43.99 -4.73 18.56
CA LEU D 23 44.35 -3.33 18.43
C LEU D 23 45.77 -3.07 19.03
N VAL D 24 46.60 -2.28 18.34
CA VAL D 24 47.88 -1.89 18.94
C VAL D 24 48.22 -0.44 18.69
N GLU D 25 48.23 0.32 19.77
CA GLU D 25 48.51 1.73 19.64
C GLU D 25 49.99 1.85 19.43
N SER D 26 50.42 3.01 19.01
CA SER D 26 51.84 3.32 18.89
C SER D 26 51.99 4.83 18.64
N GLY D 27 53.18 5.36 18.90
CA GLY D 27 53.46 6.76 18.61
C GLY D 27 53.49 7.66 19.84
N GLY D 28 53.06 7.13 20.97
CA GLY D 28 53.17 7.85 22.21
C GLY D 28 54.64 7.92 22.53
N GLY D 29 55.02 8.81 23.43
CA GLY D 29 56.42 8.93 23.80
C GLY D 29 56.60 10.03 24.83
N LEU D 30 57.68 10.79 24.71
CA LEU D 30 57.92 11.94 25.56
C LEU D 30 57.82 13.25 24.77
N VAL D 31 57.15 14.24 25.35
CA VAL D 31 56.96 15.52 24.70
C VAL D 31 57.04 16.70 25.64
N LYS D 32 57.56 17.83 25.16
CA LYS D 32 57.61 19.03 25.99
C LYS D 32 56.27 19.72 25.93
N PRO D 33 55.75 20.22 27.08
CA PRO D 33 54.45 20.89 27.05
C PRO D 33 54.34 21.93 25.96
N GLY D 34 53.14 22.09 25.45
CA GLY D 34 52.95 22.89 24.26
C GLY D 34 53.39 22.13 23.02
N GLY D 35 53.68 20.84 23.15
CA GLY D 35 54.23 20.09 22.04
C GLY D 35 53.16 19.49 21.14
N SER D 36 53.55 18.48 20.35
CA SER D 36 52.61 17.72 19.51
C SER D 36 53.07 16.28 19.39
N LEU D 37 52.14 15.40 19.02
CA LEU D 37 52.44 13.99 18.85
C LEU D 37 51.23 13.30 18.26
N ARG D 38 51.44 12.34 17.36
CA ARG D 38 50.32 11.71 16.64
C ARG D 38 50.22 10.20 16.85
N LEU D 39 49.24 9.79 17.65
CA LEU D 39 49.12 8.37 17.99
C LEU D 39 48.37 7.64 16.88
N SER D 40 48.73 6.39 16.64
CA SER D 40 48.07 5.59 15.64
C SER D 40 47.70 4.28 16.25
N CYS D 41 46.51 3.83 15.95
CA CYS D 41 46.07 2.51 16.32
C CYS D 41 45.94 1.64 15.06
N ALA D 42 46.60 0.49 14.98
CA ALA D 42 46.40 -0.41 13.83
C ALA D 42 45.65 -1.65 14.29
N ALA D 43 44.59 -1.93 13.54
CA ALA D 43 43.62 -2.92 13.90
C ALA D 43 43.61 -4.00 12.86
N SER D 44 43.18 -5.20 13.27
CA SER D 44 43.29 -6.39 12.43
C SER D 44 42.42 -7.50 12.97
N GLY D 45 41.80 -8.26 12.08
CA GLY D 45 41.04 -9.43 12.50
C GLY D 45 39.57 -9.19 12.62
N PHE D 46 39.15 -8.02 12.15
CA PHE D 46 37.74 -7.71 12.07
C PHE D 46 37.57 -6.65 11.02
N THR D 47 36.39 -6.58 10.41
CA THR D 47 36.23 -5.66 9.31
C THR D 47 36.09 -4.25 9.86
N PHE D 48 37.21 -3.53 9.81
CA PHE D 48 37.38 -2.25 10.45
C PHE D 48 36.33 -1.24 10.10
N SER D 49 35.92 -1.21 8.83
CA SER D 49 34.94 -0.24 8.36
C SER D 49 33.59 -0.36 9.07
N SER D 50 33.31 -1.51 9.65
CA SER D 50 32.01 -1.77 10.16
C SER D 50 31.80 -1.23 11.56
N TYR D 51 32.86 -0.89 12.31
CA TYR D 51 32.70 -0.51 13.72
C TYR D 51 33.14 0.87 13.98
N SER D 52 32.57 1.50 15.00
CA SER D 52 32.95 2.88 15.35
C SER D 52 34.06 2.86 16.40
N MET D 53 35.11 3.67 16.23
CA MET D 53 36.30 3.55 17.06
C MET D 53 36.44 4.71 18.02
N ASN D 54 37.09 4.46 19.16
CA ASN D 54 37.24 5.42 20.22
C ASN D 54 38.61 5.51 20.84
N TRP D 55 38.91 6.67 21.41
CA TRP D 55 40.05 6.80 22.31
C TRP D 55 39.65 7.00 23.75
N VAL D 56 40.17 6.20 24.67
CA VAL D 56 40.06 6.52 26.09
C VAL D 56 41.44 6.51 26.74
N ARG D 57 41.69 7.52 27.56
CA ARG D 57 42.98 7.69 28.22
C ARG D 57 42.86 7.57 29.73
N GLN D 58 43.95 7.15 30.35
CA GLN D 58 44.02 6.93 31.79
C GLN D 58 45.31 7.52 32.35
N ALA D 59 45.18 8.36 33.38
CA ALA D 59 46.36 8.95 34.01
C ALA D 59 47.15 7.80 34.58
N PRO D 60 48.34 8.05 35.12
CA PRO D 60 49.10 6.86 35.46
C PRO D 60 48.40 5.96 36.48
N GLY D 61 47.81 6.59 37.48
CA GLY D 61 47.23 5.87 38.60
C GLY D 61 45.82 6.27 38.93
N LYS D 62 45.25 7.20 38.18
CA LYS D 62 43.97 7.73 38.55
C LYS D 62 42.99 7.52 37.42
N GLY D 63 41.98 6.72 37.68
CA GLY D 63 40.87 6.44 36.77
C GLY D 63 40.93 6.42 35.23
N LEU D 64 39.72 6.29 34.66
CA LEU D 64 39.53 6.02 33.24
C LEU D 64 38.64 7.07 32.60
N GLU D 65 39.12 7.81 31.61
CA GLU D 65 38.28 8.82 30.97
C GLU D 65 38.27 8.72 29.46
N TRP D 66 37.10 9.06 28.93
CA TRP D 66 36.87 9.07 27.51
C TRP D 66 37.53 10.29 26.85
N VAL D 67 38.03 10.09 25.63
CA VAL D 67 38.72 11.13 24.85
C VAL D 67 37.95 11.52 23.59
N SER D 68 37.74 10.57 22.70
CA SER D 68 37.10 10.89 21.43
C SER D 68 36.44 9.72 20.75
N SER D 69 35.44 10.02 19.91
CA SER D 69 34.73 9.00 19.16
C SER D 69 34.71 9.41 17.71
N ILE D 70 34.95 8.46 16.84
CA ILE D 70 34.75 8.67 15.42
C ILE D 70 33.93 7.52 14.92
N SER D 71 32.87 7.84 14.18
CA SER D 71 32.00 6.86 13.58
C SER D 71 32.70 5.98 12.53
N SER D 72 31.98 5.06 11.93
CA SER D 72 32.59 4.08 11.03
C SER D 72 33.13 4.61 9.72
N SER D 73 32.46 5.61 9.15
CA SER D 73 32.89 6.20 7.88
C SER D 73 33.33 7.63 8.03
N SER D 74 33.68 7.97 9.26
CA SER D 74 34.37 9.22 9.61
C SER D 74 33.40 10.39 9.55
N SER D 75 32.12 10.06 9.62
CA SER D 75 31.05 11.01 9.46
C SER D 75 30.63 11.69 10.73
N TYR D 76 30.72 10.99 11.84
CA TYR D 76 30.25 11.53 13.11
C TYR D 76 31.36 11.48 14.14
N ILE D 77 31.95 12.65 14.39
CA ILE D 77 33.10 12.81 15.27
C ILE D 77 32.86 13.71 16.48
N TYR D 78 33.21 13.23 17.67
CA TYR D 78 32.89 13.94 18.90
C TYR D 78 34.02 13.87 19.94
N TYR D 79 34.29 14.98 20.63
CA TYR D 79 35.41 15.04 21.60
C TYR D 79 34.99 15.34 23.04
N ALA D 80 35.70 14.76 23.99
CA ALA D 80 35.56 15.17 25.37
C ALA D 80 35.91 16.64 25.43
N ASP D 81 35.38 17.36 26.40
CA ASP D 81 35.63 18.79 26.49
C ASP D 81 37.07 19.08 26.88
N SER D 82 37.69 18.15 27.59
CA SER D 82 39.08 18.30 27.99
C SER D 82 39.93 18.76 26.84
N VAL D 83 39.65 18.15 25.68
CA VAL D 83 40.54 18.22 24.53
C VAL D 83 39.98 18.86 23.26
N LYS D 84 38.76 19.38 23.29
CA LYS D 84 38.21 20.02 22.09
C LYS D 84 39.15 21.14 21.71
N GLY D 85 39.51 21.22 20.44
CA GLY D 85 40.31 22.33 19.95
C GLY D 85 41.78 22.08 19.97
N ARG D 86 42.16 20.95 20.58
CA ARG D 86 43.55 20.50 20.63
C ARG D 86 43.77 19.21 19.87
N PHE D 87 42.91 18.25 20.14
CA PHE D 87 42.98 16.96 19.51
C PHE D 87 42.14 16.84 18.21
N THR D 88 42.60 15.97 17.31
CA THR D 88 41.85 15.64 16.10
C THR D 88 41.88 14.14 15.84
N ILE D 89 40.72 13.52 15.90
CA ILE D 89 40.57 12.10 15.65
C ILE D 89 40.27 11.87 14.17
N SER D 90 40.76 10.78 13.63
CA SER D 90 40.65 10.56 12.21
C SER D 90 40.91 9.13 11.90
N ARG D 91 40.39 8.63 10.78
CA ARG D 91 40.61 7.21 10.49
C ARG D 91 40.82 7.00 9.04
N ASP D 92 41.65 6.01 8.72
CA ASP D 92 41.96 5.63 7.35
C ASP D 92 41.49 4.22 7.12
N ASN D 93 40.22 4.05 6.81
CA ASN D 93 39.65 2.70 6.79
C ASN D 93 40.41 1.73 5.87
N ALA D 94 41.05 2.25 4.82
CA ALA D 94 41.74 1.37 3.88
C ALA D 94 42.96 0.73 4.51
N LYS D 95 43.61 1.50 5.37
CA LYS D 95 44.80 1.05 6.06
C LYS D 95 44.45 0.43 7.43
N ASN D 96 43.19 0.12 7.64
CA ASN D 96 42.72 -0.37 8.95
C ASN D 96 43.36 0.35 10.11
N SER D 97 43.30 1.67 10.07
CA SER D 97 43.95 2.50 11.07
C SER D 97 43.13 3.64 11.61
N LEU D 98 43.41 3.99 12.85
CA LEU D 98 42.77 5.10 13.53
C LEU D 98 43.86 6.02 13.98
N TYR D 99 43.71 7.33 13.83
CA TYR D 99 44.75 8.24 14.30
C TYR D 99 44.22 9.25 15.31
N LEU D 100 45.10 9.78 16.14
CA LEU D 100 44.74 10.85 17.04
C LEU D 100 45.86 11.88 17.06
N GLN D 101 45.54 13.10 16.68
CA GLN D 101 46.54 14.16 16.59
C GLN D 101 46.47 15.05 17.78
N MET D 102 47.44 14.95 18.66
CA MET D 102 47.45 15.78 19.84
C MET D 102 48.33 16.98 19.57
N ASN D 103 47.75 18.17 19.75
CA ASN D 103 48.47 19.45 19.70
C ASN D 103 48.24 20.22 21.00
N SER D 104 49.22 21.04 21.36
CA SER D 104 49.14 21.95 22.51
C SER D 104 49.00 21.21 23.82
N LEU D 105 49.75 20.12 23.96
CA LEU D 105 49.65 19.30 25.16
C LEU D 105 49.92 19.98 26.51
N ARG D 106 49.38 19.37 27.55
CA ARG D 106 49.66 19.77 28.91
C ARG D 106 50.01 18.53 29.71
N ALA D 107 50.52 18.73 30.92
CA ALA D 107 50.78 17.63 31.80
C ALA D 107 49.47 17.18 32.43
N GLU D 108 48.35 17.80 32.07
CA GLU D 108 47.08 17.21 32.50
C GLU D 108 46.70 16.14 31.45
N ASP D 109 47.34 16.17 30.28
CA ASP D 109 47.07 15.19 29.24
C ASP D 109 47.85 13.92 29.46
N THR D 110 48.76 13.91 30.42
CA THR D 110 49.55 12.70 30.64
C THR D 110 48.68 11.57 31.03
N ALA D 111 48.85 10.48 30.28
CA ALA D 111 48.04 9.29 30.43
C ALA D 111 48.50 8.18 29.50
N VAL D 112 47.92 7.00 29.70
CA VAL D 112 48.06 5.87 28.79
C VAL D 112 46.98 5.98 27.77
N TYR D 113 47.26 6.11 26.47
CA TYR D 113 46.13 6.33 25.58
C TYR D 113 45.69 5.06 24.93
N TYR D 114 44.50 4.58 25.33
CA TYR D 114 43.93 3.36 24.77
C TYR D 114 43.06 3.59 23.51
N CYS D 115 43.11 2.61 22.63
CA CYS D 115 42.34 2.58 21.41
C CYS D 115 41.30 1.52 21.66
N ALA D 116 40.01 1.78 21.40
CA ALA D 116 38.99 0.77 21.70
C ALA D 116 37.81 0.79 20.76
N ARG D 117 37.37 -0.38 20.36
CA ARG D 117 36.24 -0.51 19.45
C ARG D 117 34.90 -0.44 20.19
N ALA D 118 33.95 0.32 19.66
CA ALA D 118 32.65 0.51 20.29
C ALA D 118 31.55 -0.30 19.63
N ARG D 119 30.52 -0.52 20.41
CA ARG D 119 29.38 -1.34 20.05
C ARG D 119 28.15 -0.78 20.71
N ALA D 120 26.97 -0.99 20.12
CA ALA D 120 25.71 -0.56 20.74
C ALA D 120 24.65 -1.58 20.47
N THR D 121 23.95 -2.03 21.50
CA THR D 121 22.90 -3.02 21.33
C THR D 121 21.48 -2.43 21.55
N GLY D 122 20.89 -1.85 20.49
CA GLY D 122 19.65 -1.09 20.59
C GLY D 122 18.43 -1.77 21.22
N TYR D 123 18.32 -1.84 22.58
CA TYR D 123 17.06 -2.17 23.33
C TYR D 123 16.54 -1.06 24.29
N ASN D 124 15.53 -0.30 23.90
CA ASN D 124 15.02 0.83 24.71
C ASN D 124 16.11 1.83 25.18
N SER D 125 17.23 1.81 24.46
CA SER D 125 18.31 2.76 24.64
C SER D 125 19.38 2.40 23.65
N ILE D 126 20.32 3.30 23.41
CA ILE D 126 21.41 2.99 22.50
C ILE D 126 22.67 3.68 23.03
N THR D 127 23.31 2.89 23.88
CA THR D 127 24.34 3.30 24.82
C THR D 127 25.63 2.52 24.60
N PRO D 128 26.63 3.14 23.98
CA PRO D 128 27.74 2.31 23.53
C PRO D 128 28.52 1.64 24.67
N TYR D 129 29.22 0.55 24.33
CA TYR D 129 30.21 -0.07 25.21
C TYR D 129 31.42 -0.46 24.38
N PHE D 130 32.56 -0.62 25.05
CA PHE D 130 33.81 -0.85 24.33
C PHE D 130 34.28 -2.29 24.57
N ASP D 131 34.24 -3.13 23.53
CA ASP D 131 34.38 -4.59 23.68
C ASP D 131 35.75 -5.12 23.37
N ILE D 132 36.62 -4.29 22.81
CA ILE D 132 38.00 -4.67 22.52
C ILE D 132 38.92 -3.51 22.73
N TRP D 133 39.96 -3.69 23.51
CA TRP D 133 40.85 -2.58 23.77
C TRP D 133 42.25 -2.82 23.25
N GLY D 134 42.94 -1.71 23.07
CA GLY D 134 44.33 -1.75 22.70
C GLY D 134 45.10 -2.11 23.93
N GLN D 135 46.41 -1.96 23.83
CA GLN D 135 47.29 -2.22 24.96
C GLN D 135 47.61 -0.96 25.65
N GLY D 136 47.42 0.13 24.91
CA GLY D 136 47.65 1.49 25.34
C GLY D 136 49.06 1.89 24.97
N THR D 137 49.27 3.15 24.62
CA THR D 137 50.60 3.68 24.37
C THR D 137 50.73 4.83 25.34
N LEU D 138 51.90 5.00 25.98
CA LEU D 138 52.09 5.99 27.05
C LEU D 138 52.43 7.37 26.47
N VAL D 139 51.72 8.42 26.88
CA VAL D 139 52.10 9.79 26.49
C VAL D 139 52.38 10.59 27.75
N THR D 140 53.66 10.85 28.02
CA THR D 140 54.03 11.64 29.20
C THR D 140 54.50 13.02 28.73
N VAL D 141 53.93 14.04 29.34
CA VAL D 141 54.19 15.41 28.96
C VAL D 141 54.72 16.13 30.19
N SER D 142 56.00 16.49 30.14
CA SER D 142 56.70 17.19 31.24
C SER D 142 57.92 17.93 30.67
N SER D 143 58.76 18.49 31.54
CA SER D 143 59.84 19.35 31.06
C SER D 143 61.04 19.35 31.99
N VAL D 166 29.41 13.24 36.70
CA VAL D 166 30.23 12.05 36.94
C VAL D 166 29.36 10.92 37.57
N VAL D 167 30.00 9.76 37.66
CA VAL D 167 29.42 8.52 38.13
C VAL D 167 30.36 8.04 39.21
N THR D 168 29.91 7.95 40.47
CA THR D 168 30.80 7.59 41.57
C THR D 168 30.60 6.12 41.80
N GLN D 169 31.65 5.45 42.24
CA GLN D 169 31.50 4.10 42.70
C GLN D 169 32.43 3.83 43.86
N THR D 170 32.05 2.83 44.66
CA THR D 170 32.69 2.53 45.92
C THR D 170 34.18 2.45 45.71
N PRO D 171 34.98 3.15 46.55
CA PRO D 171 36.40 3.33 46.21
C PRO D 171 37.28 2.10 46.50
N SER D 172 36.88 1.28 47.48
CA SER D 172 37.56 0.01 47.72
C SER D 172 36.66 -0.99 48.44
N VAL D 173 36.90 -2.25 48.10
CA VAL D 173 36.15 -3.41 48.56
C VAL D 173 37.12 -4.52 48.87
N SER D 174 36.93 -5.23 49.98
CA SER D 174 37.78 -6.39 50.23
C SER D 174 36.99 -7.59 50.81
N GLY D 175 37.49 -8.80 50.55
CA GLY D 175 36.87 -10.05 50.97
C GLY D 175 37.78 -11.26 50.70
N ALA D 176 37.54 -12.36 51.42
CA ALA D 176 38.38 -13.57 51.34
C ALA D 176 38.01 -14.55 50.22
N PRO D 177 38.97 -15.41 49.76
CA PRO D 177 38.65 -16.37 48.70
C PRO D 177 37.45 -17.25 49.07
N GLY D 178 36.43 -17.24 48.22
CA GLY D 178 35.18 -17.92 48.50
C GLY D 178 34.07 -16.94 48.81
N GLN D 179 34.37 -15.79 49.42
CA GLN D 179 33.32 -14.80 49.74
C GLN D 179 32.60 -14.21 48.55
N ARG D 180 31.50 -13.53 48.85
CA ARG D 180 30.79 -12.65 47.91
C ARG D 180 31.06 -11.15 48.27
N VAL D 181 31.20 -10.29 47.26
CA VAL D 181 31.25 -8.84 47.50
C VAL D 181 30.37 -8.11 46.50
N THR D 182 30.03 -6.87 46.80
CA THR D 182 29.32 -6.07 45.80
C THR D 182 29.94 -4.67 45.75
N ILE D 183 29.83 -4.11 44.54
CA ILE D 183 30.34 -2.80 44.15
C ILE D 183 29.18 -1.93 43.63
N SER D 184 29.01 -0.73 44.19
CA SER D 184 27.94 0.13 43.70
C SER D 184 28.45 1.21 42.78
N CYS D 185 27.65 1.46 41.72
CA CYS D 185 27.94 2.44 40.65
C CYS D 185 26.75 3.43 40.57
N THR D 186 26.95 4.66 41.04
CA THR D 186 25.86 5.62 41.19
C THR D 186 26.01 6.87 40.33
N GLY D 187 25.08 7.05 39.40
CA GLY D 187 25.09 8.16 38.46
C GLY D 187 23.87 9.01 38.68
N SER D 188 23.56 9.85 37.72
CA SER D 188 22.69 10.98 38.01
C SER D 188 21.45 10.96 37.17
N SER D 189 20.71 12.07 37.17
CA SER D 189 19.48 12.20 36.39
C SER D 189 19.72 12.02 34.88
N SER D 190 20.78 12.67 34.38
CA SER D 190 21.33 12.38 33.05
C SER D 190 22.20 11.13 33.14
N ASN D 191 22.79 10.69 32.04
CA ASN D 191 23.33 9.33 31.94
C ASN D 191 22.36 8.29 32.54
N ILE D 192 22.78 7.43 33.47
CA ILE D 192 21.90 6.34 33.94
C ILE D 192 20.53 6.86 34.32
N GLY D 193 19.48 6.12 34.03
CA GLY D 193 18.21 6.66 34.48
C GLY D 193 17.66 7.80 33.64
N ALA D 194 18.51 8.42 32.82
CA ALA D 194 18.00 9.16 31.67
C ALA D 194 17.78 8.06 30.65
N GLY D 195 18.14 6.83 31.07
CA GLY D 195 17.65 5.59 30.49
C GLY D 195 18.68 4.75 29.74
N TYR D 196 19.92 5.26 29.77
CA TYR D 196 21.08 4.59 29.19
C TYR D 196 21.38 3.43 30.05
N ASP D 197 22.33 2.64 29.61
CA ASP D 197 22.57 1.40 30.27
C ASP D 197 23.92 1.52 30.91
N VAL D 198 24.34 0.44 31.58
CA VAL D 198 25.59 0.42 32.29
C VAL D 198 26.44 -0.74 31.80
N HIS D 199 27.74 -0.56 31.77
CA HIS D 199 28.64 -1.61 31.39
C HIS D 199 29.71 -1.75 32.42
N TRP D 200 30.48 -2.83 32.37
CA TRP D 200 31.52 -3.01 33.34
C TRP D 200 32.83 -3.46 32.75
N TYR D 201 33.93 -2.93 33.29
CA TYR D 201 35.26 -3.29 32.84
C TYR D 201 36.06 -3.83 34.01
N GLN D 202 36.91 -4.83 33.75
CA GLN D 202 37.82 -5.39 34.75
C GLN D 202 39.20 -5.02 34.30
N GLN D 203 39.96 -4.28 35.10
CA GLN D 203 41.28 -3.87 34.70
C GLN D 203 42.27 -4.53 35.62
N LEU D 204 42.85 -5.61 35.12
CA LEU D 204 43.92 -6.27 35.82
C LEU D 204 45.11 -5.30 35.85
N PRO D 205 45.98 -5.40 36.88
CA PRO D 205 46.92 -4.32 37.25
C PRO D 205 47.72 -3.61 36.16
N GLY D 206 48.51 -4.33 35.37
CA GLY D 206 49.36 -3.71 34.34
C GLY D 206 48.66 -3.58 33.01
N THR D 207 47.65 -4.43 32.86
CA THR D 207 47.03 -4.64 31.58
C THR D 207 45.92 -3.64 31.33
N ALA D 208 45.36 -3.73 30.14
CA ALA D 208 44.26 -2.90 29.75
C ALA D 208 42.94 -3.47 30.18
N PRO D 209 41.91 -2.61 30.23
CA PRO D 209 40.54 -2.98 30.54
C PRO D 209 40.07 -4.13 29.71
N LYS D 210 39.29 -5.02 30.30
CA LYS D 210 38.64 -6.10 29.57
C LYS D 210 37.14 -5.89 29.80
N LEU D 211 36.33 -6.17 28.78
CA LEU D 211 34.90 -5.98 28.94
C LEU D 211 34.40 -7.05 29.84
N LEU D 212 33.74 -6.65 30.94
CA LEU D 212 33.23 -7.60 31.94
C LEU D 212 31.73 -7.87 31.88
N ILE D 213 30.94 -6.80 31.83
CA ILE D 213 29.49 -6.85 31.68
C ILE D 213 29.12 -5.79 30.69
N TYR D 214 28.25 -6.14 29.76
CA TYR D 214 27.67 -5.17 28.84
C TYR D 214 26.15 -5.24 28.92
N ASP D 215 25.47 -4.12 28.70
CA ASP D 215 24.01 -4.04 28.84
C ASP D 215 23.53 -4.55 30.18
N ASN D 216 24.08 -3.96 31.23
CA ASN D 216 23.58 -4.14 32.58
C ASN D 216 23.87 -5.48 33.24
N ASN D 217 23.67 -6.58 32.52
CA ASN D 217 23.80 -7.90 33.12
C ASN D 217 24.16 -9.03 32.16
N ASN D 218 24.94 -8.74 31.13
CA ASN D 218 25.32 -9.78 30.17
C ASN D 218 26.83 -9.92 30.21
N ARG D 219 27.34 -11.14 30.25
CA ARG D 219 28.80 -11.37 30.30
C ARG D 219 29.33 -11.76 28.94
N PRO D 220 30.49 -11.20 28.53
CA PRO D 220 30.93 -11.63 27.19
C PRO D 220 31.43 -13.08 27.21
N SER D 221 32.06 -13.58 26.16
CA SER D 221 32.24 -15.04 26.06
C SER D 221 32.92 -15.63 27.28
N GLY D 222 34.07 -15.09 27.67
CA GLY D 222 34.92 -15.83 28.59
C GLY D 222 34.78 -15.48 30.06
N VAL D 223 33.75 -14.72 30.38
CA VAL D 223 33.60 -14.20 31.72
C VAL D 223 32.62 -15.14 32.46
N PRO D 224 33.10 -15.77 33.55
CA PRO D 224 32.40 -16.80 34.33
C PRO D 224 31.21 -16.28 35.13
N ASP D 225 30.24 -17.15 35.41
CA ASP D 225 29.02 -16.76 36.14
C ASP D 225 29.26 -16.14 37.53
N ARG D 226 30.49 -16.18 38.06
CA ARG D 226 30.68 -15.52 39.35
C ARG D 226 30.12 -14.12 39.24
N PHE D 227 30.55 -13.44 38.18
CA PHE D 227 30.19 -12.04 37.93
C PHE D 227 28.74 -11.83 37.48
N SER D 228 28.09 -10.82 38.07
CA SER D 228 26.69 -10.51 37.79
C SER D 228 26.44 -9.06 38.13
N ALA D 229 25.56 -8.42 37.37
CA ALA D 229 25.32 -7.02 37.61
C ALA D 229 23.88 -6.61 37.30
N SER D 230 23.50 -5.42 37.72
CA SER D 230 22.16 -4.92 37.52
C SER D 230 22.18 -3.42 37.32
N LYS D 231 21.03 -2.93 36.87
CA LYS D 231 20.77 -1.50 36.76
C LYS D 231 19.45 -1.31 37.42
N SER D 232 19.32 -0.22 38.18
CA SER D 232 18.05 0.13 38.76
C SER D 232 18.04 1.61 39.07
N GLY D 233 17.18 2.30 38.34
CA GLY D 233 16.96 3.71 38.57
C GLY D 233 18.19 4.52 38.20
N THR D 234 18.91 5.08 39.17
CA THR D 234 20.02 5.99 38.82
C THR D 234 21.33 5.37 39.24
N SER D 235 21.35 4.04 39.36
CA SER D 235 22.53 3.37 39.87
C SER D 235 22.57 1.89 39.47
N ALA D 236 23.76 1.30 39.62
CA ALA D 236 23.98 -0.09 39.27
C ALA D 236 24.88 -0.79 40.26
N SER D 237 25.06 -2.10 40.04
CA SER D 237 25.80 -2.94 40.98
C SER D 237 26.44 -4.19 40.35
N LEU D 238 27.75 -4.37 40.50
CA LEU D 238 28.46 -5.61 40.13
C LEU D 238 28.57 -6.54 41.34
N ALA D 239 28.43 -7.83 41.12
CA ALA D 239 28.46 -8.78 42.23
C ALA D 239 29.30 -10.00 41.93
N ILE D 240 30.41 -10.13 42.65
CA ILE D 240 31.35 -11.21 42.42
C ILE D 240 31.10 -12.29 43.43
N THR D 241 30.70 -13.49 42.97
CA THR D 241 30.30 -14.58 43.87
C THR D 241 31.39 -15.64 44.01
N GLY D 242 32.18 -15.56 45.08
CA GLY D 242 33.31 -16.46 45.29
C GLY D 242 34.63 -16.01 44.68
N LEU D 243 35.35 -15.15 45.41
CA LEU D 243 36.56 -14.54 44.89
C LEU D 243 37.63 -15.56 44.60
N GLN D 244 38.35 -15.32 43.52
CA GLN D 244 39.52 -16.12 43.19
C GLN D 244 40.72 -15.19 43.33
N ALA D 245 41.92 -15.77 43.41
CA ALA D 245 43.12 -14.97 43.44
C ALA D 245 43.13 -14.00 42.26
N GLU D 246 42.74 -14.51 41.09
CA GLU D 246 42.85 -13.76 39.84
C GLU D 246 41.89 -12.58 39.69
N ASP D 247 40.98 -12.38 40.66
CA ASP D 247 39.96 -11.32 40.60
C ASP D 247 40.46 -9.99 41.13
N GLU D 248 41.70 -10.02 41.55
CA GLU D 248 42.32 -8.85 42.12
C GLU D 248 42.41 -7.86 40.97
N ALA D 249 41.61 -6.79 41.03
CA ALA D 249 41.64 -5.78 39.97
C ALA D 249 40.83 -4.50 40.24
N ASP D 250 41.02 -3.52 39.38
CA ASP D 250 40.15 -2.35 39.38
C ASP D 250 38.89 -2.61 38.54
N TYR D 251 37.71 -2.31 39.09
CA TYR D 251 36.48 -2.47 38.34
C TYR D 251 35.81 -1.11 38.05
N TYR D 252 35.66 -0.80 36.76
CA TYR D 252 35.04 0.45 36.32
C TYR D 252 33.70 0.21 35.65
N CYS D 253 32.67 0.87 36.18
CA CYS D 253 31.37 0.94 35.53
C CYS D 253 31.38 2.06 34.52
N GLN D 254 30.67 1.84 33.44
CA GLN D 254 30.62 2.80 32.33
C GLN D 254 29.22 2.93 31.84
N SER D 255 28.93 4.07 31.27
CA SER D 255 27.63 4.35 30.74
C SER D 255 27.79 5.57 29.90
N TYR D 256 26.69 6.12 29.39
CA TYR D 256 26.79 7.25 28.48
C TYR D 256 25.91 8.38 28.99
N ASP D 257 26.41 9.62 28.92
CA ASP D 257 25.71 10.78 29.49
C ASP D 257 25.23 11.77 28.41
N ARG D 258 24.11 12.49 28.60
CA ARG D 258 23.62 13.29 27.49
C ARG D 258 24.53 14.48 27.16
N SER D 259 25.29 14.98 28.14
CA SER D 259 26.21 16.08 27.89
C SER D 259 27.70 15.70 27.84
N LEU D 260 28.12 14.97 28.85
CA LEU D 260 29.52 14.64 29.05
C LEU D 260 29.93 13.60 28.00
N SER D 261 28.92 13.00 27.38
CA SER D 261 29.05 12.15 26.17
C SER D 261 29.87 10.89 26.38
N GLY D 262 29.52 10.12 27.40
CA GLY D 262 30.18 8.84 27.61
C GLY D 262 31.10 8.87 28.82
N VAL D 263 30.83 8.06 29.84
CA VAL D 263 31.44 8.25 31.16
C VAL D 263 31.72 6.97 31.92
N PHE D 264 32.84 6.98 32.63
CA PHE D 264 33.25 5.88 33.44
C PHE D 264 33.07 6.26 34.90
N GLY D 265 32.96 5.23 35.73
CA GLY D 265 33.05 5.41 37.15
C GLY D 265 34.44 5.84 37.58
N THR D 266 34.49 6.14 38.86
CA THR D 266 35.70 6.54 39.54
C THR D 266 36.60 5.39 39.87
N GLY D 267 36.10 4.17 39.67
CA GLY D 267 36.91 2.99 39.90
C GLY D 267 36.75 2.35 41.26
N THR D 268 36.96 1.05 41.30
CA THR D 268 36.79 0.27 42.51
C THR D 268 37.95 -0.71 42.70
N LYS D 269 38.75 -0.53 43.74
CA LYS D 269 39.90 -1.42 43.95
C LYS D 269 39.46 -2.59 44.82
N VAL D 270 39.29 -3.75 44.22
CA VAL D 270 38.93 -4.98 44.94
C VAL D 270 40.16 -5.83 45.28
N THR D 271 40.38 -6.07 46.58
CA THR D 271 41.52 -6.87 47.06
C THR D 271 41.05 -8.22 47.67
N VAL D 272 41.80 -9.30 47.39
CA VAL D 272 41.43 -10.65 47.85
C VAL D 272 42.38 -11.21 48.94
N LEU D 273 41.82 -11.54 50.10
CA LEU D 273 42.63 -11.90 51.29
C LEU D 273 42.55 -13.39 51.68
N GLY D 274 43.60 -14.16 51.40
CA GLY D 274 43.72 -15.55 51.88
C GLY D 274 42.50 -16.33 52.42
N GLU E 20 -25.81 -38.23 10.24
CA GLU E 20 -27.16 -37.90 10.67
C GLU E 20 -27.12 -36.78 11.72
N VAL E 21 -27.61 -35.61 11.30
CA VAL E 21 -27.78 -34.40 12.11
C VAL E 21 -29.00 -34.38 12.99
N GLN E 22 -28.78 -34.34 14.30
CA GLN E 22 -29.84 -34.52 15.27
C GLN E 22 -29.74 -33.59 16.43
N LEU E 23 -30.90 -33.12 16.84
CA LEU E 23 -31.02 -32.43 18.09
C LEU E 23 -32.03 -33.13 19.03
N VAL E 24 -31.73 -33.29 20.31
CA VAL E 24 -32.71 -33.92 21.21
C VAL E 24 -32.88 -33.28 22.59
N GLU E 25 -34.04 -32.69 22.86
CA GLU E 25 -34.27 -31.95 24.08
C GLU E 25 -34.56 -32.90 25.20
N SER E 26 -34.70 -32.40 26.41
CA SER E 26 -35.15 -33.23 27.54
C SER E 26 -35.55 -32.35 28.72
N GLY E 27 -36.30 -32.88 29.68
CA GLY E 27 -36.44 -32.15 30.93
C GLY E 27 -37.73 -31.42 31.11
N GLY E 28 -38.54 -31.41 30.08
CA GLY E 28 -39.83 -30.83 30.22
C GLY E 28 -40.56 -31.70 31.19
N GLY E 29 -41.64 -31.20 31.77
CA GLY E 29 -42.43 -31.98 32.68
C GLY E 29 -43.57 -31.16 33.21
N LEU E 30 -43.95 -31.38 34.46
CA LEU E 30 -45.00 -30.61 35.07
C LEU E 30 -44.34 -29.72 36.07
N VAL E 31 -44.70 -28.45 36.12
CA VAL E 31 -44.16 -27.60 37.15
C VAL E 31 -45.22 -26.70 37.65
N LYS E 32 -45.20 -26.45 38.94
CA LYS E 32 -46.16 -25.53 39.52
C LYS E 32 -45.71 -24.12 39.31
N PRO E 33 -46.64 -23.22 39.15
CA PRO E 33 -46.22 -21.85 38.94
C PRO E 33 -45.18 -21.38 39.94
N GLY E 34 -44.38 -20.41 39.52
CA GLY E 34 -43.29 -19.94 40.34
C GLY E 34 -42.14 -20.90 40.34
N GLY E 35 -42.17 -21.89 39.47
CA GLY E 35 -41.24 -23.00 39.63
C GLY E 35 -39.95 -22.78 38.94
N SER E 36 -39.24 -23.87 38.71
CA SER E 36 -38.02 -23.87 37.91
C SER E 36 -37.93 -25.16 37.19
N LEU E 37 -37.09 -25.21 36.17
CA LEU E 37 -37.00 -26.39 35.33
C LEU E 37 -35.87 -26.21 34.30
N ARG E 38 -35.12 -27.24 33.95
CA ARG E 38 -33.99 -27.00 33.03
C ARG E 38 -33.94 -27.91 31.78
N LEU E 39 -34.24 -27.34 30.63
CA LEU E 39 -34.29 -28.12 29.41
C LEU E 39 -32.86 -28.24 28.94
N SER E 40 -32.49 -29.37 28.36
CA SER E 40 -31.13 -29.55 27.86
C SER E 40 -31.30 -30.13 26.50
N CYS E 41 -30.69 -29.50 25.53
CA CYS E 41 -30.68 -29.99 24.16
C CYS E 41 -29.31 -30.51 23.79
N ALA E 42 -29.29 -31.75 23.38
CA ALA E 42 -28.08 -32.43 23.04
C ALA E 42 -27.94 -32.59 21.52
N ALA E 43 -26.78 -32.26 20.98
CA ALA E 43 -26.60 -32.16 19.53
C ALA E 43 -25.58 -33.13 18.97
N SER E 44 -25.72 -33.49 17.70
CA SER E 44 -24.86 -34.53 17.19
C SER E 44 -24.79 -34.72 15.69
N GLY E 45 -23.56 -34.84 15.17
CA GLY E 45 -23.37 -35.11 13.77
C GLY E 45 -23.09 -33.83 13.02
N PHE E 46 -22.81 -32.77 13.76
CA PHE E 46 -22.36 -31.49 13.16
C PHE E 46 -21.52 -30.70 14.18
N THR E 47 -20.54 -29.93 13.74
CA THR E 47 -19.66 -29.36 14.76
C THR E 47 -20.38 -28.19 15.44
N PHE E 48 -20.77 -28.48 16.66
CA PHE E 48 -21.64 -27.64 17.47
C PHE E 48 -21.06 -26.25 17.59
N SER E 49 -19.76 -26.15 17.79
CA SER E 49 -19.07 -24.88 18.02
C SER E 49 -19.22 -23.90 16.88
N SER E 50 -19.56 -24.40 15.70
CA SER E 50 -19.58 -23.57 14.53
C SER E 50 -20.89 -22.84 14.34
N TYR E 51 -21.96 -23.24 15.04
CA TYR E 51 -23.34 -22.73 14.77
C TYR E 51 -23.95 -22.01 15.95
N SER E 52 -24.85 -21.10 15.60
CA SER E 52 -25.53 -20.32 16.61
C SER E 52 -26.77 -21.12 16.96
N MET E 53 -27.12 -21.21 18.24
CA MET E 53 -28.26 -22.03 18.67
C MET E 53 -29.48 -21.19 19.20
N ASN E 54 -30.68 -21.76 19.12
CA ASN E 54 -31.90 -21.09 19.57
C ASN E 54 -32.93 -21.99 20.28
N TRP E 55 -33.77 -21.46 21.15
CA TRP E 55 -34.98 -22.16 21.60
C TRP E 55 -36.19 -21.49 21.03
N VAL E 56 -37.08 -22.19 20.35
CA VAL E 56 -38.38 -21.60 20.06
C VAL E 56 -39.42 -22.49 20.61
N ARG E 57 -40.42 -21.94 21.25
CA ARG E 57 -41.43 -22.75 21.89
C ARG E 57 -42.73 -22.57 21.18
N GLN E 58 -43.58 -23.56 21.29
CA GLN E 58 -44.84 -23.54 20.59
C GLN E 58 -45.85 -23.99 21.61
N ALA E 59 -46.91 -23.21 21.76
CA ALA E 59 -47.98 -23.47 22.72
C ALA E 59 -48.56 -24.79 22.38
N PRO E 60 -49.45 -25.33 23.19
CA PRO E 60 -49.75 -26.70 22.77
C PRO E 60 -50.38 -26.77 21.35
N GLY E 61 -51.28 -25.82 21.08
CA GLY E 61 -52.04 -25.81 19.85
C GLY E 61 -51.88 -24.52 19.08
N LYS E 62 -51.06 -23.60 19.54
CA LYS E 62 -51.06 -22.27 18.96
C LYS E 62 -49.81 -22.08 18.11
N GLY E 63 -49.54 -20.84 17.73
CA GLY E 63 -48.39 -20.50 16.90
C GLY E 63 -47.03 -20.88 17.44
N LEU E 64 -45.99 -20.34 16.80
CA LEU E 64 -44.58 -20.69 17.02
C LEU E 64 -43.94 -19.45 17.55
N GLU E 65 -43.31 -19.41 18.73
CA GLU E 65 -42.65 -18.16 19.12
C GLU E 65 -41.17 -18.30 19.55
N TRP E 66 -40.29 -17.38 19.11
CA TRP E 66 -38.86 -17.44 19.45
C TRP E 66 -38.70 -17.13 20.89
N VAL E 67 -37.76 -17.78 21.57
CA VAL E 67 -37.59 -17.57 23.02
C VAL E 67 -36.29 -16.91 23.35
N SER E 68 -35.21 -17.55 22.97
CA SER E 68 -33.91 -17.08 23.31
C SER E 68 -32.89 -17.52 22.27
N SER E 69 -31.80 -16.77 22.12
CA SER E 69 -30.75 -17.07 21.16
C SER E 69 -29.40 -17.00 21.83
N ILE E 70 -28.50 -17.92 21.55
CA ILE E 70 -27.10 -17.78 21.98
C ILE E 70 -26.10 -17.95 20.84
N SER E 71 -25.19 -16.98 20.68
CA SER E 71 -24.18 -17.02 19.61
C SER E 71 -23.26 -18.21 19.78
N SER E 72 -22.34 -18.45 18.84
CA SER E 72 -21.60 -19.72 18.88
C SER E 72 -20.69 -19.91 20.07
N SER E 73 -20.01 -18.88 20.51
CA SER E 73 -19.09 -18.99 21.65
C SER E 73 -19.61 -18.22 22.85
N SER E 74 -20.91 -18.06 22.85
CA SER E 74 -21.67 -17.64 24.03
C SER E 74 -21.45 -16.18 24.26
N SER E 75 -21.04 -15.50 23.21
CA SER E 75 -20.70 -14.11 23.35
C SER E 75 -21.88 -13.22 23.18
N TYR E 76 -22.86 -13.62 22.39
CA TYR E 76 -23.99 -12.74 22.12
C TYR E 76 -25.31 -13.44 22.40
N ILE E 77 -25.89 -13.12 23.56
CA ILE E 77 -27.06 -13.81 24.09
C ILE E 77 -28.26 -12.90 24.17
N TYR E 78 -29.41 -13.32 23.65
CA TYR E 78 -30.58 -12.43 23.52
C TYR E 78 -31.90 -13.12 23.86
N TYR E 79 -32.77 -12.45 24.60
CA TYR E 79 -34.02 -13.07 25.03
C TYR E 79 -35.21 -12.31 24.56
N ALA E 80 -36.21 -13.06 24.12
CA ALA E 80 -37.51 -12.50 23.85
C ALA E 80 -38.02 -11.82 25.09
N ASP E 81 -38.86 -10.82 24.94
CA ASP E 81 -39.28 -10.04 26.09
C ASP E 81 -40.05 -10.81 27.14
N SER E 82 -40.82 -11.82 26.74
CA SER E 82 -41.58 -12.67 27.67
C SER E 82 -40.75 -13.12 28.84
N VAL E 83 -39.52 -13.53 28.53
CA VAL E 83 -38.71 -14.30 29.45
C VAL E 83 -37.52 -13.52 29.92
N LYS E 84 -37.42 -12.27 29.52
CA LYS E 84 -36.25 -11.57 29.96
C LYS E 84 -36.37 -11.57 31.47
N GLY E 85 -35.30 -12.00 32.10
CA GLY E 85 -35.23 -11.96 33.54
C GLY E 85 -35.69 -13.21 34.25
N ARG E 86 -36.26 -14.14 33.49
CA ARG E 86 -36.76 -15.36 34.07
C ARG E 86 -35.92 -16.53 33.51
N PHE E 87 -35.72 -16.55 32.19
CA PHE E 87 -34.96 -17.62 31.54
C PHE E 87 -33.45 -17.31 31.30
N THR E 88 -32.57 -18.31 31.39
CA THR E 88 -31.13 -18.09 31.13
C THR E 88 -30.53 -19.17 30.20
N ILE E 89 -30.08 -18.76 29.02
CA ILE E 89 -29.55 -19.71 28.05
C ILE E 89 -28.04 -19.85 28.15
N SER E 90 -27.52 -20.97 27.76
CA SER E 90 -26.11 -21.22 27.98
C SER E 90 -25.76 -22.45 27.23
N ARG E 91 -24.47 -22.67 27.00
CA ARG E 91 -24.10 -23.87 26.29
C ARG E 91 -22.75 -24.42 26.70
N ASP E 92 -22.61 -25.73 26.65
CA ASP E 92 -21.36 -26.36 26.97
C ASP E 92 -20.82 -27.01 25.72
N ASN E 93 -20.12 -26.24 24.89
CA ASN E 93 -19.66 -26.71 23.59
C ASN E 93 -18.85 -27.97 23.68
N ALA E 94 -18.22 -28.14 24.82
CA ALA E 94 -17.44 -29.34 25.06
C ALA E 94 -18.37 -30.58 25.10
N LYS E 95 -19.58 -30.42 25.64
CA LYS E 95 -20.56 -31.52 25.72
C LYS E 95 -21.59 -31.52 24.56
N ASN E 96 -21.30 -30.85 23.45
CA ASN E 96 -22.31 -30.67 22.39
C ASN E 96 -23.70 -30.37 22.96
N SER E 97 -23.80 -29.42 23.88
CA SER E 97 -25.07 -29.23 24.53
C SER E 97 -25.51 -27.76 24.68
N LEU E 98 -26.83 -27.60 24.76
CA LEU E 98 -27.44 -26.33 24.96
C LEU E 98 -28.38 -26.44 26.11
N TYR E 99 -28.36 -25.52 27.06
CA TYR E 99 -29.25 -25.62 28.20
C TYR E 99 -30.13 -24.40 28.20
N LEU E 100 -31.32 -24.50 28.81
CA LEU E 100 -32.21 -23.35 29.08
C LEU E 100 -32.78 -23.50 30.47
N GLN E 101 -32.46 -22.57 31.36
CA GLN E 101 -32.86 -22.58 32.78
C GLN E 101 -34.02 -21.68 33.02
N MET E 102 -35.20 -22.24 33.26
CA MET E 102 -36.42 -21.46 33.39
C MET E 102 -36.73 -21.29 34.85
N ASN E 103 -36.84 -20.06 35.32
CA ASN E 103 -37.26 -19.82 36.70
C ASN E 103 -38.51 -18.93 36.75
N SER E 104 -39.27 -19.05 37.82
CA SER E 104 -40.43 -18.19 37.95
C SER E 104 -41.41 -18.47 36.83
N LEU E 105 -41.64 -19.74 36.52
CA LEU E 105 -42.56 -20.07 35.43
C LEU E 105 -43.94 -19.53 35.69
N ARG E 106 -44.66 -19.32 34.62
CA ARG E 106 -46.01 -18.90 34.72
C ARG E 106 -46.71 -19.92 33.90
N ALA E 107 -48.02 -19.94 33.95
CA ALA E 107 -48.71 -20.92 33.15
C ALA E 107 -48.69 -20.45 31.73
N GLU E 108 -48.16 -19.26 31.48
CA GLU E 108 -48.09 -18.75 30.12
C GLU E 108 -46.97 -19.36 29.32
N ASP E 109 -46.08 -19.99 30.06
CA ASP E 109 -44.88 -20.61 29.52
C ASP E 109 -45.12 -22.01 29.04
N THR E 110 -46.34 -22.47 29.22
CA THR E 110 -46.68 -23.80 28.83
C THR E 110 -46.50 -23.91 27.35
N ALA E 111 -45.74 -24.90 26.92
CA ALA E 111 -45.51 -25.09 25.52
C ALA E 111 -44.58 -26.23 25.31
N VAL E 112 -44.41 -26.57 24.05
CA VAL E 112 -43.40 -27.47 23.61
C VAL E 112 -42.11 -26.67 23.34
N TYR E 113 -40.99 -26.97 23.97
CA TYR E 113 -39.81 -26.15 23.76
C TYR E 113 -38.87 -26.79 22.73
N TYR E 114 -38.79 -26.20 21.53
CA TYR E 114 -37.90 -26.72 20.48
C TYR E 114 -36.56 -26.10 20.60
N CYS E 115 -35.57 -26.89 20.25
CA CYS E 115 -34.18 -26.53 20.17
C CYS E 115 -33.80 -26.40 18.70
N ALA E 116 -33.15 -25.34 18.26
CA ALA E 116 -32.83 -25.25 16.85
C ALA E 116 -31.57 -24.55 16.54
N ARG E 117 -30.89 -25.08 15.53
CA ARG E 117 -29.71 -24.51 14.93
C ARG E 117 -30.02 -23.44 13.89
N ALA E 118 -29.38 -22.30 14.05
CA ALA E 118 -29.63 -21.18 13.23
C ALA E 118 -28.55 -21.01 12.20
N ARG E 119 -28.96 -20.40 11.12
CA ARG E 119 -28.08 -20.14 10.01
C ARG E 119 -28.51 -18.84 9.36
N ALA E 120 -27.53 -18.13 8.83
CA ALA E 120 -27.79 -16.90 8.12
C ALA E 120 -26.81 -16.79 7.00
N THR E 121 -27.28 -16.44 5.81
CA THR E 121 -26.33 -16.39 4.70
C THR E 121 -25.60 -14.95 4.58
N GLY E 122 -26.29 -13.80 4.45
CA GLY E 122 -25.63 -12.51 4.24
C GLY E 122 -25.50 -12.09 2.76
N TYR E 123 -26.61 -11.67 2.14
CA TYR E 123 -26.69 -11.00 0.83
C TYR E 123 -27.60 -9.72 0.89
N ASN E 124 -26.97 -8.58 1.11
CA ASN E 124 -27.68 -7.27 1.30
C ASN E 124 -28.70 -7.40 2.43
N SER E 125 -28.50 -8.40 3.28
CA SER E 125 -29.22 -8.51 4.55
C SER E 125 -28.74 -9.72 5.32
N ILE E 126 -28.93 -9.78 6.62
CA ILE E 126 -28.44 -10.95 7.40
C ILE E 126 -29.46 -11.38 8.46
N THR E 127 -30.32 -12.27 8.02
CA THR E 127 -31.51 -12.60 8.77
C THR E 127 -31.56 -14.11 8.99
N PRO E 128 -31.35 -14.51 10.23
CA PRO E 128 -31.20 -15.92 10.42
C PRO E 128 -32.45 -16.68 10.05
N TYR E 129 -32.22 -17.97 9.82
CA TYR E 129 -33.25 -18.98 9.72
C TYR E 129 -32.77 -20.20 10.53
N PHE E 130 -33.71 -21.10 10.83
CA PHE E 130 -33.44 -22.26 11.67
C PHE E 130 -33.54 -23.54 10.83
N ASP E 131 -32.40 -24.21 10.55
CA ASP E 131 -32.45 -25.28 9.55
C ASP E 131 -32.54 -26.71 10.11
N ILE E 132 -32.40 -26.83 11.41
CA ILE E 132 -32.46 -28.12 12.07
C ILE E 132 -33.24 -27.97 13.37
N TRP E 133 -34.28 -28.77 13.58
CA TRP E 133 -35.02 -28.68 14.84
C TRP E 133 -34.99 -30.00 15.58
N GLY E 134 -35.04 -29.92 16.90
CA GLY E 134 -35.21 -31.09 17.74
C GLY E 134 -36.67 -31.39 17.66
N GLN E 135 -37.13 -32.37 18.40
CA GLN E 135 -38.52 -32.67 18.37
C GLN E 135 -39.24 -32.02 19.49
N GLY E 136 -38.48 -31.44 20.40
CA GLY E 136 -39.04 -30.60 21.44
C GLY E 136 -39.41 -31.32 22.70
N THR E 137 -39.31 -30.59 23.81
CA THR E 137 -39.64 -31.14 25.12
C THR E 137 -40.81 -30.35 25.65
N LEU E 138 -41.77 -31.05 26.26
CA LEU E 138 -43.02 -30.40 26.67
C LEU E 138 -42.91 -29.85 28.09
N VAL E 139 -43.28 -28.59 28.28
CA VAL E 139 -43.30 -27.99 29.61
C VAL E 139 -44.70 -27.54 29.92
N THR E 140 -45.33 -28.22 30.86
CA THR E 140 -46.68 -27.88 31.27
C THR E 140 -46.62 -27.20 32.61
N VAL E 141 -47.31 -26.09 32.74
CA VAL E 141 -47.31 -25.35 33.99
C VAL E 141 -48.68 -25.24 34.62
N SER E 142 -48.92 -26.03 35.68
CA SER E 142 -50.16 -25.96 36.41
C SER E 142 -50.12 -26.72 37.71
N SER E 143 -51.29 -26.92 38.33
CA SER E 143 -51.49 -27.64 39.61
C SER E 143 -52.93 -28.26 39.79
N VAL E 166 -46.01 -7.87 14.94
CA VAL E 166 -46.32 -9.22 14.51
C VAL E 166 -46.45 -9.23 12.96
N VAL E 167 -46.52 -10.45 12.45
CA VAL E 167 -46.50 -10.80 11.04
C VAL E 167 -47.67 -11.74 10.90
N THR E 168 -48.65 -11.38 10.10
CA THR E 168 -49.90 -12.11 10.03
C THR E 168 -49.88 -13.02 8.84
N GLN E 169 -50.53 -14.18 8.88
CA GLN E 169 -50.75 -14.92 7.64
C GLN E 169 -52.09 -15.65 7.56
N THR E 170 -52.56 -15.84 6.32
CA THR E 170 -53.94 -16.30 6.09
C THR E 170 -54.08 -17.53 6.91
N PRO E 171 -55.17 -17.61 7.65
CA PRO E 171 -55.32 -18.55 8.76
C PRO E 171 -55.65 -19.96 8.26
N SER E 172 -56.22 -20.06 7.06
CA SER E 172 -56.44 -21.35 6.46
C SER E 172 -56.64 -21.27 4.97
N VAL E 173 -56.22 -22.35 4.31
CA VAL E 173 -56.21 -22.53 2.87
C VAL E 173 -56.63 -23.96 2.54
N SER E 174 -57.39 -24.15 1.48
CA SER E 174 -57.73 -25.50 1.09
C SER E 174 -57.66 -25.66 -0.39
N GLY E 175 -57.50 -26.89 -0.80
CA GLY E 175 -57.48 -27.20 -2.22
C GLY E 175 -57.55 -28.67 -2.52
N ALA E 176 -58.02 -28.99 -3.71
CA ALA E 176 -58.19 -30.36 -4.09
C ALA E 176 -56.86 -30.82 -4.59
N PRO E 177 -56.60 -32.14 -4.59
CA PRO E 177 -55.30 -32.62 -5.04
C PRO E 177 -55.07 -32.18 -6.45
N GLY E 178 -53.92 -31.58 -6.70
CA GLY E 178 -53.62 -31.08 -8.02
C GLY E 178 -53.68 -29.58 -8.16
N GLN E 179 -54.55 -28.92 -7.37
CA GLN E 179 -54.66 -27.44 -7.35
C GLN E 179 -53.44 -26.74 -6.87
N ARG E 180 -53.47 -25.45 -7.15
CA ARG E 180 -52.47 -24.56 -6.66
C ARG E 180 -53.03 -23.81 -5.48
N VAL E 181 -52.16 -23.53 -4.53
CA VAL E 181 -52.49 -22.65 -3.43
C VAL E 181 -51.35 -21.68 -3.19
N THR E 182 -51.70 -20.61 -2.48
CA THR E 182 -50.77 -19.62 -2.01
C THR E 182 -51.07 -19.31 -0.59
N ILE E 183 -50.04 -18.99 0.16
CA ILE E 183 -50.19 -18.63 1.56
C ILE E 183 -49.54 -17.29 1.75
N SER E 184 -50.26 -16.28 2.17
CA SER E 184 -49.61 -14.99 2.22
C SER E 184 -49.18 -14.65 3.59
N CYS E 185 -48.03 -14.03 3.68
CA CYS E 185 -47.36 -13.66 4.91
C CYS E 185 -47.14 -12.18 4.94
N THR E 186 -47.82 -11.43 5.81
CA THR E 186 -47.72 -9.98 5.77
C THR E 186 -47.05 -9.37 6.97
N GLY E 187 -45.94 -8.69 6.79
CA GLY E 187 -45.17 -8.16 7.90
C GLY E 187 -45.17 -6.66 7.83
N SER E 188 -44.24 -6.03 8.53
CA SER E 188 -44.36 -4.60 8.75
C SER E 188 -43.17 -3.78 8.22
N SER E 189 -43.14 -2.51 8.59
CA SER E 189 -42.06 -1.60 8.23
C SER E 189 -40.77 -2.06 8.83
N SER E 190 -40.84 -2.53 10.07
CA SER E 190 -39.75 -3.29 10.70
C SER E 190 -39.85 -4.72 10.20
N ASN E 191 -38.91 -5.60 10.54
CA ASN E 191 -38.82 -6.91 9.84
C ASN E 191 -38.92 -6.83 8.27
N ILE E 192 -39.85 -7.50 7.59
CA ILE E 192 -39.72 -7.67 6.13
C ILE E 192 -39.44 -6.37 5.36
N GLY E 193 -40.02 -5.29 5.84
CA GLY E 193 -39.86 -4.02 5.16
C GLY E 193 -38.63 -3.22 5.51
N ALA E 194 -37.99 -3.58 6.62
CA ALA E 194 -36.70 -3.02 6.99
C ALA E 194 -35.56 -3.77 6.32
N GLY E 195 -35.94 -4.80 5.54
CA GLY E 195 -35.04 -5.37 4.57
C GLY E 195 -34.58 -6.79 4.82
N TYR E 196 -35.09 -7.38 5.91
CA TYR E 196 -34.80 -8.78 6.25
C TYR E 196 -35.52 -9.67 5.28
N ASP E 197 -35.36 -10.95 5.44
CA ASP E 197 -35.88 -11.84 4.46
C ASP E 197 -36.94 -12.66 5.11
N VAL E 198 -37.49 -13.57 4.35
CA VAL E 198 -38.57 -14.37 4.80
C VAL E 198 -38.22 -15.78 4.60
N HIS E 199 -38.62 -16.65 5.52
CA HIS E 199 -38.39 -18.08 5.39
C HIS E 199 -39.66 -18.85 5.58
N TRP E 200 -39.65 -20.14 5.33
CA TRP E 200 -40.87 -20.88 5.53
C TRP E 200 -40.65 -22.20 6.20
N TYR E 201 -41.59 -22.57 7.09
CA TYR E 201 -41.54 -23.83 7.78
C TYR E 201 -42.79 -24.58 7.53
N GLN E 202 -42.65 -25.88 7.44
CA GLN E 202 -43.78 -26.74 7.26
C GLN E 202 -43.86 -27.56 8.50
N GLN E 203 -45.01 -27.60 9.16
CA GLN E 203 -45.14 -28.41 10.36
C GLN E 203 -46.19 -29.46 10.12
N LEU E 204 -45.75 -30.65 9.79
CA LEU E 204 -46.64 -31.79 9.73
C LEU E 204 -47.15 -32.11 11.11
N PRO E 205 -48.34 -32.72 11.21
CA PRO E 205 -49.10 -32.86 12.45
C PRO E 205 -48.32 -33.32 13.69
N GLY E 206 -47.62 -34.43 13.60
CA GLY E 206 -46.96 -34.85 14.82
C GLY E 206 -45.65 -34.11 15.03
N THR E 207 -45.07 -33.60 13.97
CA THR E 207 -43.71 -33.11 14.07
C THR E 207 -43.44 -31.68 14.42
N ALA E 208 -42.15 -31.45 14.54
CA ALA E 208 -41.59 -30.15 14.73
C ALA E 208 -41.45 -29.50 13.37
N PRO E 209 -41.39 -28.18 13.32
CA PRO E 209 -41.18 -27.49 12.08
C PRO E 209 -40.00 -28.04 11.32
N LYS E 210 -40.16 -28.15 10.00
CA LYS E 210 -39.14 -28.57 9.07
C LYS E 210 -38.91 -27.35 8.24
N LEU E 211 -37.70 -27.14 7.75
CA LEU E 211 -37.42 -25.96 6.92
C LEU E 211 -37.92 -26.20 5.54
N LEU E 212 -38.73 -25.30 4.99
CA LEU E 212 -39.31 -25.48 3.66
C LEU E 212 -38.68 -24.54 2.63
N ILE E 213 -38.51 -23.26 2.97
CA ILE E 213 -37.90 -22.25 2.10
C ILE E 213 -36.97 -21.35 2.95
N TYR E 214 -35.77 -21.07 2.45
CA TYR E 214 -34.86 -20.15 3.13
C TYR E 214 -34.47 -19.02 2.16
N ASP E 215 -34.12 -17.86 2.70
CA ASP E 215 -33.81 -16.69 1.90
C ASP E 215 -34.86 -16.43 0.80
N ASN E 216 -36.11 -16.27 1.21
CA ASN E 216 -37.13 -15.80 0.32
C ASN E 216 -37.54 -16.80 -0.69
N ASN E 217 -36.62 -17.47 -1.37
CA ASN E 217 -37.11 -18.27 -2.47
C ASN E 217 -36.29 -19.50 -2.80
N ASN E 218 -35.61 -20.04 -1.80
CA ASN E 218 -34.70 -21.16 -2.01
C ASN E 218 -35.15 -22.40 -1.26
N ARG E 219 -35.08 -23.55 -1.94
CA ARG E 219 -35.51 -24.80 -1.32
C ARG E 219 -34.37 -25.59 -0.77
N PRO E 220 -34.51 -26.08 0.46
CA PRO E 220 -33.39 -26.86 0.93
C PRO E 220 -33.42 -28.22 0.28
N SER E 221 -32.61 -29.15 0.75
CA SER E 221 -32.37 -30.35 0.03
C SER E 221 -33.57 -31.17 -0.37
N GLY E 222 -34.43 -31.47 0.58
CA GLY E 222 -35.45 -32.48 0.28
C GLY E 222 -36.80 -31.94 -0.20
N VAL E 223 -36.86 -30.68 -0.56
CA VAL E 223 -38.12 -30.03 -0.84
C VAL E 223 -38.41 -29.99 -2.34
N PRO E 224 -39.50 -30.61 -2.74
CA PRO E 224 -39.84 -30.78 -4.15
C PRO E 224 -40.15 -29.50 -4.92
N ASP E 225 -40.02 -29.55 -6.25
CA ASP E 225 -40.16 -28.38 -7.13
C ASP E 225 -41.39 -27.56 -6.86
N ARG E 226 -42.39 -28.21 -6.29
CA ARG E 226 -43.67 -27.60 -5.96
C ARG E 226 -43.65 -26.37 -5.08
N PHE E 227 -42.90 -26.44 -4.00
CA PHE E 227 -42.78 -25.31 -3.11
C PHE E 227 -41.90 -24.18 -3.67
N SER E 228 -42.37 -22.93 -3.52
CA SER E 228 -41.77 -21.72 -4.12
C SER E 228 -42.12 -20.48 -3.34
N ALA E 229 -41.30 -19.44 -3.36
CA ALA E 229 -41.70 -18.22 -2.60
C ALA E 229 -41.27 -16.90 -3.17
N SER E 230 -41.82 -15.85 -2.62
CA SER E 230 -41.59 -14.52 -3.13
C SER E 230 -41.49 -13.54 -1.97
N LYS E 231 -40.96 -12.37 -2.23
CA LYS E 231 -41.01 -11.27 -1.29
C LYS E 231 -41.27 -9.97 -2.04
N SER E 232 -42.05 -9.10 -1.43
CA SER E 232 -42.29 -7.78 -1.99
C SER E 232 -42.59 -6.81 -0.91
N GLY E 233 -41.64 -5.94 -0.65
CA GLY E 233 -41.90 -4.88 0.27
C GLY E 233 -42.11 -5.42 1.65
N THR E 234 -43.35 -5.41 2.09
CA THR E 234 -43.66 -5.78 3.47
C THR E 234 -44.40 -7.10 3.55
N SER E 235 -44.20 -7.97 2.57
CA SER E 235 -44.97 -9.21 2.51
C SER E 235 -44.29 -10.30 1.73
N ALA E 236 -44.78 -11.50 1.86
CA ALA E 236 -44.24 -12.65 1.18
C ALA E 236 -45.38 -13.52 0.73
N SER E 237 -45.04 -14.61 0.07
CA SER E 237 -46.01 -15.55 -0.43
C SER E 237 -45.39 -16.93 -0.66
N LEU E 238 -45.89 -17.96 0.02
CA LEU E 238 -45.56 -19.36 -0.31
C LEU E 238 -46.60 -19.94 -1.27
N ALA E 239 -46.20 -20.75 -2.23
CA ALA E 239 -47.15 -21.25 -3.20
C ALA E 239 -46.92 -22.70 -3.50
N ILE E 240 -47.90 -23.53 -3.19
CA ILE E 240 -47.73 -24.97 -3.31
C ILE E 240 -48.39 -25.31 -4.60
N THR E 241 -47.61 -25.78 -5.56
CA THR E 241 -48.10 -26.04 -6.91
C THR E 241 -48.30 -27.51 -7.19
N GLY E 242 -49.55 -27.94 -7.20
CA GLY E 242 -49.87 -29.35 -7.41
C GLY E 242 -49.86 -30.02 -6.07
N LEU E 243 -50.99 -29.86 -5.41
CA LEU E 243 -51.16 -30.25 -4.02
C LEU E 243 -51.15 -31.76 -3.91
N GLN E 244 -50.44 -32.27 -2.90
CA GLN E 244 -50.48 -33.72 -2.62
C GLN E 244 -51.19 -33.96 -1.29
N ALA E 245 -51.57 -35.22 -1.07
CA ALA E 245 -52.19 -35.60 0.18
C ALA E 245 -51.28 -35.19 1.27
N GLU E 246 -50.04 -35.59 1.07
CA GLU E 246 -49.02 -35.48 2.06
C GLU E 246 -48.57 -34.07 2.40
N ASP E 247 -49.22 -33.06 1.80
CA ASP E 247 -48.89 -31.66 2.04
C ASP E 247 -49.68 -31.06 3.19
N GLU E 248 -50.64 -31.80 3.75
CA GLU E 248 -51.51 -31.22 4.77
C GLU E 248 -50.72 -30.91 5.99
N ALA E 249 -50.61 -29.64 6.32
CA ALA E 249 -49.86 -29.23 7.48
C ALA E 249 -50.02 -27.74 7.78
N ASP E 250 -49.51 -27.31 8.92
CA ASP E 250 -49.44 -25.92 9.25
C ASP E 250 -48.18 -25.35 8.66
N TYR E 251 -48.25 -24.26 7.90
CA TYR E 251 -47.08 -23.62 7.30
C TYR E 251 -46.82 -22.28 7.92
N TYR E 252 -45.63 -22.06 8.44
CA TYR E 252 -45.24 -20.80 9.08
C TYR E 252 -44.19 -20.01 8.33
N CYS E 253 -44.46 -18.74 8.05
CA CYS E 253 -43.43 -17.85 7.55
C CYS E 253 -42.66 -17.22 8.72
N GLN E 254 -41.39 -16.95 8.52
CA GLN E 254 -40.52 -16.44 9.56
C GLN E 254 -39.59 -15.37 9.07
N SER E 255 -39.16 -14.52 9.97
CA SER E 255 -38.29 -13.47 9.57
C SER E 255 -37.78 -12.90 10.83
N TYR E 256 -37.13 -11.74 10.74
CA TYR E 256 -36.52 -11.09 11.90
C TYR E 256 -36.91 -9.65 11.98
N ASP E 257 -37.20 -9.14 13.17
CA ASP E 257 -37.76 -7.78 13.32
C ASP E 257 -36.81 -6.83 13.99
N ARG E 258 -36.80 -5.53 13.70
CA ARG E 258 -35.68 -4.76 14.28
C ARG E 258 -35.87 -4.64 15.78
N SER E 259 -37.09 -4.84 16.27
CA SER E 259 -37.36 -4.81 17.72
C SER E 259 -37.70 -6.17 18.38
N LEU E 260 -38.55 -6.94 17.76
CA LEU E 260 -38.90 -8.25 18.29
C LEU E 260 -37.83 -9.30 17.99
N SER E 261 -36.92 -9.02 17.08
CA SER E 261 -35.69 -9.79 16.97
C SER E 261 -35.96 -11.26 16.66
N GLY E 262 -36.77 -11.49 15.64
CA GLY E 262 -37.01 -12.85 15.17
C GLY E 262 -38.45 -13.17 15.48
N VAL E 263 -39.22 -13.45 14.43
CA VAL E 263 -40.67 -13.46 14.53
C VAL E 263 -41.24 -14.48 13.58
N PHE E 264 -42.26 -15.20 13.99
CA PHE E 264 -42.89 -16.11 13.08
C PHE E 264 -44.26 -15.55 12.74
N GLY E 265 -44.77 -15.93 11.58
CA GLY E 265 -46.14 -15.66 11.25
C GLY E 265 -47.04 -16.46 12.15
N THR E 266 -48.32 -16.22 12.00
CA THR E 266 -49.30 -16.90 12.80
C THR E 266 -49.58 -18.29 12.30
N GLY E 267 -49.13 -18.60 11.11
CA GLY E 267 -49.34 -19.94 10.60
C GLY E 267 -50.64 -20.09 9.83
N THR E 268 -50.60 -21.02 8.88
CA THR E 268 -51.68 -21.27 7.95
C THR E 268 -52.00 -22.71 7.94
N LYS E 269 -53.20 -23.10 8.28
CA LYS E 269 -53.53 -24.51 8.29
C LYS E 269 -53.97 -24.90 6.87
N VAL E 270 -53.13 -25.59 6.11
CA VAL E 270 -53.47 -26.05 4.74
C VAL E 270 -54.04 -27.44 4.71
N THR E 271 -55.29 -27.58 4.28
CA THR E 271 -55.99 -28.87 4.26
C THR E 271 -56.24 -29.30 2.83
N VAL E 272 -56.11 -30.59 2.51
CA VAL E 272 -56.29 -31.05 1.13
C VAL E 272 -57.57 -31.88 0.92
N LEU E 273 -58.43 -31.60 -0.08
CA LEU E 273 -59.84 -32.08 -0.09
C LEU E 273 -60.18 -33.49 -0.67
N GLY E 274 -61.34 -34.05 -0.30
CA GLY E 274 -61.84 -35.30 -0.88
C GLY E 274 -63.23 -35.19 -1.55
N GLU F 20 5.86 -3.76 -47.88
CA GLU F 20 5.34 -2.44 -48.21
C GLU F 20 4.32 -1.93 -47.17
N VAL F 21 4.71 -0.91 -46.38
CA VAL F 21 3.76 -0.15 -45.58
C VAL F 21 3.26 1.02 -46.47
N GLN F 22 2.00 0.97 -46.91
CA GLN F 22 1.54 1.93 -47.94
C GLN F 22 0.10 2.47 -47.81
N LEU F 23 -0.03 3.75 -48.19
CA LEU F 23 -1.30 4.46 -48.28
C LEU F 23 -1.56 4.88 -49.72
N VAL F 24 -2.80 4.68 -50.18
CA VAL F 24 -3.23 5.08 -51.53
C VAL F 24 -4.61 5.76 -51.49
N GLU F 25 -4.61 7.06 -51.79
CA GLU F 25 -5.79 7.90 -51.73
C GLU F 25 -6.68 7.67 -52.98
N SER F 26 -7.90 8.20 -52.96
CA SER F 26 -8.73 8.15 -54.16
C SER F 26 -9.97 9.04 -54.01
N GLY F 27 -10.61 9.31 -55.15
CA GLY F 27 -11.86 10.06 -55.19
C GLY F 27 -11.69 11.49 -55.71
N GLY F 28 -10.43 11.92 -55.89
CA GLY F 28 -10.15 13.23 -56.42
C GLY F 28 -10.51 13.42 -57.87
N GLY F 29 -10.70 14.69 -58.23
CA GLY F 29 -11.08 15.08 -59.57
C GLY F 29 -11.27 16.58 -59.62
N LEU F 30 -12.27 17.05 -60.37
CA LEU F 30 -12.63 18.46 -60.39
C LEU F 30 -14.02 18.59 -59.78
N VAL F 31 -14.26 19.68 -59.06
CA VAL F 31 -15.57 19.94 -58.46
C VAL F 31 -15.98 21.40 -58.64
N LYS F 32 -17.28 21.63 -58.86
CA LYS F 32 -17.80 22.99 -58.97
C LYS F 32 -18.04 23.53 -57.54
N PRO F 33 -17.71 24.82 -57.28
CA PRO F 33 -17.95 25.45 -55.96
C PRO F 33 -19.41 25.33 -55.42
N GLY F 34 -19.50 25.23 -54.09
CA GLY F 34 -20.74 24.93 -53.39
C GLY F 34 -21.05 23.44 -53.45
N GLY F 35 -20.09 22.67 -53.94
CA GLY F 35 -20.24 21.24 -54.21
C GLY F 35 -19.82 20.27 -53.10
N SER F 36 -19.58 19.02 -53.51
CA SER F 36 -19.08 17.96 -52.61
C SER F 36 -18.16 16.94 -53.30
N LEU F 37 -17.38 16.25 -52.48
CA LEU F 37 -16.48 15.19 -52.94
C LEU F 37 -15.93 14.47 -51.70
N ARG F 38 -15.82 13.14 -51.76
CA ARG F 38 -15.47 12.31 -50.59
C ARG F 38 -14.19 11.49 -50.78
N LEU F 39 -13.07 12.00 -50.24
CA LEU F 39 -11.78 11.33 -50.46
C LEU F 39 -11.56 10.18 -49.50
N SER F 40 -10.93 9.13 -50.01
CA SER F 40 -10.65 7.94 -49.20
C SER F 40 -9.19 7.56 -49.33
N CYS F 41 -8.58 7.35 -48.16
CA CYS F 41 -7.23 6.81 -48.06
C CYS F 41 -7.29 5.42 -47.50
N ALA F 42 -6.76 4.46 -48.25
CA ALA F 42 -6.73 3.08 -47.80
C ALA F 42 -5.30 2.72 -47.46
N ALA F 43 -5.16 2.07 -46.30
CA ALA F 43 -3.88 1.77 -45.69
C ALA F 43 -3.71 0.28 -45.69
N SER F 44 -2.45 -0.16 -45.74
CA SER F 44 -2.16 -1.57 -45.90
C SER F 44 -0.71 -1.87 -45.52
N GLY F 45 -0.49 -2.96 -44.80
CA GLY F 45 0.85 -3.40 -44.46
C GLY F 45 1.19 -3.00 -43.05
N PHE F 46 0.19 -2.51 -42.32
CA PHE F 46 0.32 -2.27 -40.88
C PHE F 46 -1.08 -2.29 -40.24
N THR F 47 -1.16 -2.56 -38.94
CA THR F 47 -2.47 -2.60 -38.28
C THR F 47 -3.01 -1.18 -38.10
N PHE F 48 -3.95 -0.82 -38.96
CA PHE F 48 -4.49 0.54 -39.06
C PHE F 48 -4.99 1.13 -37.75
N SER F 49 -5.72 0.32 -36.99
CA SER F 49 -6.45 0.77 -35.81
C SER F 49 -5.60 1.39 -34.72
N SER F 50 -4.28 1.22 -34.82
CA SER F 50 -3.39 1.66 -33.74
C SER F 50 -2.87 3.10 -33.81
N TYR F 51 -2.99 3.76 -34.97
CA TYR F 51 -2.38 5.09 -35.23
C TYR F 51 -3.43 6.12 -35.53
N SER F 52 -3.09 7.37 -35.31
CA SER F 52 -4.04 8.41 -35.64
C SER F 52 -3.77 8.82 -37.07
N MET F 53 -4.84 9.00 -37.83
CA MET F 53 -4.71 9.34 -39.23
C MET F 53 -5.06 10.82 -39.47
N ASN F 54 -4.42 11.37 -40.51
CA ASN F 54 -4.50 12.79 -40.85
C ASN F 54 -4.76 13.08 -42.35
N TRP F 55 -5.37 14.24 -42.59
CA TRP F 55 -5.35 14.84 -43.91
C TRP F 55 -4.51 16.08 -43.80
N VAL F 56 -3.47 16.12 -44.61
CA VAL F 56 -2.68 17.32 -44.74
C VAL F 56 -2.63 17.61 -46.26
N ARG F 57 -2.93 18.85 -46.65
CA ARG F 57 -3.01 19.23 -48.08
C ARG F 57 -1.96 20.27 -48.47
N GLN F 58 -1.69 20.34 -49.75
CA GLN F 58 -0.65 21.19 -50.28
C GLN F 58 -1.21 22.02 -51.42
N ALA F 59 -1.07 23.34 -51.30
CA ALA F 59 -1.61 24.25 -52.32
C ALA F 59 -0.91 24.00 -53.65
N PRO F 60 -1.46 24.54 -54.77
CA PRO F 60 -0.97 24.22 -56.13
C PRO F 60 0.51 24.45 -56.32
N GLY F 61 1.07 25.47 -55.67
CA GLY F 61 2.47 25.79 -55.87
C GLY F 61 3.40 25.89 -54.68
N LYS F 62 2.91 25.79 -53.44
CA LYS F 62 3.85 25.94 -52.31
C LYS F 62 3.45 25.22 -51.03
N GLY F 63 2.93 25.95 -50.04
CA GLY F 63 2.88 25.45 -48.68
C GLY F 63 2.15 24.15 -48.42
N LEU F 64 2.36 23.65 -47.22
CA LEU F 64 1.86 22.37 -46.75
C LEU F 64 1.01 22.73 -45.53
N GLU F 65 -0.30 22.52 -45.56
CA GLU F 65 -1.10 22.92 -44.42
C GLU F 65 -1.95 21.77 -43.89
N TRP F 66 -2.03 21.68 -42.56
CA TRP F 66 -2.78 20.62 -41.91
C TRP F 66 -4.27 20.93 -42.02
N VAL F 67 -5.05 19.85 -42.22
CA VAL F 67 -6.48 19.96 -42.51
C VAL F 67 -7.31 19.43 -41.36
N SER F 68 -7.14 18.14 -41.09
CA SER F 68 -7.96 17.46 -40.11
C SER F 68 -7.16 16.27 -39.53
N SER F 69 -7.47 15.90 -38.29
CA SER F 69 -6.81 14.80 -37.62
C SER F 69 -7.89 13.97 -36.94
N ILE F 70 -7.72 12.64 -36.96
CA ILE F 70 -8.61 11.74 -36.22
C ILE F 70 -7.87 10.78 -35.34
N SER F 71 -8.28 10.67 -34.09
CA SER F 71 -7.65 9.73 -33.17
C SER F 71 -7.80 8.28 -33.65
N SER F 72 -7.22 7.35 -32.93
CA SER F 72 -7.18 5.97 -33.39
C SER F 72 -8.53 5.30 -33.44
N SER F 73 -9.37 5.59 -32.45
CA SER F 73 -10.69 4.97 -32.34
C SER F 73 -11.77 5.97 -32.54
N SER F 74 -11.42 7.09 -33.12
CA SER F 74 -12.38 8.04 -33.62
C SER F 74 -13.07 8.86 -32.53
N SER F 75 -12.49 8.86 -31.33
CA SER F 75 -13.08 9.59 -30.21
C SER F 75 -12.64 11.03 -30.13
N TYR F 76 -11.46 11.32 -30.67
CA TYR F 76 -10.88 12.67 -30.63
C TYR F 76 -10.53 13.22 -32.03
N ILE F 77 -11.41 14.08 -32.56
CA ILE F 77 -11.26 14.58 -33.94
C ILE F 77 -11.21 16.09 -34.06
N TYR F 78 -10.27 16.60 -34.84
CA TYR F 78 -10.04 18.03 -34.87
C TYR F 78 -9.75 18.59 -36.27
N TYR F 79 -10.32 19.78 -36.53
CA TYR F 79 -10.18 20.42 -37.84
C TYR F 79 -9.49 21.77 -37.76
N ALA F 80 -8.64 22.06 -38.75
CA ALA F 80 -8.09 23.40 -38.97
C ALA F 80 -9.22 24.42 -39.14
N ASP F 81 -8.95 25.69 -38.89
CA ASP F 81 -10.00 26.71 -39.00
C ASP F 81 -10.48 26.84 -40.43
N SER F 82 -9.54 26.61 -41.35
CA SER F 82 -9.82 26.66 -42.78
C SER F 82 -11.10 25.91 -43.18
N VAL F 83 -11.34 24.73 -42.59
CA VAL F 83 -12.37 23.77 -43.07
C VAL F 83 -13.48 23.46 -42.04
N LYS F 84 -13.50 24.19 -40.92
CA LYS F 84 -14.46 23.92 -39.85
C LYS F 84 -15.90 23.99 -40.32
N GLY F 85 -16.68 22.95 -40.04
CA GLY F 85 -18.10 22.98 -40.33
C GLY F 85 -18.41 22.58 -41.76
N ARG F 86 -17.36 22.39 -42.57
CA ARG F 86 -17.50 22.05 -43.99
C ARG F 86 -16.99 20.63 -44.27
N PHE F 87 -15.78 20.35 -43.79
CA PHE F 87 -15.19 19.02 -43.95
C PHE F 87 -15.55 18.14 -42.75
N THR F 88 -15.68 16.84 -43.03
CA THR F 88 -15.98 15.84 -42.03
C THR F 88 -15.03 14.67 -42.25
N ILE F 89 -14.23 14.37 -41.24
CA ILE F 89 -13.29 13.24 -41.28
C ILE F 89 -13.91 12.01 -40.60
N SER F 90 -13.52 10.83 -41.07
CA SER F 90 -14.12 9.59 -40.56
C SER F 90 -13.25 8.36 -40.92
N ARG F 91 -13.39 7.28 -40.17
CA ARG F 91 -12.61 6.07 -40.46
C ARG F 91 -13.34 4.78 -40.19
N ASP F 92 -13.04 3.83 -41.06
CA ASP F 92 -13.59 2.50 -41.01
C ASP F 92 -12.44 1.55 -40.81
N ASN F 93 -12.05 1.37 -39.56
CA ASN F 93 -10.88 0.57 -39.19
C ASN F 93 -11.01 -0.87 -39.70
N ALA F 94 -12.26 -1.31 -39.82
CA ALA F 94 -12.53 -2.66 -40.28
C ALA F 94 -12.17 -2.79 -41.75
N LYS F 95 -12.44 -1.75 -42.54
CA LYS F 95 -12.09 -1.72 -43.95
C LYS F 95 -10.70 -1.11 -44.18
N ASN F 96 -9.88 -1.02 -43.14
CA ASN F 96 -8.57 -0.39 -43.21
C ASN F 96 -8.54 0.91 -44.02
N SER F 97 -9.48 1.81 -43.77
CA SER F 97 -9.55 3.03 -44.57
C SER F 97 -9.93 4.30 -43.76
N LEU F 98 -9.52 5.45 -44.30
CA LEU F 98 -9.81 6.78 -43.75
C LEU F 98 -10.52 7.61 -44.79
N TYR F 99 -11.60 8.31 -44.38
CA TYR F 99 -12.38 9.14 -45.30
C TYR F 99 -12.33 10.62 -44.91
N LEU F 100 -12.55 11.46 -45.92
CA LEU F 100 -12.72 12.89 -45.73
C LEU F 100 -13.93 13.37 -46.55
N GLN F 101 -14.94 13.90 -45.86
CA GLN F 101 -16.18 14.32 -46.51
C GLN F 101 -16.22 15.83 -46.66
N MET F 102 -15.91 16.31 -47.87
CA MET F 102 -15.87 17.74 -48.13
C MET F 102 -17.19 18.26 -48.78
N ASN F 103 -17.81 19.22 -48.12
CA ASN F 103 -19.01 19.87 -48.64
C ASN F 103 -18.84 21.39 -48.70
N SER F 104 -19.51 22.03 -49.65
CA SER F 104 -19.48 23.49 -49.79
C SER F 104 -18.03 23.98 -50.06
N LEU F 105 -17.35 23.28 -50.96
CA LEU F 105 -15.98 23.57 -51.36
C LEU F 105 -15.79 25.00 -51.86
N ARG F 106 -14.56 25.52 -51.76
CA ARG F 106 -14.21 26.83 -52.31
C ARG F 106 -12.97 26.81 -53.19
N ALA F 107 -12.70 27.93 -53.82
CA ALA F 107 -11.59 28.01 -54.75
C ALA F 107 -10.25 28.01 -54.03
N GLU F 108 -10.28 28.07 -52.71
CA GLU F 108 -9.05 28.03 -51.91
C GLU F 108 -8.65 26.59 -51.57
N ASP F 109 -9.61 25.67 -51.68
CA ASP F 109 -9.44 24.26 -51.30
C ASP F 109 -8.73 23.41 -52.35
N THR F 110 -8.45 24.03 -53.49
CA THR F 110 -7.75 23.32 -54.55
C THR F 110 -6.34 22.96 -54.04
N ALA F 111 -6.01 21.67 -54.10
CA ALA F 111 -4.71 21.19 -53.58
C ALA F 111 -4.51 19.67 -53.79
N VAL F 112 -3.29 19.20 -53.51
CA VAL F 112 -3.00 17.75 -53.42
C VAL F 112 -3.33 17.30 -51.98
N TYR F 113 -4.26 16.36 -51.81
CA TYR F 113 -4.68 15.96 -50.48
C TYR F 113 -3.98 14.71 -50.02
N TYR F 114 -3.03 14.87 -49.09
CA TYR F 114 -2.30 13.72 -48.60
C TYR F 114 -2.97 13.08 -47.40
N CYS F 115 -2.77 11.77 -47.34
CA CYS F 115 -3.19 10.92 -46.27
C CYS F 115 -1.93 10.56 -45.49
N ALA F 116 -1.97 10.65 -44.16
CA ALA F 116 -0.75 10.46 -43.36
C ALA F 116 -0.94 9.75 -42.01
N ARG F 117 0.05 8.92 -41.72
CA ARG F 117 0.13 8.23 -40.45
C ARG F 117 0.86 9.14 -39.49
N ALA F 118 0.29 9.31 -38.29
CA ALA F 118 0.91 10.18 -37.29
C ALA F 118 1.60 9.30 -36.25
N ARG F 119 2.56 9.86 -35.55
CA ARG F 119 3.33 9.11 -34.55
C ARG F 119 3.83 10.09 -33.52
N ALA F 120 4.05 9.66 -32.27
CA ALA F 120 4.63 10.57 -31.28
C ALA F 120 5.60 9.90 -30.35
N THR F 121 6.76 10.51 -30.17
CA THR F 121 7.79 9.96 -29.29
C THR F 121 8.23 10.95 -28.17
N GLY F 122 7.67 10.76 -26.97
CA GLY F 122 7.78 11.73 -25.87
C GLY F 122 8.95 11.94 -24.88
N TYR F 123 9.94 12.80 -25.20
CA TYR F 123 10.83 13.30 -24.13
C TYR F 123 10.37 14.73 -23.73
N ASN F 124 9.68 14.85 -22.60
CA ASN F 124 9.15 16.15 -22.17
C ASN F 124 8.22 16.84 -23.15
N SER F 125 7.65 16.10 -24.08
CA SER F 125 6.62 16.64 -24.99
C SER F 125 6.06 15.60 -25.89
N ILE F 126 4.88 15.87 -26.43
CA ILE F 126 4.22 14.95 -27.34
C ILE F 126 3.60 15.75 -28.47
N THR F 127 4.36 15.80 -29.56
CA THR F 127 4.03 16.61 -30.73
C THR F 127 4.10 15.78 -32.02
N PRO F 128 2.94 15.44 -32.63
CA PRO F 128 3.01 14.42 -33.68
C PRO F 128 3.92 14.77 -34.87
N TYR F 129 4.35 13.73 -35.57
CA TYR F 129 5.04 13.87 -36.83
C TYR F 129 4.47 12.80 -37.76
N PHE F 130 4.70 12.92 -39.04
CA PHE F 130 4.10 11.98 -40.00
C PHE F 130 5.16 11.10 -40.67
N ASP F 131 5.16 9.81 -40.33
CA ASP F 131 6.23 8.91 -40.76
C ASP F 131 5.83 8.16 -42.02
N ILE F 132 4.59 8.29 -42.45
CA ILE F 132 4.14 7.64 -43.67
C ILE F 132 3.15 8.52 -44.44
N TRP F 133 3.44 8.75 -45.73
CA TRP F 133 2.56 9.52 -46.61
C TRP F 133 2.12 8.71 -47.82
N GLY F 134 0.95 9.03 -48.36
CA GLY F 134 0.51 8.51 -49.64
C GLY F 134 1.15 9.33 -50.74
N GLN F 135 0.66 9.17 -51.96
CA GLN F 135 1.08 10.00 -53.10
C GLN F 135 0.14 11.16 -53.31
N GLY F 136 -1.03 11.07 -52.70
CA GLY F 136 -1.97 12.17 -52.73
C GLY F 136 -2.88 12.07 -53.93
N THR F 137 -4.09 12.60 -53.76
CA THR F 137 -5.04 12.70 -54.84
C THR F 137 -5.29 14.19 -55.04
N LEU F 138 -5.25 14.65 -56.29
CA LEU F 138 -5.39 16.08 -56.59
C LEU F 138 -6.86 16.48 -56.71
N VAL F 139 -7.24 17.52 -55.97
CA VAL F 139 -8.59 18.07 -56.01
C VAL F 139 -8.61 19.56 -56.33
N THR F 140 -9.14 19.90 -57.52
CA THR F 140 -9.34 21.27 -58.02
C THR F 140 -10.80 21.74 -57.93
N VAL F 141 -11.00 22.94 -57.40
CA VAL F 141 -12.32 23.50 -57.18
C VAL F 141 -12.41 24.78 -58.02
N SER F 142 -13.22 24.76 -59.08
CA SER F 142 -13.38 25.92 -59.97
C SER F 142 -14.65 25.83 -60.83
N SER F 143 -14.74 26.66 -61.87
CA SER F 143 -15.88 26.70 -62.78
C SER F 143 -15.43 27.16 -64.16
N VAL F 166 1.49 30.87 -38.23
CA VAL F 166 2.47 30.33 -39.17
C VAL F 166 3.91 30.44 -38.64
N VAL F 167 4.77 29.66 -39.28
CA VAL F 167 6.17 29.50 -38.91
C VAL F 167 6.97 29.68 -40.19
N THR F 168 7.90 30.63 -40.16
CA THR F 168 8.65 31.05 -41.34
C THR F 168 9.95 30.29 -41.48
N GLN F 169 10.41 30.10 -42.70
CA GLN F 169 11.78 29.62 -42.91
C GLN F 169 12.34 30.22 -44.19
N THR F 170 13.67 30.33 -44.25
CA THR F 170 14.36 31.01 -45.37
C THR F 170 13.88 30.37 -46.69
N PRO F 171 13.48 31.19 -47.68
CA PRO F 171 12.69 30.71 -48.82
C PRO F 171 13.48 29.94 -49.89
N SER F 172 14.80 30.17 -49.91
CA SER F 172 15.70 29.48 -50.81
C SER F 172 17.12 29.41 -50.26
N VAL F 173 17.78 28.31 -50.58
CA VAL F 173 19.17 28.06 -50.21
C VAL F 173 19.77 27.43 -51.43
N SER F 174 21.00 27.81 -51.77
CA SER F 174 21.73 27.17 -52.85
C SER F 174 23.16 26.93 -52.40
N GLY F 175 23.80 25.92 -52.97
CA GLY F 175 25.17 25.57 -52.61
C GLY F 175 25.72 24.54 -53.58
N ALA F 176 27.04 24.44 -53.65
CA ALA F 176 27.70 23.55 -54.60
C ALA F 176 27.86 22.12 -54.08
N PRO F 177 27.99 21.13 -55.00
CA PRO F 177 28.17 19.73 -54.55
C PRO F 177 29.43 19.53 -53.67
N GLY F 178 29.24 18.90 -52.51
CA GLY F 178 30.32 18.68 -51.57
C GLY F 178 30.22 19.60 -50.37
N GLN F 179 29.74 20.80 -50.62
CA GLN F 179 29.57 21.84 -49.59
C GLN F 179 28.52 21.52 -48.48
N ARG F 180 28.55 22.33 -47.41
CA ARG F 180 27.52 22.34 -46.36
C ARG F 180 26.58 23.54 -46.48
N VAL F 181 25.28 23.31 -46.28
CA VAL F 181 24.29 24.40 -46.23
C VAL F 181 23.37 24.18 -45.04
N THR F 182 22.70 25.25 -44.61
CA THR F 182 21.78 25.16 -43.51
C THR F 182 20.51 25.95 -43.78
N ILE F 183 19.41 25.49 -43.17
CA ILE F 183 18.09 26.08 -43.29
C ILE F 183 17.64 26.48 -41.90
N SER F 184 17.18 27.71 -41.73
CA SER F 184 16.70 28.18 -40.44
C SER F 184 15.17 28.09 -40.46
N CYS F 185 14.62 27.64 -39.33
CA CYS F 185 13.18 27.48 -39.14
C CYS F 185 12.75 28.19 -37.86
N THR F 186 12.07 29.34 -37.97
CA THR F 186 11.77 30.18 -36.78
C THR F 186 10.30 30.28 -36.40
N GLY F 187 10.01 29.86 -35.17
CA GLY F 187 8.66 29.81 -34.63
C GLY F 187 8.45 30.78 -33.50
N SER F 188 7.41 30.55 -32.70
CA SER F 188 6.89 31.60 -31.80
C SER F 188 6.78 31.22 -30.32
N SER F 189 6.08 32.05 -29.56
CA SER F 189 5.84 31.81 -28.14
C SER F 189 5.06 30.52 -27.97
N SER F 190 4.01 30.35 -28.77
CA SER F 190 3.31 29.08 -28.92
C SER F 190 4.09 28.21 -29.90
N ASN F 191 3.61 26.98 -30.15
CA ASN F 191 4.41 25.93 -30.80
C ASN F 191 5.86 25.79 -30.22
N ILE F 192 6.91 25.93 -31.03
CA ILE F 192 8.26 25.59 -30.56
C ILE F 192 8.69 26.23 -29.23
N GLY F 193 8.42 27.53 -29.05
CA GLY F 193 8.86 28.22 -27.84
C GLY F 193 8.08 27.86 -26.59
N ALA F 194 6.88 27.31 -26.77
CA ALA F 194 6.10 26.72 -25.67
C ALA F 194 6.43 25.26 -25.35
N GLY F 195 7.41 24.69 -26.06
CA GLY F 195 8.01 23.44 -25.63
C GLY F 195 7.79 22.23 -26.53
N TYR F 196 7.10 22.44 -27.66
CA TYR F 196 6.94 21.38 -28.66
C TYR F 196 8.27 21.13 -29.38
N ASP F 197 8.25 20.15 -30.28
CA ASP F 197 9.44 19.68 -30.95
C ASP F 197 9.31 20.05 -32.40
N VAL F 198 10.34 19.70 -33.18
CA VAL F 198 10.42 20.02 -34.60
C VAL F 198 10.68 18.77 -35.44
N HIS F 199 10.11 18.74 -36.64
CA HIS F 199 10.34 17.65 -37.56
C HIS F 199 10.67 18.19 -38.93
N TRP F 200 11.21 17.36 -39.82
CA TRP F 200 11.61 17.84 -41.14
C TRP F 200 11.20 16.89 -42.23
N TYR F 201 10.81 17.45 -43.38
CA TYR F 201 10.39 16.67 -44.55
C TYR F 201 11.15 17.01 -45.82
N GLN F 202 11.42 15.99 -46.64
CA GLN F 202 12.03 16.20 -47.95
C GLN F 202 11.02 15.89 -49.05
N GLN F 203 10.73 16.89 -49.86
CA GLN F 203 9.78 16.74 -50.96
C GLN F 203 10.44 17.04 -52.31
N LEU F 204 10.84 15.95 -52.96
CA LEU F 204 11.35 15.97 -54.31
C LEU F 204 10.22 16.48 -55.20
N PRO F 205 10.58 17.12 -56.34
CA PRO F 205 9.64 18.02 -57.05
C PRO F 205 8.19 17.50 -57.28
N GLY F 206 8.01 16.29 -57.82
CA GLY F 206 6.69 15.76 -58.09
C GLY F 206 6.11 14.99 -56.92
N THR F 207 6.99 14.60 -56.00
CA THR F 207 6.68 13.53 -55.04
C THR F 207 5.89 13.96 -53.79
N ALA F 208 5.60 12.97 -52.93
CA ALA F 208 4.96 13.24 -51.65
C ALA F 208 6.07 13.62 -50.68
N PRO F 209 5.71 14.36 -49.61
CA PRO F 209 6.70 14.55 -48.54
C PRO F 209 7.19 13.20 -47.97
N LYS F 210 8.47 13.14 -47.65
CA LYS F 210 9.04 11.97 -46.97
C LYS F 210 9.51 12.48 -45.62
N LEU F 211 9.48 11.65 -44.59
CA LEU F 211 9.99 12.11 -43.30
C LEU F 211 11.55 12.15 -43.30
N LEU F 212 12.11 13.31 -42.97
CA LEU F 212 13.55 13.50 -43.00
C LEU F 212 14.16 13.49 -41.58
N ILE F 213 13.58 14.28 -40.67
CA ILE F 213 14.05 14.32 -39.28
C ILE F 213 12.85 14.39 -38.33
N TYR F 214 12.88 13.57 -37.28
CA TYR F 214 11.85 13.57 -36.23
C TYR F 214 12.50 13.83 -34.87
N ASP F 215 11.75 14.44 -33.96
CA ASP F 215 12.26 14.83 -32.64
C ASP F 215 13.59 15.56 -32.74
N ASN F 216 13.60 16.65 -33.49
CA ASN F 216 14.74 17.57 -33.49
C ASN F 216 16.02 17.04 -34.17
N ASN F 217 16.45 15.81 -33.90
CA ASN F 217 17.73 15.35 -34.46
C ASN F 217 17.88 13.84 -34.68
N ASN F 218 16.83 13.17 -35.09
CA ASN F 218 16.95 11.73 -35.27
C ASN F 218 16.56 11.39 -36.71
N ARG F 219 17.36 10.54 -37.34
CA ARG F 219 17.15 10.20 -38.73
C ARG F 219 16.39 8.88 -38.83
N PRO F 220 15.42 8.80 -39.75
CA PRO F 220 14.70 7.52 -39.93
C PRO F 220 15.57 6.45 -40.58
N SER F 221 14.99 5.35 -41.06
CA SER F 221 15.78 4.26 -41.59
C SER F 221 16.64 4.75 -42.80
N GLY F 222 16.00 5.43 -43.74
CA GLY F 222 16.59 5.66 -45.05
C GLY F 222 17.31 6.98 -45.26
N VAL F 223 17.55 7.72 -44.18
CA VAL F 223 18.18 9.04 -44.28
C VAL F 223 19.67 9.00 -43.92
N PRO F 224 20.53 9.41 -44.88
CA PRO F 224 21.97 9.32 -44.62
C PRO F 224 22.46 10.28 -43.54
N ASP F 225 23.55 9.91 -42.85
CA ASP F 225 24.11 10.68 -41.73
C ASP F 225 24.53 12.12 -42.16
N ARG F 226 24.49 12.41 -43.46
CA ARG F 226 24.75 13.77 -43.92
C ARG F 226 23.79 14.77 -43.21
N PHE F 227 22.49 14.45 -43.19
CA PHE F 227 21.48 15.32 -42.57
C PHE F 227 21.53 15.30 -41.04
N SER F 228 21.45 16.51 -40.46
CA SER F 228 21.51 16.72 -39.00
C SER F 228 20.76 18.01 -38.68
N ALA F 229 20.02 18.03 -37.56
CA ALA F 229 19.16 19.19 -37.22
C ALA F 229 19.18 19.56 -35.73
N SER F 230 18.67 20.75 -35.44
CA SER F 230 18.74 21.31 -34.09
C SER F 230 17.44 21.96 -33.72
N LYS F 231 17.33 22.23 -32.43
CA LYS F 231 16.24 23.01 -31.89
C LYS F 231 16.87 24.00 -30.95
N SER F 232 16.33 25.22 -30.91
CA SER F 232 16.82 26.22 -29.97
C SER F 232 15.80 27.27 -29.64
N GLY F 233 15.30 27.26 -28.40
CA GLY F 233 14.42 28.32 -27.98
C GLY F 233 13.13 28.32 -28.77
N THR F 234 13.05 29.26 -29.71
CA THR F 234 11.87 29.43 -30.52
C THR F 234 12.15 29.12 -32.02
N SER F 235 13.19 28.33 -32.29
CA SER F 235 13.65 28.10 -33.65
C SER F 235 14.51 26.84 -33.89
N ALA F 236 14.64 26.44 -35.16
CA ALA F 236 15.38 25.21 -35.51
C ALA F 236 16.28 25.39 -36.72
N SER F 237 17.03 24.34 -37.04
CA SER F 237 18.01 24.37 -38.12
C SER F 237 18.30 23.00 -38.72
N LEU F 238 18.06 22.85 -40.02
CA LEU F 238 18.48 21.65 -40.78
C LEU F 238 19.85 21.90 -41.43
N ALA F 239 20.71 20.86 -41.45
CA ALA F 239 22.11 20.98 -41.95
C ALA F 239 22.55 19.83 -42.87
N ILE F 240 22.68 20.12 -44.17
CA ILE F 240 22.99 19.10 -45.20
C ILE F 240 24.48 19.16 -45.56
N THR F 241 25.23 18.09 -45.26
CA THR F 241 26.68 18.08 -45.49
C THR F 241 27.05 17.25 -46.74
N GLY F 242 27.42 17.94 -47.82
CA GLY F 242 27.78 17.33 -49.09
C GLY F 242 26.66 17.12 -50.08
N LEU F 243 26.31 18.17 -50.82
CA LEU F 243 25.10 18.17 -51.66
C LEU F 243 25.09 17.17 -52.82
N GLN F 244 23.95 16.49 -52.98
CA GLN F 244 23.74 15.47 -54.01
C GLN F 244 22.66 15.86 -55.02
N ALA F 245 22.65 15.12 -56.12
CA ALA F 245 21.57 15.22 -57.11
C ALA F 245 20.20 14.99 -56.44
N GLU F 246 20.14 13.99 -55.58
CA GLU F 246 18.87 13.65 -54.95
C GLU F 246 18.49 14.67 -53.87
N ASP F 247 19.39 15.59 -53.50
CA ASP F 247 19.09 16.50 -52.39
C ASP F 247 18.34 17.74 -52.85
N GLU F 248 18.22 17.94 -54.16
CA GLU F 248 17.49 19.09 -54.66
C GLU F 248 16.02 18.83 -54.46
N ALA F 249 15.41 19.60 -53.55
CA ALA F 249 14.00 19.42 -53.20
C ALA F 249 13.48 20.56 -52.30
N ASP F 250 12.16 20.61 -52.10
CA ASP F 250 11.56 21.53 -51.15
C ASP F 250 11.63 20.93 -49.72
N TYR F 251 12.21 21.69 -48.77
CA TYR F 251 12.34 21.27 -47.37
C TYR F 251 11.46 22.05 -46.41
N TYR F 252 10.57 21.30 -45.74
CA TYR F 252 9.64 21.82 -44.76
C TYR F 252 9.94 21.31 -43.34
N CYS F 253 10.08 22.24 -42.42
CA CYS F 253 10.12 21.92 -41.01
C CYS F 253 8.65 21.80 -40.56
N GLN F 254 8.39 20.94 -39.57
CA GLN F 254 7.04 20.76 -39.05
C GLN F 254 7.10 20.76 -37.53
N SER F 255 6.01 21.17 -36.89
CA SER F 255 5.94 21.23 -35.44
C SER F 255 4.47 21.35 -35.07
N TYR F 256 4.15 21.59 -33.79
CA TYR F 256 2.76 21.65 -33.33
C TYR F 256 2.49 22.92 -32.52
N ASP F 257 1.40 23.63 -32.83
CA ASP F 257 1.07 24.91 -32.16
C ASP F 257 -0.16 24.68 -31.33
N ARG F 258 -0.26 25.35 -30.17
CA ARG F 258 -1.30 24.98 -29.18
C ARG F 258 -2.74 25.31 -29.65
N SER F 259 -2.84 26.33 -30.53
CA SER F 259 -4.11 26.74 -31.13
C SER F 259 -4.25 26.29 -32.59
N LEU F 260 -3.21 26.48 -33.39
CA LEU F 260 -3.26 26.11 -34.82
C LEU F 260 -3.19 24.60 -35.00
N SER F 261 -2.77 23.89 -33.95
CA SER F 261 -2.86 22.43 -33.90
C SER F 261 -2.01 21.75 -34.95
N GLY F 262 -0.74 22.10 -35.07
CA GLY F 262 0.14 21.40 -35.98
C GLY F 262 0.42 22.24 -37.21
N VAL F 263 1.69 22.54 -37.50
CA VAL F 263 2.03 23.63 -38.42
C VAL F 263 3.32 23.34 -39.19
N PHE F 264 3.33 23.70 -40.47
CA PHE F 264 4.51 23.50 -41.29
C PHE F 264 5.20 24.81 -41.58
N GLY F 265 6.49 24.70 -41.88
CA GLY F 265 7.20 25.85 -42.41
C GLY F 265 6.67 26.21 -43.79
N THR F 266 7.10 27.38 -44.25
CA THR F 266 6.74 27.94 -45.54
C THR F 266 7.53 27.30 -46.68
N GLY F 267 8.50 26.46 -46.30
CA GLY F 267 9.29 25.71 -47.26
C GLY F 267 10.61 26.35 -47.67
N THR F 268 11.55 25.50 -48.02
CA THR F 268 12.88 25.92 -48.43
C THR F 268 13.31 25.10 -49.65
N LYS F 269 13.51 25.76 -50.78
CA LYS F 269 14.00 25.05 -51.97
C LYS F 269 15.54 25.04 -51.94
N VAL F 270 16.10 23.86 -51.67
CA VAL F 270 17.55 23.66 -51.70
C VAL F 270 17.94 23.22 -53.11
N THR F 271 18.76 24.05 -53.78
CA THR F 271 19.20 23.80 -55.16
C THR F 271 20.73 23.57 -55.25
N VAL F 272 21.13 22.56 -56.03
CA VAL F 272 22.54 22.14 -56.13
C VAL F 272 23.19 22.48 -57.47
N LEU F 273 24.32 23.20 -57.44
CA LEU F 273 24.87 23.82 -58.65
C LEU F 273 26.01 22.99 -59.27
N GLY F 274 26.77 23.62 -60.18
CA GLY F 274 27.97 23.03 -60.76
C GLY F 274 28.31 23.66 -62.11
#